data_8FM3
#
_entry.id   8FM3
#
_cell.length_a   71.464
_cell.length_b   121.718
_cell.length_c   195.183
_cell.angle_alpha   90.000
_cell.angle_beta   90.000
_cell.angle_gamma   90.000
#
_symmetry.space_group_name_H-M   'P 21 21 21'
#
loop_
_entity.id
_entity.type
_entity.pdbx_description
1 polymer 'Envelope glycoprotein gp120'
2 non-polymer 2-acetamido-2-deoxy-beta-D-glucopyranose
3 non-polymer 'propyl (2R,3S)-2-(carbamimidamidomethyl)-3-[2-(4-chloro-3-fluoroanilino)(oxo)acetamido]-6-[(methylamino)methyl]-2,3-dihydro-1H-indole-1-carboxylate'
4 water water
#
_entity_poly.entity_id   1
_entity_poly.type   'polypeptide(L)'
_entity_poly.pdbx_seq_one_letter_code
;VWKEAKTTLFCASDAKAYEKEVHNVWATHACVPTDPNPQEMVLANVTENFNMWKNDMVEQMHEDIISLWDESLKPCVKLT
GGSAITQACPKVSFDPIPLHYCAPAGFAILKCNNKTFNGTGPCRNVSTVQCTHGIKPVVSTQLLLNGSLAEEEIIIRSEN
LTNNAKTIIVHLNESVNIVCTRPNNGGSGSGGNIRQAHCNINESKWNNTLQKVGEELAKHFPSKTIKFEPSSGGDLEITT
HSFNCRGEFFYCNTSDLFNGTYRNGTYNHTGRSSNGTITLQCKIKQIINMWQEVGRAIYAPPIEGEITCNSNITGLLLLR
DGGQSNETNDTETFRPGGGDMRDNWRSELYKYKVVEIK
;
_entity_poly.pdbx_strand_id   A,C,D,B
#
loop_
_chem_comp.id
_chem_comp.type
_chem_comp.name
_chem_comp.formula
NAG D-saccharide, beta linking 2-acetamido-2-deoxy-beta-D-glucopyranose 'C8 H15 N O6'
Y26 non-polymer 'propyl (2R,3S)-2-(carbamimidamidomethyl)-3-[2-(4-chloro-3-fluoroanilino)(oxo)acetamido]-6-[(methylamino)methyl]-2,3-dihydro-1H-indole-1-carboxylate' 'C24 H29 Cl F N7 O4'
#
# COMPACT_ATOMS: atom_id res chain seq x y z
N LYS A 6 53.35 -21.24 4.52
CA LYS A 6 54.69 -21.22 5.09
C LYS A 6 55.48 -22.45 4.63
N THR A 7 54.76 -23.48 4.19
CA THR A 7 55.35 -24.72 3.67
C THR A 7 54.46 -25.19 2.53
N THR A 8 54.78 -26.36 1.97
CA THR A 8 53.97 -26.94 0.90
C THR A 8 53.04 -28.00 1.46
N LEU A 9 51.74 -27.80 1.23
CA LEU A 9 50.66 -28.66 1.71
C LEU A 9 50.52 -29.90 0.83
N PHE A 10 49.62 -30.81 1.22
CA PHE A 10 49.29 -31.94 0.36
C PHE A 10 47.77 -32.10 0.40
N CYS A 11 47.22 -32.86 -0.54
CA CYS A 11 45.78 -32.98 -0.59
C CYS A 11 45.35 -34.39 -0.25
N ALA A 12 44.21 -34.48 0.43
CA ALA A 12 43.55 -35.74 0.72
C ALA A 12 42.18 -35.70 0.08
N SER A 13 41.80 -36.77 -0.59
CA SER A 13 40.50 -36.80 -1.24
C SER A 13 39.91 -38.17 -1.06
N ASP A 14 38.65 -38.28 -1.41
CA ASP A 14 37.95 -39.54 -1.18
C ASP A 14 37.68 -40.21 -2.52
N ALA A 15 38.53 -39.90 -3.51
CA ALA A 15 38.36 -40.34 -4.87
C ALA A 15 38.57 -41.84 -5.00
N LYS A 16 38.34 -42.33 -6.21
CA LYS A 16 38.46 -43.75 -6.50
C LYS A 16 39.09 -43.86 -7.87
N ALA A 17 40.12 -44.68 -8.00
CA ALA A 17 40.75 -44.77 -9.32
C ALA A 17 39.97 -45.67 -10.29
N TYR A 18 38.78 -46.15 -9.94
CA TYR A 18 37.86 -46.68 -10.92
C TYR A 18 36.86 -45.67 -11.48
N GLU A 19 36.51 -44.59 -10.76
CA GLU A 19 35.89 -43.50 -11.49
C GLU A 19 36.81 -43.12 -12.63
N LYS A 20 36.25 -42.79 -13.79
CA LYS A 20 37.02 -41.98 -14.72
C LYS A 20 36.40 -40.60 -14.90
N GLU A 21 35.57 -40.19 -13.94
CA GLU A 21 35.40 -38.78 -13.69
C GLU A 21 36.77 -38.17 -13.44
N VAL A 22 37.02 -37.01 -14.02
CA VAL A 22 38.40 -36.54 -14.11
C VAL A 22 38.91 -35.99 -12.78
N HIS A 23 38.05 -35.39 -11.95
CA HIS A 23 38.52 -35.02 -10.63
C HIS A 23 38.99 -36.23 -9.85
N ASN A 24 38.25 -37.34 -9.95
CA ASN A 24 38.67 -38.58 -9.30
C ASN A 24 40.03 -39.03 -9.81
N VAL A 25 40.20 -39.02 -11.13
CA VAL A 25 41.46 -39.49 -11.71
C VAL A 25 42.63 -38.65 -11.22
N TRP A 26 42.50 -37.32 -11.36
CA TRP A 26 43.55 -36.43 -10.91
C TRP A 26 43.85 -36.65 -9.43
N ALA A 27 42.81 -36.79 -8.61
CA ALA A 27 43.02 -36.90 -7.17
C ALA A 27 43.71 -38.20 -6.81
N THR A 28 43.32 -39.30 -7.48
CA THR A 28 44.08 -40.53 -7.35
C THR A 28 45.56 -40.31 -7.62
N HIS A 29 45.86 -39.50 -8.64
CA HIS A 29 47.27 -39.31 -8.98
C HIS A 29 47.96 -38.41 -7.96
N ALA A 30 47.24 -37.47 -7.35
CA ALA A 30 47.85 -36.35 -6.67
C ALA A 30 47.56 -36.26 -5.19
N CYS A 31 46.52 -36.92 -4.69
CA CYS A 31 46.14 -36.80 -3.30
C CYS A 31 46.27 -38.15 -2.60
N VAL A 32 46.35 -38.09 -1.27
CA VAL A 32 46.41 -39.30 -0.46
C VAL A 32 44.99 -39.53 0.08
N PRO A 33 44.65 -40.73 0.54
CA PRO A 33 43.29 -40.93 1.06
C PRO A 33 43.05 -40.14 2.34
N THR A 34 41.79 -39.79 2.57
CA THR A 34 41.41 -39.07 3.77
C THR A 34 41.44 -39.96 5.01
N ASP A 35 41.94 -39.37 6.12
CA ASP A 35 41.93 -40.01 7.44
C ASP A 35 40.46 -40.33 7.75
N PRO A 36 40.12 -41.59 8.07
CA PRO A 36 38.72 -41.90 8.41
C PRO A 36 38.19 -41.05 9.54
N ASN A 37 38.98 -40.83 10.59
CA ASN A 37 38.53 -39.93 11.64
C ASN A 37 39.65 -39.02 12.08
N PRO A 38 39.51 -37.74 11.81
CA PRO A 38 40.61 -36.81 11.98
C PRO A 38 40.66 -36.21 13.37
N GLN A 39 41.82 -35.66 13.68
CA GLN A 39 42.09 -35.08 14.99
C GLN A 39 41.76 -33.58 15.00
N GLU A 40 41.08 -33.12 16.04
CA GLU A 40 40.89 -31.69 16.22
C GLU A 40 41.14 -31.28 17.67
N MET A 41 41.80 -30.13 17.83
CA MET A 41 42.38 -29.62 19.06
C MET A 41 41.77 -28.24 19.29
N VAL A 42 40.76 -28.11 20.18
CA VAL A 42 40.16 -26.79 20.42
C VAL A 42 41.08 -25.99 21.35
N LEU A 43 41.03 -24.65 21.23
CA LEU A 43 41.84 -23.75 22.05
C LEU A 43 41.21 -22.36 22.22
N ALA A 44 40.11 -22.24 22.96
CA ALA A 44 39.31 -21.01 22.99
C ALA A 44 39.97 -19.84 23.74
N ASN A 45 41.13 -20.05 24.37
CA ASN A 45 41.87 -18.95 24.97
C ASN A 45 42.80 -18.25 23.97
N VAL A 46 43.19 -18.95 22.90
CA VAL A 46 44.40 -18.60 22.14
C VAL A 46 44.28 -17.21 21.51
N THR A 47 43.25 -16.99 20.70
CA THR A 47 43.13 -15.78 19.87
C THR A 47 44.31 -15.63 18.91
N GLU A 48 44.06 -15.88 17.62
CA GLU A 48 45.08 -15.73 16.58
C GLU A 48 44.55 -14.81 15.49
N ASN A 49 45.47 -14.23 14.72
CA ASN A 49 45.09 -13.39 13.60
C ASN A 49 45.08 -14.18 12.30
N PHE A 50 44.04 -13.97 11.51
CA PHE A 50 43.98 -14.52 10.17
C PHE A 50 43.86 -13.36 9.17
N ASN A 51 44.23 -13.64 7.92
CA ASN A 51 43.92 -12.73 6.82
C ASN A 51 43.66 -13.55 5.56
N MET A 52 42.38 -13.80 5.29
CA MET A 52 42.00 -14.60 4.13
C MET A 52 42.51 -14.03 2.82
N TRP A 53 42.86 -12.76 2.77
CA TRP A 53 43.21 -12.13 1.50
C TRP A 53 44.67 -12.28 1.17
N LYS A 54 45.41 -13.04 1.96
CA LYS A 54 46.86 -13.01 2.02
C LYS A 54 47.24 -14.34 2.68
N ASN A 55 46.79 -15.40 2.00
CA ASN A 55 46.79 -16.76 2.52
C ASN A 55 47.40 -17.69 1.48
N ASP A 56 48.57 -18.22 1.80
CA ASP A 56 49.32 -19.04 0.85
C ASP A 56 48.58 -20.30 0.45
N MET A 57 47.66 -20.81 1.31
CA MET A 57 46.87 -21.97 0.90
C MET A 57 46.05 -21.67 -0.36
N VAL A 58 45.59 -20.44 -0.52
CA VAL A 58 44.88 -20.08 -1.74
C VAL A 58 45.77 -20.31 -2.95
N GLU A 59 47.05 -19.91 -2.86
CA GLU A 59 47.93 -20.05 -4.01
C GLU A 59 48.21 -21.50 -4.31
N GLN A 60 48.45 -22.31 -3.26
CA GLN A 60 48.70 -23.72 -3.47
C GLN A 60 47.51 -24.37 -4.16
N MET A 61 46.31 -24.10 -3.66
CA MET A 61 45.13 -24.72 -4.23
C MET A 61 44.86 -24.23 -5.65
N HIS A 62 45.10 -22.94 -5.89
CA HIS A 62 44.96 -22.41 -7.24
C HIS A 62 45.85 -23.18 -8.20
N GLU A 63 47.10 -23.38 -7.80
CA GLU A 63 48.03 -24.17 -8.61
C GLU A 63 47.47 -25.56 -8.86
N ASP A 64 46.93 -26.20 -7.81
CA ASP A 64 46.43 -27.55 -7.97
C ASP A 64 45.28 -27.59 -8.97
N ILE A 65 44.33 -26.66 -8.86
CA ILE A 65 43.17 -26.71 -9.73
C ILE A 65 43.58 -26.41 -11.17
N ILE A 66 44.54 -25.51 -11.36
CA ILE A 66 45.08 -25.31 -12.70
C ILE A 66 45.62 -26.61 -13.26
N SER A 67 46.38 -27.34 -12.44
CA SER A 67 46.91 -28.61 -12.91
C SER A 67 45.78 -29.58 -13.23
N LEU A 68 44.75 -29.57 -12.39
CA LEU A 68 43.62 -30.48 -12.57
C LEU A 68 42.96 -30.22 -13.91
N TRP A 69 42.69 -28.94 -14.21
CA TRP A 69 42.01 -28.58 -15.45
C TRP A 69 42.89 -28.85 -16.65
N ASP A 70 44.20 -28.61 -16.53
CA ASP A 70 45.08 -28.88 -17.66
C ASP A 70 45.10 -30.37 -17.98
N GLU A 71 45.11 -31.20 -16.95
CA GLU A 71 45.07 -32.63 -17.18
C GLU A 71 43.71 -33.14 -17.62
N SER A 72 42.64 -32.46 -17.26
CA SER A 72 41.30 -33.02 -17.43
C SER A 72 40.49 -32.37 -18.54
N LEU A 73 40.52 -31.04 -18.67
CA LEU A 73 39.77 -30.30 -19.70
C LEU A 73 40.77 -29.65 -20.66
N LYS A 74 41.43 -30.47 -21.41
CA LYS A 74 42.27 -30.10 -22.53
C LYS A 74 41.41 -29.41 -23.59
N PRO A 75 41.75 -28.19 -23.97
CA PRO A 75 41.09 -27.56 -25.13
C PRO A 75 41.62 -28.16 -26.41
N CYS A 76 40.78 -28.15 -27.45
CA CYS A 76 41.29 -28.48 -28.77
C CYS A 76 42.38 -27.51 -29.17
N VAL A 77 42.17 -26.22 -28.94
CA VAL A 77 43.19 -25.24 -29.24
C VAL A 77 43.38 -24.36 -28.02
N LYS A 78 44.61 -23.94 -27.75
CA LYS A 78 44.88 -22.96 -26.71
C LYS A 78 45.73 -21.86 -27.33
N LEU A 79 45.26 -20.62 -27.28
CA LEU A 79 46.00 -19.49 -27.80
C LEU A 79 46.55 -18.72 -26.63
N THR A 80 47.87 -18.58 -26.56
CA THR A 80 48.50 -17.84 -25.47
C THR A 80 49.56 -16.95 -26.07
N GLY A 81 49.40 -15.64 -25.92
CA GLY A 81 50.31 -14.75 -26.61
C GLY A 81 50.18 -15.00 -28.11
N GLY A 82 51.30 -15.31 -28.75
CA GLY A 82 51.28 -15.55 -30.17
C GLY A 82 51.07 -17.02 -30.47
N SER A 83 51.32 -17.85 -29.46
CA SER A 83 51.39 -19.29 -29.61
C SER A 83 50.00 -19.91 -29.68
N ALA A 84 49.90 -21.02 -30.41
CA ALA A 84 48.69 -21.84 -30.42
C ALA A 84 49.07 -23.31 -30.26
N ILE A 85 48.37 -23.99 -29.38
CA ILE A 85 48.71 -25.35 -28.98
C ILE A 85 47.49 -26.22 -29.27
N THR A 86 47.69 -27.32 -30.00
CA THR A 86 46.57 -28.15 -30.42
C THR A 86 46.69 -29.49 -29.72
N GLN A 87 45.57 -30.05 -29.27
CA GLN A 87 45.64 -31.40 -28.71
C GLN A 87 44.28 -32.03 -28.72
N ALA A 88 44.27 -33.34 -28.53
CA ALA A 88 43.03 -34.09 -28.39
C ALA A 88 42.16 -33.45 -27.32
N CYS A 89 40.89 -33.20 -27.65
CA CYS A 89 39.93 -32.61 -26.71
C CYS A 89 38.70 -33.50 -26.56
N PRO A 90 38.87 -34.71 -26.01
CA PRO A 90 37.72 -35.59 -25.85
C PRO A 90 36.73 -35.02 -24.85
N LYS A 91 35.46 -35.34 -25.05
CA LYS A 91 34.47 -35.14 -24.01
C LYS A 91 34.77 -36.06 -22.84
N VAL A 92 34.49 -35.59 -21.62
CA VAL A 92 34.85 -36.34 -20.42
C VAL A 92 33.70 -36.23 -19.44
N SER A 93 33.74 -37.06 -18.41
CA SER A 93 32.79 -36.92 -17.32
C SER A 93 33.44 -36.05 -16.26
N PHE A 94 32.70 -35.04 -15.80
CA PHE A 94 33.26 -33.93 -15.06
C PHE A 94 32.27 -33.54 -13.98
N ASP A 95 32.57 -33.89 -12.73
CA ASP A 95 31.74 -33.53 -11.58
C ASP A 95 32.67 -33.31 -10.39
N PRO A 96 32.83 -32.07 -9.92
CA PRO A 96 33.86 -31.80 -8.92
C PRO A 96 33.62 -32.60 -7.65
N ILE A 97 34.72 -33.04 -7.05
CA ILE A 97 34.71 -33.80 -5.80
C ILE A 97 35.41 -32.93 -4.76
N PRO A 98 35.14 -33.17 -3.47
CA PRO A 98 35.82 -32.36 -2.44
C PRO A 98 37.29 -32.71 -2.32
N LEU A 99 38.10 -31.69 -2.05
CA LEU A 99 39.52 -31.85 -1.78
C LEU A 99 39.82 -31.29 -0.40
N HIS A 100 40.63 -32.00 0.35
CA HIS A 100 41.09 -31.57 1.66
C HIS A 100 42.54 -31.14 1.53
N TYR A 101 42.89 -30.03 2.17
CA TYR A 101 44.27 -29.57 2.18
C TYR A 101 44.86 -29.79 3.56
N CYS A 102 46.04 -30.40 3.59
CA CYS A 102 46.61 -30.98 4.79
C CYS A 102 48.02 -30.47 5.00
N ALA A 103 48.32 -30.18 6.27
CA ALA A 103 49.64 -29.71 6.66
C ALA A 103 50.58 -30.90 6.78
N PRO A 104 51.79 -30.82 6.24
CA PRO A 104 52.72 -31.94 6.33
C PRO A 104 53.27 -32.04 7.74
N ALA A 105 53.99 -33.14 7.99
CA ALA A 105 54.53 -33.42 9.32
C ALA A 105 55.28 -32.21 9.88
N GLY A 106 54.90 -31.78 11.09
CA GLY A 106 55.57 -30.69 11.76
C GLY A 106 54.95 -29.32 11.55
N PHE A 107 53.86 -29.25 10.76
CA PHE A 107 53.03 -28.05 10.61
C PHE A 107 51.61 -28.41 11.02
N ALA A 108 50.82 -27.38 11.29
CA ALA A 108 49.42 -27.65 11.57
C ALA A 108 48.59 -26.63 10.83
N ILE A 109 47.28 -26.83 10.83
CA ILE A 109 46.35 -25.87 10.26
C ILE A 109 45.45 -25.39 11.38
N LEU A 110 45.56 -24.12 11.73
CA LEU A 110 44.60 -23.47 12.61
C LEU A 110 43.32 -23.17 11.86
N LYS A 111 42.22 -23.63 12.42
CA LYS A 111 40.92 -23.17 12.00
C LYS A 111 40.37 -22.16 13.01
N CYS A 112 39.84 -21.06 12.51
CA CYS A 112 39.13 -20.12 13.37
C CYS A 112 37.69 -20.60 13.55
N ASN A 113 37.22 -20.78 14.80
CA ASN A 113 35.88 -21.33 14.92
C ASN A 113 34.83 -20.28 15.21
N ASN A 114 35.17 -18.98 15.22
CA ASN A 114 34.15 -17.96 15.39
C ASN A 114 33.20 -18.00 14.18
N LYS A 115 31.91 -18.30 14.43
CA LYS A 115 30.98 -18.44 13.31
C LYS A 115 30.74 -17.14 12.53
N THR A 116 31.13 -15.98 13.07
CA THR A 116 30.90 -14.71 12.40
C THR A 116 32.18 -14.06 11.91
N PHE A 117 33.32 -14.71 12.08
CA PHE A 117 34.60 -14.23 11.55
C PHE A 117 34.46 -13.72 10.13
N ASN A 118 34.88 -12.48 9.90
CA ASN A 118 34.77 -11.95 8.55
C ASN A 118 35.98 -12.29 7.68
N GLY A 119 36.94 -13.03 8.23
CA GLY A 119 38.09 -13.49 7.48
C GLY A 119 39.34 -12.68 7.71
N THR A 120 39.25 -11.62 8.50
CA THR A 120 40.34 -10.69 8.72
C THR A 120 40.43 -10.37 10.21
N GLY A 121 41.66 -10.27 10.72
CA GLY A 121 41.86 -9.79 12.07
C GLY A 121 41.96 -10.91 13.09
N PRO A 122 41.70 -10.60 14.35
CA PRO A 122 41.81 -11.61 15.41
C PRO A 122 40.54 -12.43 15.59
N CYS A 123 40.74 -13.66 16.03
CA CYS A 123 39.69 -14.65 16.23
C CYS A 123 40.00 -15.40 17.51
N ARG A 124 39.05 -15.47 18.45
CA ARG A 124 39.36 -16.01 19.78
C ARG A 124 39.28 -17.55 19.84
N ASN A 125 38.19 -18.15 19.36
CA ASN A 125 38.06 -19.61 19.44
C ASN A 125 38.79 -20.22 18.25
N VAL A 126 39.94 -20.86 18.50
CA VAL A 126 40.80 -21.41 17.45
C VAL A 126 40.99 -22.91 17.68
N SER A 127 41.15 -23.65 16.59
CA SER A 127 41.41 -25.08 16.64
C SER A 127 42.67 -25.41 15.85
N THR A 128 43.24 -26.57 16.17
CA THR A 128 44.29 -27.18 15.37
C THR A 128 43.78 -28.45 14.71
N VAL A 129 44.08 -28.58 13.42
CA VAL A 129 43.65 -29.72 12.61
C VAL A 129 44.79 -30.10 11.67
N GLN A 130 44.81 -31.37 11.25
CA GLN A 130 45.61 -31.78 10.09
C GLN A 130 45.14 -31.13 8.79
N CYS A 131 43.85 -31.24 8.48
CA CYS A 131 43.39 -30.89 7.15
C CYS A 131 42.18 -29.98 7.21
N THR A 132 41.98 -29.23 6.13
CA THR A 132 40.76 -28.46 5.96
C THR A 132 39.60 -29.41 5.74
N HIS A 133 38.39 -28.86 5.75
CA HIS A 133 37.24 -29.63 5.32
C HIS A 133 37.35 -29.93 3.82
N GLY A 134 36.39 -30.67 3.29
CA GLY A 134 36.43 -31.01 1.88
C GLY A 134 35.92 -29.83 1.08
N ILE A 135 36.72 -29.36 0.13
CA ILE A 135 36.35 -28.20 -0.67
C ILE A 135 36.19 -28.64 -2.12
N LYS A 136 35.01 -28.43 -2.69
CA LYS A 136 34.82 -28.71 -4.11
C LYS A 136 35.40 -27.56 -4.92
N PRO A 137 36.35 -27.81 -5.82
CA PRO A 137 36.95 -26.71 -6.61
C PRO A 137 36.06 -26.27 -7.76
N VAL A 138 35.04 -25.47 -7.46
CA VAL A 138 34.03 -25.09 -8.45
C VAL A 138 34.43 -23.77 -9.12
N VAL A 139 34.76 -23.83 -10.40
CA VAL A 139 35.16 -22.65 -11.15
C VAL A 139 33.89 -21.93 -11.62
N SER A 140 33.76 -20.66 -11.29
CA SER A 140 32.60 -19.90 -11.75
C SER A 140 32.80 -18.42 -11.49
N THR A 141 31.89 -17.60 -12.04
CA THR A 141 31.84 -16.17 -11.77
C THR A 141 30.48 -15.81 -11.19
N GLN A 142 30.42 -14.60 -10.63
CA GLN A 142 29.20 -13.99 -10.10
C GLN A 142 28.60 -14.76 -8.93
N LEU A 143 28.26 -16.03 -9.11
CA LEU A 143 27.70 -16.82 -8.03
C LEU A 143 28.68 -17.90 -7.63
N LEU A 144 28.85 -18.09 -6.32
CA LEU A 144 29.64 -19.20 -5.80
C LEU A 144 28.71 -20.39 -5.58
N LEU A 145 29.08 -21.53 -6.15
CA LEU A 145 28.22 -22.70 -6.22
C LEU A 145 28.78 -23.81 -5.35
N ASN A 146 27.88 -24.51 -4.65
CA ASN A 146 28.22 -25.76 -3.99
C ASN A 146 29.29 -25.59 -2.90
N GLY A 147 29.33 -24.45 -2.24
CA GLY A 147 30.23 -24.23 -1.13
C GLY A 147 29.56 -24.65 0.17
N SER A 148 30.12 -24.18 1.28
CA SER A 148 29.54 -24.45 2.59
C SER A 148 29.02 -23.16 3.14
N LEU A 149 27.78 -23.17 3.62
CA LEU A 149 27.17 -21.92 4.03
C LEU A 149 27.72 -21.43 5.38
N ALA A 150 27.52 -20.14 5.64
CA ALA A 150 27.80 -19.56 6.94
C ALA A 150 26.83 -20.11 7.98
N GLU A 151 27.29 -20.30 9.22
CA GLU A 151 26.49 -21.06 10.19
C GLU A 151 25.43 -20.19 10.88
N GLU A 152 25.74 -18.89 11.07
CA GLU A 152 24.82 -17.98 11.72
C GLU A 152 24.34 -16.98 10.69
N GLU A 153 24.79 -15.74 10.71
CA GLU A 153 24.39 -14.70 9.78
C GLU A 153 25.22 -14.68 8.51
N ILE A 154 24.62 -14.12 7.47
CA ILE A 154 25.33 -13.81 6.22
C ILE A 154 26.57 -13.01 6.56
N ILE A 155 27.73 -13.43 6.04
CA ILE A 155 28.98 -12.73 6.31
C ILE A 155 29.38 -11.96 5.06
N ILE A 156 29.96 -10.77 5.28
CA ILE A 156 30.46 -9.89 4.21
C ILE A 156 31.97 -9.88 4.33
N ARG A 157 32.67 -10.29 3.29
CA ARG A 157 34.12 -10.27 3.34
C ARG A 157 34.68 -9.38 2.26
N SER A 158 35.70 -8.62 2.60
CA SER A 158 36.40 -7.84 1.59
C SER A 158 37.76 -7.47 2.14
N GLU A 159 38.74 -7.40 1.23
CA GLU A 159 40.07 -6.95 1.64
C GLU A 159 39.96 -5.55 2.19
N ASN A 160 39.04 -4.75 1.63
CA ASN A 160 38.89 -3.34 1.96
C ASN A 160 37.58 -2.77 1.42
N LEU A 161 36.52 -2.77 2.23
CA LEU A 161 35.23 -2.32 1.75
C LEU A 161 35.25 -0.89 1.25
N THR A 162 36.17 -0.05 1.73
CA THR A 162 36.18 1.32 1.23
C THR A 162 36.73 1.39 -0.18
N ASN A 163 37.67 0.51 -0.52
CA ASN A 163 38.23 0.45 -1.87
C ASN A 163 37.25 -0.32 -2.74
N ASN A 164 36.48 0.40 -3.57
CA ASN A 164 35.49 -0.26 -4.42
C ASN A 164 36.12 -1.15 -5.49
N ALA A 165 37.43 -1.11 -5.69
CA ALA A 165 38.05 -2.02 -6.64
C ALA A 165 38.27 -3.43 -6.09
N LYS A 166 38.12 -3.64 -4.77
CA LYS A 166 38.32 -4.95 -4.16
C LYS A 166 37.03 -5.76 -4.17
N THR A 167 37.12 -6.99 -4.65
CA THR A 167 35.98 -7.87 -4.72
C THR A 167 35.35 -8.08 -3.34
N ILE A 168 34.02 -8.09 -3.29
CA ILE A 168 33.28 -8.43 -2.07
C ILE A 168 32.78 -9.87 -2.17
N ILE A 169 33.06 -10.69 -1.17
CA ILE A 169 32.51 -12.04 -1.09
C ILE A 169 31.37 -12.03 -0.10
N VAL A 170 30.18 -12.43 -0.52
CA VAL A 170 29.02 -12.53 0.34
C VAL A 170 28.82 -14.01 0.64
N HIS A 171 28.96 -14.39 1.91
CA HIS A 171 28.81 -15.76 2.37
C HIS A 171 27.40 -15.95 2.91
N LEU A 172 26.59 -16.72 2.19
CA LEU A 172 25.18 -16.92 2.51
C LEU A 172 25.03 -17.93 3.66
N ASN A 173 23.95 -17.78 4.45
CA ASN A 173 23.66 -18.80 5.47
C ASN A 173 22.59 -19.78 5.02
N GLU A 174 21.84 -19.44 3.98
CA GLU A 174 20.79 -20.27 3.40
C GLU A 174 21.08 -20.41 1.91
N SER A 175 21.22 -21.65 1.43
CA SER A 175 21.56 -21.78 0.02
C SER A 175 20.32 -21.54 -0.85
N VAL A 176 20.55 -21.15 -2.11
CA VAL A 176 19.49 -20.85 -3.07
C VAL A 176 19.68 -21.75 -4.28
N ASN A 177 18.69 -22.60 -4.54
CA ASN A 177 18.81 -23.54 -5.66
C ASN A 177 18.92 -22.80 -6.98
N ILE A 178 19.77 -23.31 -7.87
CA ILE A 178 19.80 -22.84 -9.26
C ILE A 178 19.89 -24.08 -10.13
N VAL A 179 19.00 -24.17 -11.11
CA VAL A 179 18.93 -25.37 -11.96
C VAL A 179 19.17 -24.95 -13.39
N CYS A 180 20.26 -25.42 -13.98
CA CYS A 180 20.60 -25.04 -15.34
C CYS A 180 20.53 -26.26 -16.23
N THR A 181 20.01 -26.06 -17.45
CA THR A 181 19.74 -27.17 -18.33
C THR A 181 19.83 -26.70 -19.78
N ARG A 182 20.55 -27.51 -20.57
CA ARG A 182 20.40 -27.54 -22.02
C ARG A 182 19.53 -28.75 -22.33
N PRO A 183 18.28 -28.56 -22.70
CA PRO A 183 17.39 -29.70 -22.88
C PRO A 183 17.81 -30.51 -24.09
N ASN A 184 17.12 -31.63 -24.28
CA ASN A 184 17.41 -32.56 -25.37
C ASN A 184 16.84 -32.17 -26.72
N ASN A 193 18.25 -24.83 -31.13
CA ASN A 193 19.69 -24.52 -31.06
C ASN A 193 20.43 -25.32 -30.00
N ILE A 194 21.49 -26.00 -30.44
CA ILE A 194 22.28 -26.86 -29.58
C ILE A 194 22.93 -26.06 -28.44
N ARG A 195 23.24 -24.76 -28.69
CA ARG A 195 23.89 -23.96 -27.66
C ARG A 195 22.95 -23.36 -26.63
N GLN A 196 21.64 -23.46 -26.78
CA GLN A 196 20.77 -22.62 -25.98
C GLN A 196 20.37 -23.37 -24.72
N ALA A 197 20.31 -22.67 -23.59
CA ALA A 197 20.01 -23.32 -22.32
C ALA A 197 19.42 -22.28 -21.37
N HIS A 198 19.04 -22.72 -20.18
CA HIS A 198 18.42 -21.79 -19.26
C HIS A 198 18.58 -22.29 -17.83
N CYS A 199 18.57 -21.35 -16.89
CA CYS A 199 18.58 -21.65 -15.46
C CYS A 199 17.32 -21.11 -14.82
N ASN A 200 16.87 -21.82 -13.78
CA ASN A 200 15.68 -21.45 -13.02
C ASN A 200 16.06 -21.26 -11.57
N ILE A 201 15.65 -20.12 -11.02
CA ILE A 201 15.78 -19.81 -9.60
C ILE A 201 14.41 -19.42 -9.08
N ASN A 202 14.03 -19.99 -7.93
CA ASN A 202 12.77 -19.64 -7.28
C ASN A 202 12.85 -18.17 -6.87
N GLU A 203 12.09 -17.29 -7.54
CA GLU A 203 12.16 -15.87 -7.19
C GLU A 203 11.90 -15.63 -5.70
N SER A 204 11.30 -16.59 -5.02
CA SER A 204 10.96 -16.35 -3.62
C SER A 204 12.19 -16.35 -2.74
N LYS A 205 13.01 -17.41 -2.81
CA LYS A 205 14.24 -17.46 -2.05
C LYS A 205 15.23 -16.41 -2.50
N TRP A 206 15.30 -16.16 -3.80
CA TRP A 206 16.17 -15.08 -4.27
C TRP A 206 15.74 -13.76 -3.66
N ASN A 207 14.44 -13.55 -3.57
CA ASN A 207 13.91 -12.33 -2.99
C ASN A 207 14.36 -12.19 -1.54
N ASN A 208 14.13 -13.25 -0.75
CA ASN A 208 14.52 -13.25 0.65
C ASN A 208 16.01 -12.99 0.82
N THR A 209 16.83 -13.76 0.11
CA THR A 209 18.26 -13.67 0.32
C THR A 209 18.76 -12.29 -0.08
N LEU A 210 18.22 -11.70 -1.14
CA LEU A 210 18.70 -10.35 -1.42
C LEU A 210 18.20 -9.36 -0.37
N GLN A 211 17.02 -9.60 0.22
CA GLN A 211 16.60 -8.77 1.35
C GLN A 211 17.69 -8.76 2.41
N LYS A 212 18.15 -9.96 2.78
CA LYS A 212 19.08 -10.01 3.91
C LYS A 212 20.49 -9.59 3.53
N VAL A 213 20.90 -9.81 2.29
CA VAL A 213 22.18 -9.28 1.85
C VAL A 213 22.14 -7.76 1.90
N GLY A 214 21.02 -7.17 1.47
CA GLY A 214 20.87 -5.73 1.58
C GLY A 214 20.94 -5.25 3.02
N GLU A 215 20.33 -5.99 3.95
CA GLU A 215 20.46 -5.63 5.35
C GLU A 215 21.93 -5.53 5.76
N GLU A 216 22.71 -6.58 5.48
CA GLU A 216 24.11 -6.61 5.92
C GLU A 216 24.94 -5.53 5.24
N LEU A 217 24.75 -5.37 3.94
CA LEU A 217 25.43 -4.28 3.23
C LEU A 217 25.07 -2.94 3.85
N ALA A 218 23.83 -2.79 4.33
CA ALA A 218 23.41 -1.51 4.91
C ALA A 218 24.16 -1.24 6.21
N LYS A 219 24.26 -2.25 7.07
CA LYS A 219 25.18 -2.13 8.20
C LYS A 219 26.51 -1.57 7.77
N HIS A 220 27.04 -2.01 6.62
CA HIS A 220 28.35 -1.44 6.27
C HIS A 220 28.29 -0.10 5.54
N PHE A 221 27.18 0.27 4.90
CA PHE A 221 27.03 1.59 4.28
C PHE A 221 25.68 2.14 4.71
N PRO A 222 25.62 2.86 5.84
CA PRO A 222 24.33 3.07 6.50
C PRO A 222 23.46 4.19 5.94
N SER A 223 24.04 5.32 5.54
CA SER A 223 23.18 6.38 5.03
C SER A 223 22.59 6.06 3.66
N LYS A 224 23.06 5.03 2.97
CA LYS A 224 22.84 4.94 1.54
C LYS A 224 21.74 3.94 1.22
N THR A 225 21.14 4.10 0.04
CA THR A 225 20.18 3.14 -0.47
C THR A 225 20.99 2.07 -1.25
N ILE A 226 20.55 0.82 -1.23
CA ILE A 226 21.42 -0.25 -1.72
C ILE A 226 20.81 -0.86 -2.97
N LYS A 227 21.45 -0.67 -4.12
CA LYS A 227 20.92 -1.19 -5.38
C LYS A 227 21.76 -2.35 -5.89
N PHE A 228 21.07 -3.31 -6.51
CA PHE A 228 21.72 -4.41 -7.22
C PHE A 228 21.42 -4.28 -8.70
N GLU A 229 22.46 -4.41 -9.52
CA GLU A 229 22.42 -4.14 -10.95
C GLU A 229 23.32 -5.11 -11.70
N PRO A 230 23.03 -5.36 -12.97
CA PRO A 230 23.80 -6.33 -13.73
C PRO A 230 25.21 -5.84 -13.94
N SER A 231 26.09 -6.78 -14.23
CA SER A 231 27.48 -6.43 -14.48
C SER A 231 27.57 -5.48 -15.67
N SER A 232 28.29 -4.38 -15.46
CA SER A 232 28.50 -3.37 -16.50
C SER A 232 29.18 -3.98 -17.72
N GLY A 233 30.49 -4.13 -17.72
CA GLY A 233 31.15 -4.59 -18.93
C GLY A 233 32.28 -5.56 -18.68
N GLY A 234 32.87 -6.03 -19.79
CA GLY A 234 34.00 -6.94 -19.75
C GLY A 234 33.74 -8.16 -20.59
N ASP A 235 34.62 -9.15 -20.45
CA ASP A 235 34.43 -10.40 -21.16
C ASP A 235 33.14 -11.09 -20.73
N LEU A 236 32.57 -11.86 -21.64
CA LEU A 236 31.35 -12.60 -21.34
C LEU A 236 31.49 -13.41 -20.06
N GLU A 237 32.70 -13.90 -19.77
CA GLU A 237 32.86 -14.79 -18.63
C GLU A 237 32.52 -14.10 -17.31
N ILE A 238 32.68 -12.78 -17.24
CA ILE A 238 32.38 -12.05 -16.02
C ILE A 238 31.11 -11.22 -16.11
N THR A 239 30.66 -10.85 -17.32
CA THR A 239 29.39 -10.15 -17.40
C THR A 239 28.22 -11.11 -17.33
N THR A 240 28.48 -12.41 -17.38
CA THR A 240 27.45 -13.40 -17.14
C THR A 240 27.93 -14.33 -16.03
N HIS A 241 26.98 -15.07 -15.46
CA HIS A 241 27.33 -16.14 -14.54
C HIS A 241 27.81 -17.32 -15.39
N SER A 242 29.11 -17.58 -15.37
CA SER A 242 29.67 -18.61 -16.22
C SER A 242 30.23 -19.73 -15.35
N PHE A 243 30.17 -20.95 -15.88
CA PHE A 243 30.55 -22.10 -15.07
C PHE A 243 30.61 -23.32 -15.98
N ASN A 244 31.24 -24.39 -15.47
CA ASN A 244 31.31 -25.62 -16.23
C ASN A 244 30.30 -26.62 -15.67
N CYS A 245 29.49 -27.19 -16.56
CA CYS A 245 28.48 -28.16 -16.18
C CYS A 245 28.70 -29.41 -17.04
N ARG A 246 29.14 -30.47 -16.38
CA ARG A 246 29.36 -31.78 -16.99
C ARG A 246 30.20 -31.64 -18.26
N GLY A 247 31.18 -30.73 -18.21
CA GLY A 247 32.13 -30.56 -19.29
C GLY A 247 31.91 -29.32 -20.13
N GLU A 248 30.68 -28.81 -20.15
CA GLU A 248 30.33 -27.75 -21.09
C GLU A 248 30.33 -26.40 -20.39
N PHE A 249 30.74 -25.36 -21.11
CA PHE A 249 30.88 -24.03 -20.53
C PHE A 249 29.59 -23.25 -20.75
N PHE A 250 28.85 -23.03 -19.67
CA PHE A 250 27.62 -22.25 -19.67
C PHE A 250 27.92 -20.79 -19.35
N TYR A 251 27.27 -19.90 -20.10
CA TYR A 251 27.27 -18.47 -19.84
C TYR A 251 25.82 -18.07 -19.67
N CYS A 252 25.42 -17.65 -18.47
CA CYS A 252 24.03 -17.38 -18.16
C CYS A 252 23.83 -15.92 -17.78
N ASN A 253 22.87 -15.28 -18.43
CA ASN A 253 22.60 -13.86 -18.25
C ASN A 253 21.96 -13.62 -16.89
N THR A 254 22.53 -12.72 -16.09
CA THR A 254 22.03 -12.49 -14.73
C THR A 254 21.32 -11.15 -14.57
N SER A 255 20.92 -10.52 -15.68
CA SER A 255 20.37 -9.18 -15.56
C SER A 255 18.96 -9.18 -14.97
N ASP A 256 18.27 -10.32 -14.95
CA ASP A 256 17.05 -10.41 -14.18
C ASP A 256 17.30 -10.87 -12.76
N LEU A 257 18.54 -11.09 -12.39
CA LEU A 257 18.91 -11.59 -11.08
C LEU A 257 19.49 -10.49 -10.19
N PHE A 258 20.50 -9.77 -10.68
CA PHE A 258 21.07 -8.63 -9.98
C PHE A 258 20.35 -7.38 -10.49
N ASN A 259 19.17 -7.14 -9.91
CA ASN A 259 18.21 -6.19 -10.44
C ASN A 259 17.19 -5.91 -9.35
N GLY A 260 17.52 -4.99 -8.44
CA GLY A 260 16.65 -4.78 -7.30
C GLY A 260 17.15 -3.60 -6.49
N THR A 261 16.33 -3.20 -5.52
CA THR A 261 16.63 -2.06 -4.66
C THR A 261 16.20 -2.35 -3.24
N TYR A 262 17.09 -2.08 -2.29
CA TYR A 262 16.84 -2.17 -0.86
C TYR A 262 16.85 -0.75 -0.31
N ARG A 263 15.67 -0.26 0.07
CA ARG A 263 15.45 1.16 0.34
C ARG A 263 15.40 1.47 1.83
N ASN A 264 14.28 1.15 2.45
CA ASN A 264 14.05 1.54 3.84
C ASN A 264 13.81 0.27 4.64
N GLY A 265 14.87 -0.51 4.82
CA GLY A 265 14.75 -1.80 5.46
C GLY A 265 13.99 -2.84 4.66
N THR A 266 13.66 -2.55 3.40
CA THR A 266 12.87 -3.42 2.53
C THR A 266 13.45 -3.55 1.13
N TYR A 267 13.46 -4.78 0.61
CA TYR A 267 13.98 -5.11 -0.71
C TYR A 267 12.85 -5.28 -1.72
N ASN A 268 12.98 -4.60 -2.85
CA ASN A 268 12.13 -4.70 -4.04
C ASN A 268 12.91 -5.31 -5.19
N HIS A 269 12.38 -6.37 -5.80
CA HIS A 269 13.04 -6.96 -6.94
C HIS A 269 12.56 -6.32 -8.24
N THR A 270 13.52 -5.91 -9.07
CA THR A 270 13.26 -5.22 -10.33
C THR A 270 13.41 -6.12 -11.55
N GLY A 271 14.14 -7.23 -11.45
CA GLY A 271 14.23 -8.15 -12.57
C GLY A 271 12.87 -8.76 -12.87
N ARG A 272 12.76 -9.41 -14.02
CA ARG A 272 11.46 -9.90 -14.43
C ARG A 272 11.38 -11.38 -14.08
N SER A 273 10.24 -11.82 -13.57
CA SER A 273 10.03 -13.23 -13.29
C SER A 273 8.67 -13.64 -13.84
N SER A 274 8.45 -14.96 -13.89
CA SER A 274 7.24 -15.53 -14.46
C SER A 274 6.85 -16.74 -13.64
N ASN A 275 5.60 -16.81 -13.20
CA ASN A 275 5.13 -17.91 -12.35
C ASN A 275 6.01 -18.03 -11.10
N GLY A 276 6.60 -16.92 -10.67
CA GLY A 276 7.41 -16.91 -9.48
C GLY A 276 8.76 -17.59 -9.61
N THR A 277 9.32 -17.68 -10.82
CA THR A 277 10.69 -18.12 -11.00
C THR A 277 11.38 -17.16 -11.96
N ILE A 278 12.64 -16.83 -11.65
CA ILE A 278 13.51 -16.13 -12.59
C ILE A 278 14.16 -17.17 -13.47
N THR A 279 14.24 -16.87 -14.76
CA THR A 279 14.84 -17.78 -15.73
C THR A 279 15.92 -17.04 -16.49
N LEU A 280 17.16 -17.48 -16.31
CA LEU A 280 18.31 -16.93 -17.01
C LEU A 280 18.51 -17.63 -18.33
N GLN A 281 18.63 -16.85 -19.40
CA GLN A 281 19.02 -17.36 -20.70
C GLN A 281 20.52 -17.64 -20.70
N CYS A 282 20.91 -18.84 -21.13
CA CYS A 282 22.30 -19.27 -21.20
C CYS A 282 22.65 -19.70 -22.61
N LYS A 283 23.92 -19.55 -22.94
CA LYS A 283 24.55 -20.12 -24.12
C LYS A 283 25.70 -21.02 -23.71
N ILE A 284 25.86 -22.15 -24.38
CA ILE A 284 27.05 -22.99 -24.22
C ILE A 284 28.07 -22.55 -25.25
N LYS A 285 29.27 -22.20 -24.80
CA LYS A 285 30.24 -21.61 -25.72
C LYS A 285 31.44 -22.52 -25.92
N GLN A 286 32.13 -22.32 -27.05
CA GLN A 286 33.30 -23.08 -27.46
C GLN A 286 34.60 -22.33 -27.21
N ILE A 287 34.59 -21.01 -27.42
CA ILE A 287 35.76 -20.17 -27.23
C ILE A 287 35.69 -19.54 -25.85
N ILE A 288 36.68 -19.84 -25.02
CA ILE A 288 36.68 -19.49 -23.61
C ILE A 288 37.85 -18.55 -23.34
N ASN A 289 37.58 -17.49 -22.59
CA ASN A 289 38.66 -16.72 -22.00
C ASN A 289 39.11 -17.46 -20.74
N MET A 290 40.38 -17.85 -20.71
CA MET A 290 40.83 -18.72 -19.63
C MET A 290 40.91 -17.95 -18.32
N TRP A 291 40.60 -18.66 -17.23
CA TRP A 291 40.80 -18.13 -15.90
C TRP A 291 42.20 -18.39 -15.39
N GLN A 292 42.91 -19.36 -15.97
CA GLN A 292 44.23 -19.74 -15.47
C GLN A 292 45.30 -18.74 -15.87
N GLU A 293 45.17 -18.18 -17.06
CA GLU A 293 46.16 -17.26 -17.62
C GLU A 293 45.44 -16.39 -18.64
N VAL A 294 46.13 -15.33 -19.07
CA VAL A 294 45.59 -14.50 -20.14
C VAL A 294 45.72 -15.29 -21.43
N GLY A 295 44.59 -15.73 -21.97
CA GLY A 295 44.63 -16.61 -23.11
C GLY A 295 43.23 -17.06 -23.44
N ARG A 296 43.11 -17.73 -24.58
CA ARG A 296 41.86 -18.27 -25.09
C ARG A 296 41.98 -19.76 -25.30
N ALA A 297 40.84 -20.44 -25.24
CA ALA A 297 40.82 -21.89 -25.30
C ALA A 297 39.59 -22.31 -26.08
N ILE A 298 39.77 -23.23 -27.02
CA ILE A 298 38.69 -23.65 -27.90
C ILE A 298 38.43 -25.13 -27.69
N TYR A 299 37.15 -25.45 -27.48
CA TYR A 299 36.62 -26.77 -27.15
C TYR A 299 35.66 -27.24 -28.24
N ALA A 300 35.36 -28.53 -28.23
CA ALA A 300 34.48 -29.14 -29.20
C ALA A 300 33.04 -28.77 -28.93
N PRO A 301 32.16 -28.92 -29.93
CA PRO A 301 30.73 -28.59 -29.74
C PRO A 301 30.11 -29.46 -28.65
N PRO A 302 28.92 -29.12 -28.18
CA PRO A 302 28.37 -29.81 -27.01
C PRO A 302 28.01 -31.25 -27.31
N ILE A 303 28.16 -32.09 -26.27
CA ILE A 303 27.53 -33.40 -26.30
C ILE A 303 26.03 -33.24 -26.49
N GLU A 304 25.40 -34.32 -26.90
CA GLU A 304 23.96 -34.42 -26.97
C GLU A 304 23.34 -35.07 -25.73
N GLY A 305 22.00 -35.03 -25.71
CA GLY A 305 21.25 -35.30 -24.50
C GLY A 305 20.97 -34.04 -23.73
N GLU A 306 20.32 -34.20 -22.58
CA GLU A 306 20.10 -33.08 -21.67
C GLU A 306 21.33 -32.89 -20.81
N ILE A 307 21.75 -31.66 -20.68
CA ILE A 307 22.88 -31.32 -19.84
C ILE A 307 22.32 -30.50 -18.70
N THR A 308 22.33 -31.05 -17.49
CA THR A 308 21.69 -30.39 -16.36
C THR A 308 22.60 -30.38 -15.14
N CYS A 309 22.71 -29.21 -14.52
CA CYS A 309 23.36 -29.09 -13.22
C CYS A 309 22.38 -28.52 -12.23
N ASN A 310 22.32 -29.13 -11.06
CA ASN A 310 21.44 -28.73 -9.97
C ASN A 310 22.35 -28.26 -8.84
N SER A 311 22.50 -26.96 -8.68
CA SER A 311 23.54 -26.45 -7.81
C SER A 311 22.92 -25.60 -6.71
N ASN A 312 23.63 -25.50 -5.59
CA ASN A 312 23.27 -24.57 -4.53
C ASN A 312 24.11 -23.31 -4.72
N ILE A 313 23.45 -22.15 -4.85
CA ILE A 313 24.15 -20.88 -4.65
C ILE A 313 24.42 -20.72 -3.17
N THR A 314 25.70 -20.67 -2.80
CA THR A 314 26.09 -20.48 -1.41
C THR A 314 26.85 -19.18 -1.17
N GLY A 315 27.12 -18.39 -2.20
CA GLY A 315 27.81 -17.12 -2.00
C GLY A 315 27.70 -16.29 -3.26
N LEU A 316 28.07 -15.02 -3.12
CA LEU A 316 28.05 -14.10 -4.25
C LEU A 316 29.37 -13.35 -4.30
N LEU A 317 29.76 -12.94 -5.51
CA LEU A 317 30.92 -12.07 -5.72
C LEU A 317 30.42 -10.76 -6.29
N LEU A 318 30.64 -9.66 -5.57
CA LEU A 318 30.09 -8.37 -5.93
C LEU A 318 31.18 -7.32 -6.02
N LEU A 319 30.84 -6.24 -6.71
CA LEU A 319 31.73 -5.10 -6.88
C LEU A 319 30.88 -3.84 -6.75
N ARG A 320 31.34 -2.91 -5.91
CA ARG A 320 30.67 -1.64 -5.69
C ARG A 320 31.16 -0.61 -6.68
N ASP A 321 30.24 0.20 -7.21
CA ASP A 321 30.67 1.35 -7.99
C ASP A 321 31.32 2.37 -7.08
N ASP A 330 22.73 9.22 -0.30
CA ASP A 330 23.04 8.84 -1.67
C ASP A 330 22.83 7.34 -1.83
N THR A 331 23.34 6.77 -2.93
CA THR A 331 23.16 5.36 -3.23
C THR A 331 24.51 4.64 -3.37
N GLU A 332 24.51 3.38 -2.96
CA GLU A 332 25.58 2.44 -3.25
C GLU A 332 25.03 1.37 -4.18
N THR A 333 25.78 1.06 -5.23
CA THR A 333 25.34 0.12 -6.25
C THR A 333 26.29 -1.06 -6.31
N PHE A 334 25.73 -2.27 -6.31
CA PHE A 334 26.52 -3.49 -6.35
C PHE A 334 26.18 -4.30 -7.59
N ARG A 335 27.24 -4.80 -8.22
CA ARG A 335 27.21 -5.58 -9.45
C ARG A 335 27.88 -6.93 -9.27
N PRO A 336 27.43 -7.94 -9.99
CA PRO A 336 28.11 -9.24 -9.89
C PRO A 336 29.52 -9.12 -10.44
N GLY A 337 30.46 -9.72 -9.73
CA GLY A 337 31.86 -9.69 -10.14
C GLY A 337 32.41 -11.07 -10.41
N GLY A 338 33.73 -11.21 -10.48
CA GLY A 338 34.33 -12.50 -10.67
C GLY A 338 35.48 -12.44 -11.65
N GLY A 339 36.13 -13.57 -11.89
CA GLY A 339 37.18 -13.68 -12.90
C GLY A 339 38.52 -14.10 -12.36
N ASP A 340 38.77 -13.90 -11.07
CA ASP A 340 40.01 -14.33 -10.43
C ASP A 340 39.64 -15.51 -9.53
N MET A 341 39.87 -16.73 -10.00
CA MET A 341 39.31 -17.87 -9.28
C MET A 341 39.88 -18.02 -7.87
N ARG A 342 40.97 -17.32 -7.54
CA ARG A 342 41.48 -17.41 -6.18
C ARG A 342 40.44 -16.97 -5.16
N ASP A 343 39.60 -16.00 -5.53
CA ASP A 343 38.53 -15.57 -4.67
C ASP A 343 37.60 -16.73 -4.34
N ASN A 344 37.27 -17.55 -5.33
CA ASN A 344 36.48 -18.75 -5.03
C ASN A 344 37.15 -19.56 -3.93
N TRP A 345 38.45 -19.84 -4.10
CA TRP A 345 39.14 -20.60 -3.06
C TRP A 345 39.14 -19.84 -1.73
N ARG A 346 39.39 -18.52 -1.77
CA ARG A 346 39.29 -17.72 -0.55
C ARG A 346 37.98 -17.95 0.17
N SER A 347 36.88 -17.98 -0.58
CA SER A 347 35.58 -18.09 0.06
C SER A 347 35.48 -19.32 0.93
N GLU A 348 36.29 -20.34 0.66
CA GLU A 348 36.30 -21.57 1.43
C GLU A 348 37.48 -21.68 2.38
N LEU A 349 38.59 -21.00 2.09
CA LEU A 349 39.79 -21.19 2.88
C LEU A 349 39.97 -20.09 3.91
N TYR A 350 38.99 -19.20 4.05
CA TYR A 350 39.18 -17.99 4.85
C TYR A 350 39.48 -18.33 6.30
N LYS A 351 38.88 -19.40 6.81
CA LYS A 351 39.01 -19.70 8.23
C LYS A 351 40.29 -20.44 8.57
N TYR A 352 41.17 -20.73 7.61
CA TYR A 352 42.34 -21.54 7.91
C TYR A 352 43.66 -20.79 7.73
N LYS A 353 44.62 -21.16 8.60
CA LYS A 353 46.01 -20.74 8.52
C LYS A 353 46.93 -21.94 8.73
N VAL A 354 48.05 -21.95 8.01
CA VAL A 354 49.16 -22.89 8.24
C VAL A 354 50.16 -22.32 9.25
N VAL A 355 50.68 -23.14 10.19
CA VAL A 355 51.53 -22.59 11.24
C VAL A 355 52.63 -23.58 11.58
N GLU A 356 53.71 -23.02 12.15
CA GLU A 356 54.88 -23.70 12.75
C GLU A 356 55.74 -24.56 11.80
N LYS B 6 -30.46 16.37 -25.42
CA LYS B 6 -31.36 17.17 -26.25
C LYS B 6 -32.62 17.55 -25.45
N THR B 7 -32.89 16.79 -24.40
CA THR B 7 -34.03 17.02 -23.51
C THR B 7 -33.57 16.69 -22.10
N THR B 8 -34.50 16.76 -21.14
CA THR B 8 -34.19 16.40 -19.76
C THR B 8 -34.66 14.98 -19.46
N LEU B 9 -33.74 14.14 -19.03
CA LEU B 9 -33.94 12.74 -18.73
C LEU B 9 -34.57 12.56 -17.34
N PHE B 10 -34.91 11.33 -16.99
CA PHE B 10 -35.35 11.03 -15.63
C PHE B 10 -34.65 9.74 -15.20
N CYS B 11 -34.66 9.46 -13.90
CA CYS B 11 -33.94 8.29 -13.44
C CYS B 11 -34.91 7.25 -12.90
N ALA B 12 -34.56 6.00 -13.12
CA ALA B 12 -35.26 4.85 -12.57
C ALA B 12 -34.28 4.08 -11.72
N SER B 13 -34.71 3.68 -10.53
CA SER B 13 -33.82 2.95 -9.64
C SER B 13 -34.62 1.88 -8.96
N ASP B 14 -33.91 0.99 -8.30
CA ASP B 14 -34.57 -0.14 -7.68
C ASP B 14 -34.55 0.02 -6.17
N ALA B 15 -34.49 1.27 -5.72
CA ALA B 15 -34.33 1.62 -4.32
C ALA B 15 -35.57 1.27 -3.53
N LYS B 16 -35.48 1.48 -2.23
CA LYS B 16 -36.56 1.17 -1.31
C LYS B 16 -36.59 2.27 -0.28
N ALA B 17 -37.77 2.83 -0.03
CA ALA B 17 -37.79 3.93 0.95
C ALA B 17 -37.77 3.43 2.40
N TYR B 18 -37.60 2.14 2.66
CA TYR B 18 -37.21 1.67 3.97
C TYR B 18 -35.71 1.52 4.18
N GLU B 19 -34.88 1.31 3.15
CA GLU B 19 -33.48 1.57 3.36
C GLU B 19 -33.35 3.00 3.88
N LYS B 20 -32.44 3.22 4.83
CA LYS B 20 -31.95 4.59 5.00
C LYS B 20 -30.48 4.70 4.62
N GLU B 21 -29.99 3.75 3.84
CA GLU B 21 -28.88 4.03 2.98
C GLU B 21 -29.23 5.24 2.12
N VAL B 22 -28.28 6.15 1.97
CA VAL B 22 -28.65 7.47 1.44
C VAL B 22 -28.89 7.45 -0.05
N HIS B 23 -28.20 6.61 -0.82
CA HIS B 23 -28.55 6.50 -2.23
C HIS B 23 -30.00 6.05 -2.39
N ASN B 24 -30.43 5.09 -1.57
CA ASN B 24 -31.82 4.63 -1.60
C ASN B 24 -32.76 5.77 -1.30
N VAL B 25 -32.46 6.56 -0.26
CA VAL B 25 -33.35 7.64 0.14
C VAL B 25 -33.48 8.66 -0.99
N TRP B 26 -32.33 9.12 -1.49
CA TRP B 26 -32.35 10.08 -2.58
C TRP B 26 -33.13 9.54 -3.77
N ALA B 27 -32.90 8.27 -4.12
CA ALA B 27 -33.53 7.71 -5.32
C ALA B 27 -35.03 7.59 -5.14
N THR B 28 -35.48 7.20 -3.95
CA THR B 28 -36.91 7.26 -3.64
C THR B 28 -37.46 8.64 -3.90
N HIS B 29 -36.70 9.68 -3.54
CA HIS B 29 -37.21 11.03 -3.71
C HIS B 29 -37.20 11.44 -5.18
N ALA B 30 -36.25 10.94 -5.97
CA ALA B 30 -35.90 11.54 -7.24
C ALA B 30 -36.11 10.63 -8.44
N CYS B 31 -36.21 9.32 -8.26
CA CYS B 31 -36.32 8.40 -9.38
C CYS B 31 -37.65 7.66 -9.33
N VAL B 32 -38.04 7.12 -10.47
CA VAL B 32 -39.25 6.32 -10.57
C VAL B 32 -38.81 4.86 -10.53
N PRO B 33 -39.69 3.90 -10.24
CA PRO B 33 -39.25 2.51 -10.22
C PRO B 33 -38.90 2.02 -11.62
N THR B 34 -37.99 1.03 -11.65
CA THR B 34 -37.58 0.43 -12.90
C THR B 34 -38.65 -0.47 -13.51
N ASP B 35 -38.80 -0.36 -14.85
CA ASP B 35 -39.67 -1.24 -15.62
C ASP B 35 -39.22 -2.68 -15.34
N PRO B 36 -40.10 -3.57 -14.90
CA PRO B 36 -39.67 -4.97 -14.67
C PRO B 36 -39.05 -5.61 -15.89
N ASN B 37 -39.63 -5.40 -17.07
CA ASN B 37 -38.99 -5.90 -18.28
C ASN B 37 -39.03 -4.87 -19.39
N PRO B 38 -37.86 -4.37 -19.75
CA PRO B 38 -37.79 -3.22 -20.63
C PRO B 38 -37.77 -3.61 -22.10
N GLN B 39 -38.07 -2.62 -22.94
CA GLN B 39 -38.15 -2.81 -24.37
C GLN B 39 -36.81 -2.50 -25.03
N GLU B 40 -36.38 -3.36 -25.95
CA GLU B 40 -35.21 -3.04 -26.77
C GLU B 40 -35.47 -3.38 -28.23
N MET B 41 -34.97 -2.49 -29.10
CA MET B 41 -35.26 -2.42 -30.53
C MET B 41 -33.91 -2.49 -31.25
N VAL B 42 -33.52 -3.66 -31.79
CA VAL B 42 -32.23 -3.73 -32.49
C VAL B 42 -32.38 -3.15 -33.91
N LEU B 43 -31.28 -2.62 -34.46
CA LEU B 43 -31.28 -2.02 -35.79
C LEU B 43 -29.89 -2.07 -36.44
N ALA B 44 -29.41 -3.25 -36.85
CA ALA B 44 -28.02 -3.43 -37.28
C ALA B 44 -27.69 -2.81 -38.64
N ASN B 45 -28.67 -2.28 -39.36
CA ASN B 45 -28.40 -1.55 -40.59
C ASN B 45 -28.08 -0.07 -40.35
N VAL B 46 -28.52 0.48 -39.22
CA VAL B 46 -28.68 1.93 -39.07
C VAL B 46 -27.34 2.67 -39.20
N THR B 47 -26.36 2.32 -38.37
CA THR B 47 -25.11 3.08 -38.26
C THR B 47 -25.36 4.52 -37.83
N GLU B 48 -25.04 4.85 -36.57
CA GLU B 48 -25.18 6.20 -36.05
C GLU B 48 -23.85 6.64 -35.46
N ASN B 49 -23.67 7.96 -35.35
CA ASN B 49 -22.47 8.52 -34.74
C ASN B 49 -22.70 8.81 -33.27
N PHE B 50 -21.73 8.45 -32.45
CA PHE B 50 -21.72 8.82 -31.04
C PHE B 50 -20.47 9.64 -30.76
N ASN B 51 -20.52 10.42 -29.67
CA ASN B 51 -19.31 11.04 -29.14
C ASN B 51 -19.44 11.11 -27.61
N MET B 52 -18.84 10.13 -26.94
CA MET B 52 -18.91 10.07 -25.49
C MET B 52 -18.37 11.31 -24.81
N TRP B 53 -17.54 12.11 -25.49
CA TRP B 53 -16.88 13.22 -24.84
C TRP B 53 -17.69 14.48 -24.86
N LYS B 54 -18.93 14.41 -25.33
CA LYS B 54 -19.73 15.54 -25.76
C LYS B 54 -21.16 15.02 -25.74
N ASN B 55 -21.55 14.58 -24.55
CA ASN B 55 -22.77 13.82 -24.31
C ASN B 55 -23.52 14.43 -23.14
N ASP B 56 -24.68 15.01 -23.45
CA ASP B 56 -25.44 15.75 -22.43
C ASP B 56 -25.90 14.85 -21.29
N MET B 57 -26.05 13.54 -21.52
CA MET B 57 -26.39 12.66 -20.39
C MET B 57 -25.34 12.72 -19.29
N VAL B 58 -24.07 12.89 -19.65
CA VAL B 58 -23.04 13.04 -18.63
C VAL B 58 -23.35 14.24 -17.75
N GLU B 59 -23.77 15.36 -18.35
CA GLU B 59 -24.02 16.56 -17.55
C GLU B 59 -25.22 16.37 -16.65
N GLN B 60 -26.29 15.75 -17.18
CA GLN B 60 -27.47 15.52 -16.37
C GLN B 60 -27.12 14.65 -15.17
N MET B 61 -26.40 13.56 -15.42
CA MET B 61 -26.06 12.64 -14.34
C MET B 61 -25.11 13.30 -13.33
N HIS B 62 -24.16 14.09 -13.83
CA HIS B 62 -23.27 14.83 -12.94
C HIS B 62 -24.08 15.70 -11.99
N GLU B 63 -25.05 16.42 -12.54
CA GLU B 63 -25.93 17.23 -11.71
C GLU B 63 -26.64 16.38 -10.67
N ASP B 64 -27.15 15.22 -11.09
CA ASP B 64 -27.87 14.37 -10.15
C ASP B 64 -26.98 13.93 -9.02
N ILE B 65 -25.76 13.47 -9.33
CA ILE B 65 -24.90 12.93 -8.28
C ILE B 65 -24.47 14.05 -7.34
N ILE B 66 -24.24 15.25 -7.88
CA ILE B 66 -23.98 16.40 -7.00
C ILE B 66 -25.13 16.59 -6.03
N SER B 67 -26.36 16.53 -6.54
CA SER B 67 -27.51 16.69 -5.66
C SER B 67 -27.56 15.57 -4.62
N LEU B 68 -27.23 14.36 -5.06
CA LEU B 68 -27.25 13.20 -4.17
C LEU B 68 -26.29 13.41 -3.02
N TRP B 69 -25.06 13.82 -3.34
CA TRP B 69 -24.03 14.00 -2.31
C TRP B 69 -24.37 15.17 -1.41
N ASP B 70 -24.94 16.25 -1.96
CA ASP B 70 -25.31 17.38 -1.11
C ASP B 70 -26.38 16.97 -0.12
N GLU B 71 -27.34 16.18 -0.55
CA GLU B 71 -28.37 15.71 0.35
C GLU B 71 -27.89 14.64 1.32
N SER B 72 -26.87 13.87 0.95
CA SER B 72 -26.52 12.68 1.71
C SER B 72 -25.24 12.82 2.53
N LEU B 73 -24.19 13.41 1.96
CA LEU B 73 -22.89 13.58 2.64
C LEU B 73 -22.65 15.08 2.86
N LYS B 74 -23.41 15.65 3.72
CA LYS B 74 -23.27 16.97 4.26
C LYS B 74 -21.94 17.07 5.00
N PRO B 75 -21.07 17.99 4.64
CA PRO B 75 -19.88 18.24 5.46
C PRO B 75 -20.25 19.05 6.68
N CYS B 76 -19.47 18.87 7.75
CA CYS B 76 -19.62 19.77 8.88
C CYS B 76 -19.35 21.19 8.45
N VAL B 77 -18.29 21.41 7.68
CA VAL B 77 -17.99 22.75 7.18
C VAL B 77 -17.77 22.65 5.68
N LYS B 78 -18.21 23.66 4.94
CA LYS B 78 -17.89 23.75 3.52
C LYS B 78 -17.33 25.14 3.26
N LEU B 79 -16.12 25.22 2.73
CA LEU B 79 -15.48 26.49 2.41
C LEU B 79 -15.53 26.67 0.91
N THR B 80 -16.18 27.73 0.45
CA THR B 80 -16.27 28.00 -0.97
C THR B 80 -15.98 29.47 -1.19
N GLY B 81 -14.92 29.77 -1.93
CA GLY B 81 -14.51 31.16 -2.02
C GLY B 81 -14.19 31.67 -0.63
N GLY B 82 -14.87 32.74 -0.23
CA GLY B 82 -14.62 33.31 1.08
C GLY B 82 -15.56 32.72 2.11
N SER B 83 -16.65 32.13 1.61
CA SER B 83 -17.76 31.71 2.44
C SER B 83 -17.46 30.39 3.16
N ALA B 84 -18.06 30.23 4.34
CA ALA B 84 -18.03 28.97 5.07
C ALA B 84 -19.44 28.64 5.56
N ILE B 85 -19.83 27.39 5.35
CA ILE B 85 -21.20 26.95 5.60
C ILE B 85 -21.13 25.80 6.59
N THR B 86 -21.87 25.88 7.69
CA THR B 86 -21.78 24.87 8.73
C THR B 86 -23.10 24.12 8.79
N GLN B 87 -23.06 22.81 8.98
CA GLN B 87 -24.31 22.09 9.15
C GLN B 87 -24.05 20.77 9.84
N ALA B 88 -25.13 20.17 10.33
CA ALA B 88 -25.06 18.84 10.90
C ALA B 88 -24.40 17.88 9.92
N CYS B 89 -23.41 17.12 10.39
CA CYS B 89 -22.71 16.15 9.56
C CYS B 89 -22.76 14.76 10.19
N PRO B 90 -23.96 14.18 10.30
CA PRO B 90 -24.06 12.84 10.90
C PRO B 90 -23.38 11.81 10.04
N LYS B 91 -22.85 10.77 10.69
CA LYS B 91 -22.46 9.57 9.97
C LYS B 91 -23.69 8.89 9.39
N VAL B 92 -23.53 8.28 8.22
CA VAL B 92 -24.66 7.71 7.49
C VAL B 92 -24.24 6.37 6.92
N SER B 93 -25.23 5.60 6.47
CA SER B 93 -24.91 4.39 5.74
C SER B 93 -24.90 4.73 4.26
N PHE B 94 -23.84 4.31 3.57
CA PHE B 94 -23.50 4.84 2.26
C PHE B 94 -22.97 3.68 1.43
N ASP B 95 -23.77 3.20 0.48
CA ASP B 95 -23.39 2.14 -0.44
C ASP B 95 -24.07 2.39 -1.77
N PRO B 96 -23.34 2.76 -2.81
CA PRO B 96 -23.99 3.22 -4.04
C PRO B 96 -24.85 2.12 -4.64
N ILE B 97 -25.98 2.54 -5.21
CA ILE B 97 -26.93 1.65 -5.86
C ILE B 97 -26.96 2.05 -7.33
N PRO B 98 -27.37 1.14 -8.22
CA PRO B 98 -27.43 1.50 -9.64
C PRO B 98 -28.55 2.47 -9.94
N LEU B 99 -28.28 3.38 -10.89
CA LEU B 99 -29.27 4.32 -11.39
C LEU B 99 -29.40 4.12 -12.88
N HIS B 100 -30.63 4.14 -13.37
CA HIS B 100 -30.92 4.04 -14.79
C HIS B 100 -31.34 5.42 -15.26
N TYR B 101 -30.87 5.82 -16.44
CA TYR B 101 -31.27 7.09 -17.02
C TYR B 101 -32.18 6.82 -18.21
N CYS B 102 -33.31 7.51 -18.24
CA CYS B 102 -34.43 7.17 -19.10
C CYS B 102 -34.87 8.38 -19.89
N ALA B 103 -35.19 8.14 -21.15
CA ALA B 103 -35.66 9.19 -22.05
C ALA B 103 -37.14 9.42 -21.81
N PRO B 104 -37.58 10.66 -21.71
CA PRO B 104 -39.00 10.92 -21.46
C PRO B 104 -39.80 10.67 -22.73
N ALA B 105 -41.13 10.69 -22.57
CA ALA B 105 -42.04 10.38 -23.68
C ALA B 105 -41.68 11.18 -24.93
N GLY B 106 -41.48 10.47 -26.04
CA GLY B 106 -41.20 11.10 -27.32
C GLY B 106 -39.73 11.24 -27.66
N PHE B 107 -38.84 10.77 -26.77
CA PHE B 107 -37.40 10.63 -27.03
C PHE B 107 -37.02 9.18 -26.82
N ALA B 108 -35.87 8.82 -27.36
CA ALA B 108 -35.38 7.47 -27.09
C ALA B 108 -33.91 7.55 -26.77
N ILE B 109 -33.35 6.43 -26.33
CA ILE B 109 -31.92 6.33 -26.10
C ILE B 109 -31.38 5.26 -27.03
N LEU B 110 -30.55 5.67 -27.98
CA LEU B 110 -29.77 4.75 -28.79
C LEU B 110 -28.61 4.19 -27.99
N LYS B 111 -28.53 2.88 -27.95
CA LYS B 111 -27.33 2.22 -27.49
C LYS B 111 -26.55 1.70 -28.69
N CYS B 112 -25.24 1.93 -28.69
CA CYS B 112 -24.37 1.32 -29.68
C CYS B 112 -24.00 -0.10 -29.23
N ASN B 113 -24.26 -1.13 -30.05
CA ASN B 113 -23.99 -2.47 -29.54
C ASN B 113 -22.67 -3.03 -30.03
N ASN B 114 -21.86 -2.27 -30.76
CA ASN B 114 -20.53 -2.76 -31.15
C ASN B 114 -19.69 -2.96 -29.89
N LYS B 115 -19.28 -4.21 -29.62
CA LYS B 115 -18.55 -4.49 -28.38
C LYS B 115 -17.18 -3.81 -28.32
N THR B 116 -16.65 -3.32 -29.44
CA THR B 116 -15.33 -2.70 -29.45
C THR B 116 -15.39 -1.21 -29.70
N PHE B 117 -16.57 -0.62 -29.80
CA PHE B 117 -16.74 0.83 -29.93
C PHE B 117 -15.85 1.58 -28.97
N ASN B 118 -15.04 2.51 -29.50
CA ASN B 118 -14.17 3.25 -28.61
C ASN B 118 -14.84 4.49 -28.04
N GLY B 119 -16.11 4.71 -28.36
CA GLY B 119 -16.88 5.81 -27.82
C GLY B 119 -17.01 7.00 -28.73
N THR B 120 -16.36 6.96 -29.88
CA THR B 120 -16.31 8.07 -30.81
C THR B 120 -16.54 7.57 -32.23
N GLY B 121 -17.29 8.33 -33.01
CA GLY B 121 -17.44 8.04 -34.42
C GLY B 121 -18.66 7.21 -34.73
N PRO B 122 -18.65 6.53 -35.87
CA PRO B 122 -19.81 5.73 -36.28
C PRO B 122 -19.80 4.32 -35.70
N CYS B 123 -21.01 3.81 -35.50
CA CYS B 123 -21.26 2.50 -34.91
C CYS B 123 -22.40 1.85 -35.68
N ARG B 124 -22.20 0.62 -36.19
CA ARG B 124 -23.19 0.03 -37.09
C ARG B 124 -24.36 -0.65 -36.37
N ASN B 125 -24.09 -1.52 -35.39
CA ASN B 125 -25.17 -2.21 -34.70
C ASN B 125 -25.72 -1.30 -33.59
N VAL B 126 -26.91 -0.75 -33.78
CA VAL B 126 -27.51 0.22 -32.86
C VAL B 126 -28.84 -0.32 -32.36
N SER B 127 -29.20 0.04 -31.12
CA SER B 127 -30.47 -0.32 -30.52
C SER B 127 -31.19 0.94 -30.03
N THR B 128 -32.50 0.80 -29.87
CA THR B 128 -33.32 1.78 -29.16
C THR B 128 -33.83 1.20 -27.86
N VAL B 129 -33.72 2.00 -26.79
CA VAL B 129 -34.13 1.61 -25.46
C VAL B 129 -34.77 2.81 -24.78
N GLN B 130 -35.65 2.54 -23.80
CA GLN B 130 -36.06 3.57 -22.83
C GLN B 130 -34.92 4.06 -21.97
N CYS B 131 -34.21 3.14 -21.32
CA CYS B 131 -33.28 3.55 -20.27
C CYS B 131 -31.93 2.89 -20.45
N THR B 132 -30.91 3.53 -19.88
CA THR B 132 -29.59 2.93 -19.82
C THR B 132 -29.62 1.74 -18.87
N HIS B 133 -28.53 1.00 -18.83
CA HIS B 133 -28.37 0.00 -17.80
C HIS B 133 -28.21 0.68 -16.44
N GLY B 134 -28.11 -0.12 -15.38
CA GLY B 134 -27.98 0.46 -14.06
C GLY B 134 -26.54 0.87 -13.85
N ILE B 135 -26.34 2.14 -13.50
CA ILE B 135 -24.99 2.67 -13.31
C ILE B 135 -24.81 3.06 -11.85
N LYS B 136 -23.83 2.46 -11.18
CA LYS B 136 -23.53 2.89 -9.81
C LYS B 136 -22.72 4.17 -9.85
N PRO B 137 -23.17 5.25 -9.24
CA PRO B 137 -22.40 6.51 -9.28
C PRO B 137 -21.23 6.54 -8.31
N VAL B 138 -20.13 5.88 -8.70
CA VAL B 138 -18.99 5.69 -7.81
C VAL B 138 -17.98 6.83 -8.01
N VAL B 139 -17.84 7.68 -7.00
CA VAL B 139 -16.90 8.79 -7.07
C VAL B 139 -15.51 8.28 -6.70
N SER B 140 -14.53 8.51 -7.58
CA SER B 140 -13.17 8.10 -7.26
C SER B 140 -12.20 8.70 -8.27
N THR B 141 -10.90 8.55 -7.99
CA THR B 141 -9.84 8.92 -8.90
C THR B 141 -8.99 7.72 -9.23
N GLN B 142 -8.15 7.86 -10.27
CA GLN B 142 -7.18 6.87 -10.70
C GLN B 142 -7.80 5.54 -11.14
N LEU B 143 -8.55 4.88 -10.27
CA LEU B 143 -9.16 3.62 -10.63
C LEU B 143 -10.68 3.80 -10.68
N LEU B 144 -11.30 3.24 -11.71
CA LEU B 144 -12.74 3.20 -11.80
C LEU B 144 -13.24 1.90 -11.15
N LEU B 145 -14.16 2.03 -10.21
CA LEU B 145 -14.57 0.94 -9.35
C LEU B 145 -16.00 0.54 -9.67
N ASN B 146 -16.27 -0.76 -9.67
CA ASN B 146 -17.63 -1.29 -9.68
C ASN B 146 -18.40 -0.89 -10.94
N GLY B 147 -17.72 -0.74 -12.07
CA GLY B 147 -18.38 -0.46 -13.33
C GLY B 147 -18.73 -1.76 -14.03
N SER B 148 -19.00 -1.67 -15.33
CA SER B 148 -19.27 -2.85 -16.12
C SER B 148 -18.15 -3.03 -17.11
N LEU B 149 -17.61 -4.24 -17.17
CA LEU B 149 -16.42 -4.45 -17.98
C LEU B 149 -16.75 -4.46 -19.47
N ALA B 150 -15.70 -4.26 -20.28
CA ALA B 150 -15.79 -4.42 -21.72
C ALA B 150 -16.00 -5.90 -22.06
N GLU B 151 -16.76 -6.19 -23.12
CA GLU B 151 -17.20 -7.57 -23.35
C GLU B 151 -16.15 -8.40 -24.07
N GLU B 152 -15.35 -7.77 -24.95
CA GLU B 152 -14.33 -8.45 -25.71
C GLU B 152 -12.98 -7.97 -25.22
N GLU B 153 -12.27 -7.14 -25.97
CA GLU B 153 -10.97 -6.62 -25.61
C GLU B 153 -11.03 -5.35 -24.78
N ILE B 154 -9.95 -5.13 -24.03
CA ILE B 154 -9.73 -3.86 -23.34
C ILE B 154 -9.89 -2.72 -24.34
N ILE B 155 -10.70 -1.73 -24.00
CA ILE B 155 -10.92 -0.58 -24.88
C ILE B 155 -10.16 0.62 -24.33
N ILE B 156 -9.62 1.42 -25.25
CA ILE B 156 -8.90 2.66 -24.93
C ILE B 156 -9.76 3.81 -25.43
N ARG B 157 -10.16 4.70 -24.54
CA ARG B 157 -10.96 5.84 -24.95
C ARG B 157 -10.25 7.13 -24.64
N SER B 158 -10.32 8.08 -25.56
CA SER B 158 -9.80 9.40 -25.30
C SER B 158 -10.42 10.38 -26.28
N GLU B 159 -10.65 11.59 -25.81
CA GLU B 159 -11.15 12.63 -26.70
C GLU B 159 -10.15 12.83 -27.84
N ASN B 160 -8.86 12.66 -27.54
CA ASN B 160 -7.77 12.93 -28.47
C ASN B 160 -6.45 12.35 -27.97
N LEU B 161 -6.11 11.13 -28.37
CA LEU B 161 -4.90 10.50 -27.86
C LEU B 161 -3.64 11.30 -28.16
N THR B 162 -3.64 12.12 -29.20
CA THR B 162 -2.43 12.90 -29.48
C THR B 162 -2.26 14.03 -28.48
N ASN B 163 -3.36 14.60 -28.01
CA ASN B 163 -3.32 15.65 -27.00
C ASN B 163 -3.12 15.00 -25.64
N ASN B 164 -1.89 15.05 -25.12
CA ASN B 164 -1.60 14.43 -23.83
C ASN B 164 -2.33 15.08 -22.66
N ALA B 165 -2.96 16.24 -22.85
CA ALA B 165 -3.74 16.84 -21.77
C ALA B 165 -5.11 16.20 -21.59
N LYS B 166 -5.59 15.39 -22.54
CA LYS B 166 -6.91 14.76 -22.45
C LYS B 166 -6.82 13.43 -21.71
N THR B 167 -7.69 13.26 -20.73
CA THR B 167 -7.73 12.04 -19.92
C THR B 167 -7.96 10.82 -20.81
N ILE B 168 -7.25 9.72 -20.51
CA ILE B 168 -7.47 8.43 -21.16
C ILE B 168 -8.27 7.54 -20.23
N ILE B 169 -9.37 6.97 -20.73
CA ILE B 169 -10.15 5.98 -19.99
C ILE B 169 -9.80 4.61 -20.53
N VAL B 170 -9.33 3.72 -19.67
CA VAL B 170 -9.02 2.34 -20.04
C VAL B 170 -10.16 1.48 -19.50
N HIS B 171 -10.91 0.85 -20.41
CA HIS B 171 -12.02 -0.01 -20.07
C HIS B 171 -11.56 -1.47 -20.06
N LEU B 172 -11.50 -2.07 -18.88
CA LEU B 172 -10.97 -3.41 -18.69
C LEU B 172 -12.01 -4.45 -19.10
N ASN B 173 -11.54 -5.62 -19.55
CA ASN B 173 -12.47 -6.72 -19.81
C ASN B 173 -12.52 -7.74 -18.68
N GLU B 174 -11.53 -7.72 -17.80
CA GLU B 174 -11.44 -8.59 -16.64
C GLU B 174 -11.27 -7.71 -15.40
N SER B 175 -12.16 -7.84 -14.42
CA SER B 175 -12.03 -6.96 -13.28
C SER B 175 -10.91 -7.44 -12.36
N VAL B 176 -10.37 -6.51 -11.57
CA VAL B 176 -9.26 -6.78 -10.66
C VAL B 176 -9.71 -6.41 -9.25
N ASN B 177 -9.75 -7.39 -8.35
CA ASN B 177 -10.22 -7.12 -6.99
C ASN B 177 -9.31 -6.13 -6.29
N ILE B 178 -9.90 -5.23 -5.51
CA ILE B 178 -9.15 -4.37 -4.61
C ILE B 178 -9.91 -4.36 -3.29
N VAL B 179 -9.20 -4.64 -2.20
CA VAL B 179 -9.85 -4.75 -0.89
C VAL B 179 -9.22 -3.72 0.03
N CYS B 180 -10.02 -2.76 0.47
CA CYS B 180 -9.51 -1.69 1.33
C CYS B 180 -10.16 -1.80 2.69
N THR B 181 -9.35 -1.56 3.73
CA THR B 181 -9.81 -1.77 5.09
C THR B 181 -9.07 -0.85 6.03
N ARG B 182 -9.86 -0.21 6.91
CA ARG B 182 -9.37 0.34 8.16
C ARG B 182 -9.74 -0.65 9.24
N PRO B 183 -8.80 -1.42 9.77
CA PRO B 183 -9.15 -2.47 10.72
C PRO B 183 -9.66 -1.86 12.01
N ASN B 184 -10.08 -2.74 12.90
CA ASN B 184 -10.65 -2.36 14.20
C ASN B 184 -9.63 -2.01 15.27
N ASN B 193 -3.38 3.98 14.93
CA ASN B 193 -3.94 5.21 14.35
C ASN B 193 -5.29 4.99 13.67
N ILE B 194 -6.27 5.78 14.12
CA ILE B 194 -7.64 5.68 13.62
C ILE B 194 -7.70 5.96 12.12
N ARG B 195 -6.79 6.82 11.59
CA ARG B 195 -6.83 7.16 10.18
C ARG B 195 -6.15 6.15 9.27
N GLN B 196 -5.46 5.14 9.78
CA GLN B 196 -4.56 4.39 8.90
C GLN B 196 -5.30 3.19 8.34
N ALA B 197 -5.06 2.87 7.08
CA ALA B 197 -5.77 1.80 6.41
C ALA B 197 -4.92 1.28 5.26
N HIS B 198 -5.40 0.24 4.60
CA HIS B 198 -4.61 -0.34 3.53
C HIS B 198 -5.51 -1.08 2.55
N CYS B 199 -5.05 -1.17 1.31
CA CYS B 199 -5.71 -1.94 0.27
C CYS B 199 -4.79 -3.05 -0.21
N ASN B 200 -5.40 -4.17 -0.61
CA ASN B 200 -4.68 -5.33 -1.11
C ASN B 200 -5.17 -5.64 -2.51
N ILE B 201 -4.21 -5.79 -3.43
CA ILE B 201 -4.47 -6.24 -4.79
C ILE B 201 -3.56 -7.43 -5.07
N ASN B 202 -4.14 -8.48 -5.64
CA ASN B 202 -3.36 -9.66 -6.03
C ASN B 202 -2.38 -9.23 -7.12
N GLU B 203 -1.07 -9.18 -6.81
CA GLU B 203 -0.11 -8.76 -7.82
C GLU B 203 -0.22 -9.56 -9.10
N SER B 204 -0.85 -10.74 -9.05
CA SER B 204 -0.88 -11.59 -10.24
C SER B 204 -1.82 -11.02 -11.29
N LYS B 205 -3.07 -10.74 -10.90
CA LYS B 205 -4.03 -10.14 -11.83
C LYS B 205 -3.61 -8.74 -12.23
N TRP B 206 -3.07 -7.97 -11.29
CA TRP B 206 -2.58 -6.65 -11.65
C TRP B 206 -1.48 -6.77 -12.71
N ASN B 207 -0.63 -7.77 -12.57
CA ASN B 207 0.45 -7.99 -13.51
C ASN B 207 -0.12 -8.28 -14.89
N ASN B 208 -1.06 -9.24 -14.96
CA ASN B 208 -1.69 -9.59 -16.23
C ASN B 208 -2.35 -8.39 -16.88
N THR B 209 -3.20 -7.70 -16.11
CA THR B 209 -3.98 -6.62 -16.71
C THR B 209 -3.07 -5.51 -17.18
N LEU B 210 -1.98 -5.22 -16.45
CA LEU B 210 -1.12 -4.19 -17.02
C LEU B 210 -0.38 -4.71 -18.25
N GLN B 211 -0.09 -6.01 -18.32
CA GLN B 211 0.45 -6.55 -19.56
C GLN B 211 -0.45 -6.19 -20.72
N LYS B 212 -1.75 -6.45 -20.56
CA LYS B 212 -2.63 -6.28 -21.70
C LYS B 212 -2.97 -4.81 -21.96
N VAL B 213 -3.00 -3.99 -20.92
CA VAL B 213 -3.17 -2.56 -21.15
C VAL B 213 -1.98 -2.04 -21.93
N GLY B 214 -0.77 -2.49 -21.58
CA GLY B 214 0.41 -2.12 -22.36
C GLY B 214 0.31 -2.55 -23.80
N GLU B 215 -0.20 -3.76 -24.04
CA GLU B 215 -0.41 -4.19 -25.43
C GLU B 215 -1.26 -3.17 -26.20
N GLU B 216 -2.43 -2.82 -25.64
CA GLU B 216 -3.35 -1.93 -26.35
C GLU B 216 -2.77 -0.53 -26.53
N LEU B 217 -2.15 -0.01 -25.47
CA LEU B 217 -1.47 1.27 -25.61
C LEU B 217 -0.41 1.22 -26.70
N ALA B 218 0.25 0.06 -26.85
CA ALA B 218 1.31 -0.07 -27.86
C ALA B 218 0.73 0.02 -29.27
N LYS B 219 -0.37 -0.70 -29.50
CA LYS B 219 -1.12 -0.46 -30.74
C LYS B 219 -1.29 1.02 -30.99
N HIS B 220 -1.58 1.82 -29.96
CA HIS B 220 -1.76 3.24 -30.29
C HIS B 220 -0.46 4.05 -30.34
N PHE B 221 0.63 3.61 -29.70
CA PHE B 221 1.92 4.29 -29.80
C PHE B 221 2.97 3.23 -30.08
N PRO B 222 3.22 2.92 -31.35
CA PRO B 222 3.91 1.66 -31.68
C PRO B 222 5.43 1.66 -31.55
N SER B 223 6.11 2.74 -31.93
CA SER B 223 7.56 2.70 -31.81
C SER B 223 8.04 2.76 -30.36
N LYS B 224 7.18 3.07 -29.40
CA LYS B 224 7.66 3.53 -28.12
C LYS B 224 7.58 2.43 -27.07
N THR B 225 8.38 2.57 -26.02
CA THR B 225 8.31 1.69 -24.87
C THR B 225 7.27 2.29 -23.90
N ILE B 226 6.52 1.46 -23.19
CA ILE B 226 5.35 1.96 -22.47
C ILE B 226 5.59 1.84 -20.97
N LYS B 227 5.72 2.98 -20.28
CA LYS B 227 5.98 2.94 -18.84
C LYS B 227 4.76 3.41 -18.06
N PHE B 228 4.57 2.79 -16.89
CA PHE B 228 3.57 3.22 -15.92
C PHE B 228 4.28 3.74 -14.68
N GLU B 229 3.84 4.89 -14.20
CA GLU B 229 4.50 5.64 -13.14
C GLU B 229 3.47 6.35 -12.26
N PRO B 230 3.81 6.62 -11.02
CA PRO B 230 2.84 7.22 -10.11
C PRO B 230 2.52 8.64 -10.54
N SER B 231 1.38 9.11 -10.05
CA SER B 231 0.96 10.47 -10.37
C SER B 231 2.01 11.45 -9.88
N SER B 232 2.42 12.35 -10.78
CA SER B 232 3.38 13.39 -10.48
C SER B 232 2.91 14.27 -9.33
N GLY B 233 2.06 15.27 -9.59
CA GLY B 233 1.70 16.19 -8.53
C GLY B 233 0.24 16.59 -8.55
N GLY B 234 -0.12 17.42 -7.54
CA GLY B 234 -1.46 17.93 -7.42
C GLY B 234 -2.03 17.66 -6.05
N ASP B 235 -3.33 17.91 -5.90
CA ASP B 235 -3.98 17.63 -4.63
C ASP B 235 -3.93 16.14 -4.33
N LEU B 236 -3.95 15.82 -3.03
CA LEU B 236 -3.95 14.43 -2.61
C LEU B 236 -5.04 13.62 -3.32
N GLU B 237 -6.17 14.26 -3.62
CA GLU B 237 -7.29 13.51 -4.16
C GLU B 237 -6.96 12.88 -5.51
N ILE B 238 -6.04 13.47 -6.26
CA ILE B 238 -5.66 12.93 -7.56
C ILE B 238 -4.29 12.29 -7.57
N THR B 239 -3.39 12.64 -6.65
CA THR B 239 -2.12 11.94 -6.59
C THR B 239 -2.25 10.62 -5.87
N THR B 240 -3.39 10.34 -5.26
CA THR B 240 -3.67 9.03 -4.70
C THR B 240 -4.98 8.53 -5.28
N HIS B 241 -5.21 7.24 -5.14
CA HIS B 241 -6.51 6.67 -5.46
C HIS B 241 -7.44 6.99 -4.31
N SER B 242 -8.36 7.92 -4.52
CA SER B 242 -9.23 8.37 -3.45
C SER B 242 -10.67 7.98 -3.75
N PHE B 243 -11.43 7.71 -2.70
CA PHE B 243 -12.78 7.20 -2.89
C PHE B 243 -13.49 7.21 -1.55
N ASN B 244 -14.81 7.06 -1.61
CA ASN B 244 -15.60 7.00 -0.39
C ASN B 244 -15.99 5.57 -0.10
N CYS B 245 -15.73 5.13 1.12
CA CYS B 245 -16.03 3.76 1.56
C CYS B 245 -16.87 3.87 2.83
N ARG B 246 -18.15 3.51 2.70
CA ARG B 246 -19.11 3.47 3.79
C ARG B 246 -19.09 4.79 4.56
N GLY B 247 -18.93 5.89 3.82
CA GLY B 247 -18.99 7.22 4.39
C GLY B 247 -17.67 7.91 4.53
N GLU B 248 -16.58 7.15 4.61
CA GLU B 248 -15.28 7.72 4.96
C GLU B 248 -14.45 7.90 3.70
N PHE B 249 -13.64 8.96 3.68
CA PHE B 249 -12.85 9.31 2.50
C PHE B 249 -11.46 8.68 2.62
N PHE B 250 -11.21 7.66 1.81
CA PHE B 250 -9.92 6.99 1.74
C PHE B 250 -9.03 7.63 0.68
N TYR B 251 -7.76 7.81 1.02
CA TYR B 251 -6.73 8.24 0.09
C TYR B 251 -5.66 7.16 0.14
N CYS B 252 -5.47 6.43 -0.97
CA CYS B 252 -4.59 5.28 -1.00
C CYS B 252 -3.44 5.49 -2.00
N ASN B 253 -2.23 5.29 -1.53
CA ASN B 253 -1.03 5.53 -2.32
C ASN B 253 -0.89 4.47 -3.40
N THR B 254 -0.74 4.89 -4.66
CA THR B 254 -0.68 3.94 -5.76
C THR B 254 0.71 3.81 -6.37
N SER B 255 1.75 4.26 -5.67
CA SER B 255 3.06 4.28 -6.28
C SER B 255 3.66 2.88 -6.42
N ASP B 256 3.14 1.89 -5.70
CA ASP B 256 3.53 0.52 -5.98
C ASP B 256 2.61 -0.15 -6.99
N LEU B 257 1.63 0.60 -7.51
CA LEU B 257 0.66 0.07 -8.45
C LEU B 257 0.93 0.54 -9.88
N PHE B 258 1.08 1.85 -10.07
CA PHE B 258 1.45 2.41 -11.38
C PHE B 258 2.97 2.55 -11.38
N ASN B 259 3.63 1.43 -11.68
CA ASN B 259 5.07 1.28 -11.46
C ASN B 259 5.53 0.06 -12.25
N GLY B 260 5.78 0.24 -13.55
CA GLY B 260 6.09 -0.91 -14.38
C GLY B 260 6.51 -0.44 -15.76
N THR B 261 6.98 -1.40 -16.56
CA THR B 261 7.45 -1.14 -17.90
C THR B 261 7.03 -2.26 -18.84
N TYR B 262 6.47 -1.89 -19.98
CA TYR B 262 6.12 -2.81 -21.06
C TYR B 262 7.07 -2.52 -22.22
N ARG B 263 7.99 -3.45 -22.48
CA ARG B 263 9.13 -3.20 -23.35
C ARG B 263 8.96 -3.84 -24.73
N ASN B 264 9.14 -5.14 -24.80
CA ASN B 264 9.18 -5.83 -26.08
C ASN B 264 8.08 -6.88 -26.06
N GLY B 265 6.82 -6.43 -26.10
CA GLY B 265 5.69 -7.32 -25.94
C GLY B 265 5.54 -7.94 -24.58
N THR B 266 6.31 -7.49 -23.59
CA THR B 266 6.33 -8.04 -22.24
C THR B 266 6.33 -6.95 -21.16
N TYR B 267 5.51 -7.18 -20.13
CA TYR B 267 5.36 -6.27 -19.00
C TYR B 267 6.16 -6.76 -17.79
N ASN B 268 6.95 -5.86 -17.21
CA ASN B 268 7.69 -6.00 -15.97
C ASN B 268 7.11 -5.07 -14.91
N HIS B 269 6.77 -5.62 -13.75
CA HIS B 269 6.28 -4.77 -12.66
C HIS B 269 7.43 -4.30 -11.78
N THR B 270 7.46 -2.99 -11.53
CA THR B 270 8.52 -2.33 -10.77
C THR B 270 8.09 -1.98 -9.35
N GLY B 271 6.80 -1.88 -9.06
CA GLY B 271 6.36 -1.63 -7.71
C GLY B 271 6.72 -2.79 -6.81
N ARG B 272 6.62 -2.58 -5.50
CA ARG B 272 7.08 -3.61 -4.59
C ARG B 272 5.86 -4.40 -4.13
N SER B 273 5.99 -5.72 -4.04
CA SER B 273 4.93 -6.56 -3.52
C SER B 273 5.51 -7.54 -2.50
N SER B 274 4.63 -8.19 -1.76
CA SER B 274 5.02 -9.10 -0.69
C SER B 274 4.03 -10.25 -0.68
N ASN B 275 4.55 -11.48 -0.69
CA ASN B 275 3.70 -12.67 -0.73
C ASN B 275 2.74 -12.61 -1.92
N GLY B 276 3.17 -11.92 -2.98
CA GLY B 276 2.36 -11.84 -4.19
C GLY B 276 1.14 -10.96 -4.10
N THR B 277 1.12 -9.98 -3.19
CA THR B 277 0.07 -8.98 -3.17
C THR B 277 0.72 -7.62 -3.02
N ILE B 278 0.19 -6.62 -3.77
CA ILE B 278 0.54 -5.23 -3.56
C ILE B 278 -0.37 -4.70 -2.47
N THR B 279 0.20 -3.90 -1.57
CA THR B 279 -0.56 -3.33 -0.47
C THR B 279 -0.35 -1.82 -0.48
N LEU B 280 -1.43 -1.09 -0.73
CA LEU B 280 -1.41 0.36 -0.73
C LEU B 280 -1.69 0.89 0.67
N GLN B 281 -0.83 1.79 1.14
CA GLN B 281 -1.05 2.51 2.37
C GLN B 281 -2.10 3.59 2.13
N CYS B 282 -3.13 3.65 2.99
CA CYS B 282 -4.20 4.63 2.90
C CYS B 282 -4.31 5.41 4.19
N LYS B 283 -4.81 6.63 4.06
CA LYS B 283 -5.24 7.46 5.17
C LYS B 283 -6.70 7.85 4.97
N ILE B 284 -7.48 7.86 6.05
CA ILE B 284 -8.83 8.41 6.03
C ILE B 284 -8.74 9.88 6.40
N LYS B 285 -9.27 10.75 5.55
CA LYS B 285 -9.07 12.17 5.77
C LYS B 285 -10.38 12.87 6.08
N GLN B 286 -10.28 14.03 6.74
CA GLN B 286 -11.39 14.87 7.17
C GLN B 286 -11.59 16.07 6.25
N ILE B 287 -10.50 16.66 5.77
CA ILE B 287 -10.54 17.82 4.90
C ILE B 287 -10.42 17.36 3.46
N ILE B 288 -11.44 17.64 2.66
CA ILE B 288 -11.58 17.11 1.32
C ILE B 288 -11.58 18.26 0.33
N ASN B 289 -10.82 18.10 -0.75
CA ASN B 289 -11.00 18.97 -1.90
C ASN B 289 -12.20 18.45 -2.69
N MET B 290 -13.21 19.29 -2.84
CA MET B 290 -14.44 18.81 -3.43
C MET B 290 -14.28 18.55 -4.92
N TRP B 291 -14.99 17.51 -5.39
CA TRP B 291 -15.08 17.25 -6.81
C TRP B 291 -16.21 18.02 -7.46
N GLN B 292 -17.19 18.47 -6.68
CA GLN B 292 -18.36 19.14 -7.24
C GLN B 292 -18.05 20.57 -7.67
N GLU B 293 -17.19 21.25 -6.93
CA GLU B 293 -16.84 22.65 -7.18
C GLU B 293 -15.47 22.89 -6.59
N VAL B 294 -14.90 24.05 -6.93
CA VAL B 294 -13.63 24.44 -6.31
C VAL B 294 -13.94 24.85 -4.88
N GLY B 295 -13.50 24.04 -3.93
CA GLY B 295 -13.87 24.29 -2.56
C GLY B 295 -13.35 23.15 -1.71
N ARG B 296 -13.47 23.34 -0.40
CA ARG B 296 -13.06 22.39 0.62
C ARG B 296 -14.23 22.00 1.50
N ALA B 297 -14.14 20.81 2.08
CA ALA B 297 -15.24 20.27 2.85
C ALA B 297 -14.66 19.50 4.03
N ILE B 298 -15.20 19.74 5.22
CA ILE B 298 -14.68 19.14 6.43
C ILE B 298 -15.75 18.26 7.05
N TYR B 299 -15.35 17.02 7.36
CA TYR B 299 -16.19 15.96 7.89
C TYR B 299 -15.70 15.53 9.27
N ALA B 300 -16.56 14.79 9.97
CA ALA B 300 -16.26 14.32 11.31
C ALA B 300 -15.24 13.19 11.27
N PRO B 301 -14.58 12.90 12.39
CA PRO B 301 -13.60 11.81 12.45
C PRO B 301 -14.26 10.47 12.13
N PRO B 302 -13.47 9.43 11.88
CA PRO B 302 -14.05 8.18 11.39
C PRO B 302 -14.89 7.48 12.44
N ILE B 303 -15.93 6.79 11.96
CA ILE B 303 -16.61 5.80 12.78
C ILE B 303 -15.61 4.76 13.25
N GLU B 304 -15.97 4.04 14.30
CA GLU B 304 -15.24 2.88 14.77
C GLU B 304 -15.76 1.56 14.23
N GLY B 305 -15.01 0.51 14.53
CA GLY B 305 -15.16 -0.77 13.86
C GLY B 305 -14.25 -0.87 12.66
N GLU B 306 -14.36 -2.00 11.95
CA GLU B 306 -13.64 -2.17 10.69
C GLU B 306 -14.42 -1.53 9.58
N ILE B 307 -13.73 -0.78 8.75
CA ILE B 307 -14.34 -0.16 7.59
C ILE B 307 -13.72 -0.82 6.38
N THR B 308 -14.52 -1.60 5.65
CA THR B 308 -13.98 -2.40 4.55
C THR B 308 -14.82 -2.24 3.30
N CYS B 309 -14.16 -2.01 2.17
CA CYS B 309 -14.82 -2.05 0.88
C CYS B 309 -14.11 -3.09 0.01
N ASN B 310 -14.92 -3.92 -0.64
CA ASN B 310 -14.44 -4.98 -1.52
C ASN B 310 -14.91 -4.62 -2.92
N SER B 311 -14.02 -4.07 -3.74
CA SER B 311 -14.45 -3.46 -4.97
C SER B 311 -13.78 -4.14 -6.14
N ASN B 312 -14.42 -4.08 -7.30
CA ASN B 312 -13.81 -4.50 -8.55
C ASN B 312 -13.23 -3.27 -9.24
N ILE B 313 -11.93 -3.29 -9.53
CA ILE B 313 -11.38 -2.35 -10.50
C ILE B 313 -11.84 -2.78 -11.89
N THR B 314 -12.62 -1.91 -12.55
CA THR B 314 -13.09 -2.18 -13.90
C THR B 314 -12.58 -1.20 -14.94
N GLY B 315 -11.79 -0.20 -14.54
CA GLY B 315 -11.24 0.74 -15.51
C GLY B 315 -10.17 1.58 -14.86
N LEU B 316 -9.42 2.27 -15.69
CA LEU B 316 -8.36 3.15 -15.21
C LEU B 316 -8.49 4.51 -15.87
N LEU B 317 -8.02 5.55 -15.17
CA LEU B 317 -7.93 6.90 -15.72
C LEU B 317 -6.45 7.28 -15.77
N LEU B 318 -5.94 7.52 -16.98
CA LEU B 318 -4.51 7.74 -17.16
C LEU B 318 -4.27 9.06 -17.89
N LEU B 319 -3.03 9.53 -17.79
CA LEU B 319 -2.58 10.75 -18.43
C LEU B 319 -1.18 10.50 -18.93
N ARG B 320 -0.95 10.81 -20.21
CA ARG B 320 0.34 10.66 -20.85
C ARG B 320 1.18 11.91 -20.67
N ASP B 321 2.47 11.74 -20.39
CA ASP B 321 3.37 12.89 -20.43
C ASP B 321 3.53 13.38 -21.87
N ASP B 330 11.60 5.95 -28.68
CA ASP B 330 11.54 6.71 -27.44
C ASP B 330 10.53 6.04 -26.50
N THR B 331 10.14 6.75 -25.44
CA THR B 331 9.21 6.21 -24.44
C THR B 331 7.96 7.06 -24.32
N GLU B 332 6.85 6.39 -24.04
CA GLU B 332 5.62 7.03 -23.60
C GLU B 332 5.36 6.62 -22.16
N THR B 333 5.01 7.59 -21.32
CA THR B 333 4.82 7.37 -19.90
C THR B 333 3.40 7.70 -19.51
N PHE B 334 2.76 6.79 -18.77
CA PHE B 334 1.39 6.97 -18.32
C PHE B 334 1.30 6.98 -16.82
N ARG B 335 0.53 7.93 -16.31
CA ARG B 335 0.29 8.19 -14.90
C ARG B 335 -1.18 8.12 -14.55
N PRO B 336 -1.51 7.72 -13.34
CA PRO B 336 -2.93 7.72 -12.95
C PRO B 336 -3.44 9.14 -12.91
N GLY B 337 -4.65 9.34 -13.45
CA GLY B 337 -5.28 10.64 -13.47
C GLY B 337 -6.58 10.68 -12.72
N GLY B 338 -7.39 11.71 -12.93
CA GLY B 338 -8.67 11.78 -12.28
C GLY B 338 -8.98 13.18 -11.80
N GLY B 339 -10.14 13.39 -11.20
CA GLY B 339 -10.50 14.65 -10.58
C GLY B 339 -11.73 15.30 -11.16
N ASP B 340 -12.10 14.96 -12.39
CA ASP B 340 -13.30 15.49 -13.02
C ASP B 340 -14.28 14.31 -13.09
N MET B 341 -15.22 14.25 -12.16
CA MET B 341 -16.01 13.03 -12.06
C MET B 341 -16.86 12.76 -13.29
N ARG B 342 -17.01 13.74 -14.19
CA ARG B 342 -17.77 13.46 -15.41
C ARG B 342 -17.16 12.33 -16.20
N ASP B 343 -15.82 12.21 -16.16
CA ASP B 343 -15.15 11.11 -16.82
C ASP B 343 -15.65 9.77 -16.28
N ASN B 344 -15.81 9.66 -14.95
CA ASN B 344 -16.40 8.44 -14.41
C ASN B 344 -17.72 8.14 -15.09
N TRP B 345 -18.61 9.13 -15.15
CA TRP B 345 -19.89 8.91 -15.81
C TRP B 345 -19.68 8.58 -17.29
N ARG B 346 -18.80 9.29 -17.98
CA ARG B 346 -18.47 8.95 -19.37
C ARG B 346 -18.14 7.48 -19.50
N SER B 347 -17.33 6.94 -18.58
CA SER B 347 -16.89 5.57 -18.73
C SER B 347 -18.06 4.60 -18.82
N GLU B 348 -19.21 4.99 -18.30
CA GLU B 348 -20.42 4.16 -18.32
C GLU B 348 -21.43 4.61 -19.37
N LEU B 349 -21.43 5.89 -19.74
CA LEU B 349 -22.47 6.40 -20.62
C LEU B 349 -22.02 6.48 -22.06
N TYR B 350 -20.82 5.97 -22.37
CA TYR B 350 -20.22 6.20 -23.67
C TYR B 350 -21.08 5.62 -24.79
N LYS B 351 -21.73 4.50 -24.54
CA LYS B 351 -22.46 3.81 -25.59
C LYS B 351 -23.84 4.39 -25.84
N TYR B 352 -24.27 5.43 -25.13
CA TYR B 352 -25.64 5.91 -25.27
C TYR B 352 -25.73 7.31 -25.83
N LYS B 353 -26.80 7.53 -26.60
CA LYS B 353 -27.21 8.83 -27.11
C LYS B 353 -28.72 9.02 -26.94
N VAL B 354 -29.13 10.25 -26.62
CA VAL B 354 -30.55 10.65 -26.62
C VAL B 354 -30.95 11.19 -28.00
N VAL B 355 -32.15 10.84 -28.50
CA VAL B 355 -32.50 11.24 -29.87
C VAL B 355 -33.99 11.56 -29.94
N GLU B 356 -34.31 12.37 -30.96
CA GLU B 356 -35.66 12.76 -31.44
C GLU B 356 -36.53 13.56 -30.43
N LYS C 6 -35.52 -17.12 26.26
CA LYS C 6 -35.87 -17.14 27.68
C LYS C 6 -37.13 -16.29 27.92
N THR C 7 -37.41 -15.39 26.98
CA THR C 7 -38.59 -14.52 27.02
C THR C 7 -39.09 -14.37 25.59
N THR C 8 -40.12 -13.54 25.41
CA THR C 8 -40.65 -13.25 24.07
C THR C 8 -40.09 -11.93 23.55
N LEU C 9 -39.44 -12.00 22.39
CA LEU C 9 -38.78 -10.88 21.73
C LEU C 9 -39.80 -10.03 20.97
N PHE C 10 -39.34 -8.91 20.41
CA PHE C 10 -40.19 -8.13 19.51
C PHE C 10 -39.35 -7.73 18.31
N CYS C 11 -40.00 -7.29 17.24
CA CYS C 11 -39.23 -6.98 16.05
C CYS C 11 -39.27 -5.48 15.76
N ALA C 12 -38.17 -4.99 15.24
CA ALA C 12 -38.04 -3.62 14.77
C ALA C 12 -37.69 -3.68 13.29
N SER C 13 -38.35 -2.87 12.49
CA SER C 13 -38.09 -2.89 11.07
C SER C 13 -38.14 -1.47 10.56
N ASP C 14 -37.69 -1.29 9.33
CA ASP C 14 -37.61 0.04 8.79
C ASP C 14 -38.67 0.22 7.72
N ALA C 15 -39.75 -0.53 7.85
CA ALA C 15 -40.81 -0.60 6.85
C ALA C 15 -41.58 0.71 6.80
N LYS C 16 -42.51 0.77 5.86
CA LYS C 16 -43.31 1.95 5.65
C LYS C 16 -44.72 1.48 5.34
N ALA C 17 -45.72 2.04 6.00
CA ALA C 17 -47.07 1.55 5.72
C ALA C 17 -47.67 2.15 4.44
N TYR C 18 -46.91 2.89 3.64
CA TYR C 18 -47.28 3.17 2.27
C TYR C 18 -46.72 2.19 1.24
N GLU C 19 -45.60 1.50 1.48
CA GLU C 19 -45.34 0.34 0.67
C GLU C 19 -46.56 -0.56 0.77
N LYS C 20 -46.96 -1.19 -0.34
CA LYS C 20 -47.77 -2.39 -0.18
C LYS C 20 -47.03 -3.63 -0.66
N GLU C 21 -45.70 -3.54 -0.71
CA GLU C 21 -44.89 -4.72 -0.57
C GLU C 21 -45.28 -5.40 0.74
N VAL C 22 -45.40 -6.73 0.70
CA VAL C 22 -46.09 -7.40 1.80
C VAL C 22 -45.22 -7.52 3.04
N HIS C 23 -43.90 -7.63 2.90
CA HIS C 23 -43.06 -7.58 4.10
C HIS C 23 -43.24 -6.25 4.82
N ASN C 24 -43.30 -5.16 4.06
CA ASN C 24 -43.53 -3.84 4.66
C ASN C 24 -44.86 -3.81 5.40
N VAL C 25 -45.91 -4.33 4.77
CA VAL C 25 -47.23 -4.29 5.38
C VAL C 25 -47.24 -5.07 6.69
N TRP C 26 -46.76 -6.32 6.63
CA TRP C 26 -46.71 -7.14 7.82
C TRP C 26 -45.91 -6.45 8.91
N ALA C 27 -44.76 -5.87 8.55
CA ALA C 27 -43.87 -5.29 9.57
C ALA C 27 -44.50 -4.07 10.20
N THR C 28 -45.18 -3.24 9.40
CA THR C 28 -45.98 -2.16 9.96
C THR C 28 -46.95 -2.69 11.00
N HIS C 29 -47.56 -3.85 10.72
CA HIS C 29 -48.55 -4.37 11.67
C HIS C 29 -47.88 -4.94 12.91
N ALA C 30 -46.66 -5.48 12.78
CA ALA C 30 -46.11 -6.37 13.79
C ALA C 30 -44.83 -5.88 14.43
N CYS C 31 -44.12 -4.93 13.83
CA CYS C 31 -42.84 -4.47 14.36
C CYS C 31 -42.92 -3.01 14.76
N VAL C 32 -41.98 -2.60 15.60
CA VAL C 32 -41.89 -1.19 16.01
C VAL C 32 -40.76 -0.58 15.17
N PRO C 33 -40.67 0.74 15.05
CA PRO C 33 -39.58 1.32 14.26
C PRO C 33 -38.22 1.08 14.90
N THR C 34 -37.20 1.03 14.05
CA THR C 34 -35.84 0.86 14.53
C THR C 34 -35.29 2.11 15.19
N ASP C 35 -34.56 1.89 16.32
CA ASP C 35 -33.84 2.95 17.02
C ASP C 35 -32.89 3.58 16.00
N PRO C 36 -32.93 4.91 15.79
CA PRO C 36 -31.98 5.52 14.84
C PRO C 36 -30.54 5.23 15.17
N ASN C 37 -30.16 5.28 16.43
CA ASN C 37 -28.79 4.89 16.80
C ASN C 37 -28.79 4.03 18.04
N PRO C 38 -28.42 2.78 17.88
CA PRO C 38 -28.59 1.81 18.96
C PRO C 38 -27.38 1.75 19.88
N GLN C 39 -27.63 1.17 21.05
CA GLN C 39 -26.61 1.07 22.09
C GLN C 39 -25.87 -0.25 21.97
N GLU C 40 -24.53 -0.21 22.09
CA GLU C 40 -23.76 -1.43 22.18
C GLU C 40 -22.71 -1.33 23.28
N MET C 41 -22.54 -2.43 24.01
CA MET C 41 -21.79 -2.55 25.25
C MET C 41 -20.75 -3.65 25.03
N VAL C 42 -19.47 -3.30 24.77
CA VAL C 42 -18.47 -4.34 24.56
C VAL C 42 -18.01 -4.88 25.91
N LEU C 43 -17.57 -6.15 25.93
CA LEU C 43 -17.11 -6.81 27.16
C LEU C 43 -16.11 -7.94 26.88
N ALA C 44 -14.87 -7.61 26.46
CA ALA C 44 -13.94 -8.62 25.95
C ALA C 44 -13.34 -9.52 27.03
N ASN C 45 -13.63 -9.29 28.31
CA ASN C 45 -13.22 -10.20 29.37
C ASN C 45 -14.21 -11.34 29.60
N VAL C 46 -15.47 -11.14 29.20
CA VAL C 46 -16.59 -11.92 29.75
C VAL C 46 -16.46 -13.41 29.42
N THR C 47 -16.37 -13.75 28.14
CA THR C 47 -16.44 -15.13 27.67
C THR C 47 -17.76 -15.80 28.06
N GLU C 48 -18.65 -15.98 27.08
CA GLU C 48 -19.93 -16.65 27.29
C GLU C 48 -20.07 -17.80 26.32
N ASN C 49 -20.94 -18.75 26.65
CA ASN C 49 -21.22 -19.88 25.76
C ASN C 49 -22.45 -19.60 24.92
N PHE C 50 -22.35 -19.92 23.63
CA PHE C 50 -23.49 -19.89 22.74
C PHE C 50 -23.70 -21.28 22.17
N ASN C 51 -24.93 -21.53 21.69
CA ASN C 51 -25.20 -22.72 20.89
C ASN C 51 -26.27 -22.37 19.86
N MET C 52 -25.82 -22.04 18.65
CA MET C 52 -26.74 -21.66 17.57
C MET C 52 -27.77 -22.73 17.28
N TRP C 53 -27.53 -23.99 17.64
CA TRP C 53 -28.41 -25.06 17.23
C TRP C 53 -29.56 -25.26 18.20
N LYS C 54 -29.69 -24.40 19.19
CA LYS C 54 -30.49 -24.62 20.38
C LYS C 54 -30.72 -23.22 20.93
N ASN C 55 -31.36 -22.41 20.08
CA ASN C 55 -31.49 -20.98 20.26
C ASN C 55 -32.95 -20.58 20.05
N ASP C 56 -33.59 -20.15 21.12
CA ASP C 56 -35.02 -19.86 21.08
C ASP C 56 -35.35 -18.71 20.13
N MET C 57 -34.39 -17.80 19.85
CA MET C 57 -34.66 -16.76 18.85
C MET C 57 -34.99 -17.36 17.50
N VAL C 58 -34.37 -18.48 17.14
CA VAL C 58 -34.70 -19.14 15.89
C VAL C 58 -36.19 -19.51 15.87
N GLU C 59 -36.71 -20.03 16.98
CA GLU C 59 -38.11 -20.44 17.00
C GLU C 59 -39.04 -19.25 16.91
N GLN C 60 -38.72 -18.18 17.64
CA GLN C 60 -39.55 -16.99 17.58
C GLN C 60 -39.60 -16.45 16.15
N MET C 61 -38.44 -16.34 15.51
CA MET C 61 -38.40 -15.79 14.17
C MET C 61 -39.08 -16.71 13.17
N HIS C 62 -38.92 -18.02 13.33
CA HIS C 62 -39.62 -18.97 12.48
C HIS C 62 -41.12 -18.74 12.56
N GLU C 63 -41.63 -18.60 13.77
CA GLU C 63 -43.04 -18.30 13.95
C GLU C 63 -43.42 -17.02 13.24
N ASP C 64 -42.59 -15.98 13.35
CA ASP C 64 -42.92 -14.71 12.72
C ASP C 64 -42.99 -14.87 11.21
N ILE C 65 -42.01 -15.53 10.61
CA ILE C 65 -41.99 -15.62 9.15
C ILE C 65 -43.16 -16.47 8.66
N ILE C 66 -43.52 -17.52 9.42
CA ILE C 66 -44.72 -18.27 9.07
C ILE C 66 -45.93 -17.34 9.05
N SER C 67 -46.05 -16.49 10.07
CA SER C 67 -47.18 -15.57 10.09
C SER C 67 -47.12 -14.61 8.90
N LEU C 68 -45.91 -14.17 8.57
CA LEU C 68 -45.73 -13.23 7.48
C LEU C 68 -46.21 -13.84 6.18
N TRP C 69 -45.80 -15.09 5.91
CA TRP C 69 -46.16 -15.76 4.68
C TRP C 69 -47.65 -16.07 4.64
N ASP C 70 -48.23 -16.46 5.79
CA ASP C 70 -49.65 -16.74 5.80
C ASP C 70 -50.45 -15.48 5.48
N GLU C 71 -50.02 -14.35 6.01
CA GLU C 71 -50.71 -13.11 5.71
C GLU C 71 -50.43 -12.59 4.31
N SER C 72 -49.29 -12.92 3.73
CA SER C 72 -48.84 -12.27 2.50
C SER C 72 -48.95 -13.14 1.26
N LEU C 73 -48.56 -14.42 1.34
CA LEU C 73 -48.59 -15.35 0.20
C LEU C 73 -49.62 -16.44 0.50
N LYS C 74 -50.84 -16.06 0.51
CA LYS C 74 -52.01 -16.92 0.55
C LYS C 74 -52.02 -17.81 -0.69
N PRO C 75 -52.04 -19.12 -0.54
CA PRO C 75 -52.25 -20.01 -1.68
C PRO C 75 -53.72 -20.00 -2.08
N CYS C 76 -53.98 -20.25 -3.36
CA CYS C 76 -55.35 -20.50 -3.76
C CYS C 76 -55.90 -21.69 -3.03
N VAL C 77 -55.14 -22.77 -2.95
CA VAL C 77 -55.58 -23.95 -2.21
C VAL C 77 -54.47 -24.35 -1.25
N LYS C 78 -54.84 -24.82 -0.06
CA LYS C 78 -53.87 -25.40 0.86
C LYS C 78 -54.41 -26.76 1.28
N LEU C 79 -53.62 -27.81 1.05
CA LEU C 79 -53.99 -29.15 1.45
C LEU C 79 -53.17 -29.53 2.66
N THR C 80 -53.84 -29.83 3.77
CA THR C 80 -53.15 -30.22 4.99
C THR C 80 -53.87 -31.42 5.57
N GLY C 81 -53.16 -32.54 5.67
CA GLY C 81 -53.87 -33.75 6.06
C GLY C 81 -54.95 -34.04 5.06
N GLY C 82 -56.19 -34.15 5.55
CA GLY C 82 -57.31 -34.43 4.66
C GLY C 82 -57.94 -33.15 4.17
N SER C 83 -57.67 -32.07 4.90
CA SER C 83 -58.36 -30.80 4.72
C SER C 83 -57.84 -30.04 3.51
N ALA C 84 -58.73 -29.26 2.89
CA ALA C 84 -58.35 -28.33 1.83
C ALA C 84 -59.00 -26.97 2.10
N ILE C 85 -58.21 -25.92 1.97
CA ILE C 85 -58.62 -24.58 2.36
C ILE C 85 -58.46 -23.69 1.13
N THR C 86 -59.51 -22.97 0.76
CA THR C 86 -59.47 -22.19 -0.48
C THR C 86 -59.54 -20.72 -0.10
N GLN C 87 -58.78 -19.88 -0.78
CA GLN C 87 -58.92 -18.44 -0.52
C GLN C 87 -58.37 -17.66 -1.69
N ALA C 88 -58.73 -16.39 -1.71
CA ALA C 88 -58.19 -15.45 -2.69
C ALA C 88 -56.67 -15.53 -2.69
N CYS C 89 -56.08 -15.68 -3.88
CA CYS C 89 -54.62 -15.75 -4.03
C CYS C 89 -54.13 -14.69 -5.01
N PRO C 90 -54.30 -13.41 -4.68
CA PRO C 90 -53.84 -12.36 -5.59
C PRO C 90 -52.33 -12.37 -5.74
N LYS C 91 -51.86 -11.96 -6.91
CA LYS C 91 -50.45 -11.63 -7.06
C LYS C 91 -50.12 -10.41 -6.22
N VAL C 92 -48.91 -10.37 -5.67
CA VAL C 92 -48.52 -9.30 -4.75
C VAL C 92 -47.11 -8.87 -5.08
N SER C 93 -46.70 -7.74 -4.51
CA SER C 93 -45.31 -7.35 -4.63
C SER C 93 -44.59 -7.86 -3.40
N PHE C 94 -43.45 -8.52 -3.63
CA PHE C 94 -42.83 -9.37 -2.63
C PHE C 94 -41.32 -9.19 -2.74
N ASP C 95 -40.72 -8.47 -1.81
CA ASP C 95 -39.28 -8.26 -1.75
C ASP C 95 -38.87 -8.17 -0.28
N PRO C 96 -38.16 -9.17 0.24
CA PRO C 96 -37.92 -9.22 1.69
C PRO C 96 -37.18 -8.01 2.17
N ILE C 97 -37.53 -7.55 3.36
CA ILE C 97 -36.91 -6.40 4.02
C ILE C 97 -36.24 -6.93 5.28
N PRO C 98 -35.23 -6.22 5.80
CA PRO C 98 -34.58 -6.69 7.03
C PRO C 98 -35.48 -6.56 8.24
N LEU C 99 -35.37 -7.51 9.16
CA LEU C 99 -36.06 -7.49 10.43
C LEU C 99 -35.02 -7.56 11.54
N HIS C 100 -35.22 -6.76 12.57
CA HIS C 100 -34.37 -6.76 13.75
C HIS C 100 -35.14 -7.42 14.87
N TYR C 101 -34.47 -8.27 15.64
CA TYR C 101 -35.09 -8.90 16.80
C TYR C 101 -34.51 -8.30 18.06
N CYS C 102 -35.40 -7.91 18.97
CA CYS C 102 -35.08 -7.03 20.08
C CYS C 102 -35.55 -7.64 21.39
N ALA C 103 -34.70 -7.50 22.40
CA ALA C 103 -35.01 -8.00 23.73
C ALA C 103 -35.91 -7.00 24.45
N PRO C 104 -36.97 -7.44 25.10
CA PRO C 104 -37.86 -6.51 25.79
C PRO C 104 -37.19 -6.01 27.06
N ALA C 105 -37.84 -5.02 27.67
CA ALA C 105 -37.30 -4.37 28.86
C ALA C 105 -36.88 -5.39 29.92
N GLY C 106 -35.62 -5.30 30.36
CA GLY C 106 -35.11 -6.17 31.41
C GLY C 106 -34.40 -7.42 30.91
N PHE C 107 -34.30 -7.60 29.58
CA PHE C 107 -33.48 -8.62 28.94
C PHE C 107 -32.51 -7.94 28.02
N ALA C 108 -31.46 -8.66 27.64
CA ALA C 108 -30.55 -8.11 26.65
C ALA C 108 -30.22 -9.19 25.65
N ILE C 109 -29.54 -8.79 24.58
CA ILE C 109 -29.05 -9.74 23.60
C ILE C 109 -27.54 -9.65 23.58
N LEU C 110 -26.87 -10.72 23.99
CA LEU C 110 -25.44 -10.86 23.82
C LEU C 110 -25.12 -11.21 22.38
N LYS C 111 -24.25 -10.42 21.78
CA LYS C 111 -23.63 -10.79 20.54
C LYS C 111 -22.21 -11.28 20.79
N CYS C 112 -21.85 -12.40 20.17
CA CYS C 112 -20.46 -12.84 20.19
C CYS C 112 -19.67 -12.13 19.11
N ASN C 113 -18.57 -11.43 19.46
CA ASN C 113 -17.91 -10.68 18.40
C ASN C 113 -16.71 -11.39 17.83
N ASN C 114 -16.41 -12.63 18.24
CA ASN C 114 -15.31 -13.37 17.61
C ASN C 114 -15.64 -13.61 16.14
N LYS C 115 -14.84 -13.06 15.23
CA LYS C 115 -15.14 -13.18 13.80
C LYS C 115 -15.09 -14.61 13.28
N THR C 116 -14.49 -15.55 14.02
CA THR C 116 -14.37 -16.93 13.56
C THR C 116 -15.21 -17.89 14.36
N PHE C 117 -16.01 -17.41 15.31
CA PHE C 117 -16.94 -18.24 16.07
C PHE C 117 -17.70 -19.19 15.18
N ASN C 118 -17.65 -20.48 15.50
CA ASN C 118 -18.36 -21.44 14.66
C ASN C 118 -19.81 -21.61 15.08
N GLY C 119 -20.25 -20.88 16.10
CA GLY C 119 -21.63 -20.90 16.54
C GLY C 119 -21.89 -21.75 17.75
N THR C 120 -20.86 -22.44 18.25
CA THR C 120 -20.98 -23.38 19.34
C THR C 120 -19.84 -23.16 20.32
N GLY C 121 -20.14 -23.25 21.61
CA GLY C 121 -19.11 -23.25 22.63
C GLY C 121 -18.86 -21.86 23.19
N PRO C 122 -17.66 -21.66 23.77
CA PRO C 122 -17.34 -20.37 24.38
C PRO C 122 -16.78 -19.36 23.39
N CYS C 123 -17.05 -18.10 23.69
CA CYS C 123 -16.66 -16.95 22.87
C CYS C 123 -16.19 -15.85 23.81
N ARG C 124 -14.99 -15.31 23.59
CA ARG C 124 -14.41 -14.38 24.57
C ARG C 124 -14.89 -12.93 24.39
N ASN C 125 -14.84 -12.38 23.18
CA ASN C 125 -15.26 -10.99 22.98
C ASN C 125 -16.78 -10.96 22.81
N VAL C 126 -17.49 -10.45 23.81
CA VAL C 126 -18.96 -10.45 23.82
C VAL C 126 -19.46 -9.02 23.97
N SER C 127 -20.62 -8.75 23.39
CA SER C 127 -21.27 -7.45 23.49
C SER C 127 -22.70 -7.61 24.00
N THR C 128 -23.24 -6.53 24.54
CA THR C 128 -24.66 -6.41 24.83
C THR C 128 -25.31 -5.40 23.92
N VAL C 129 -26.47 -5.78 23.38
CA VAL C 129 -27.23 -4.96 22.45
C VAL C 129 -28.71 -5.11 22.77
N GLN C 130 -29.51 -4.09 22.42
CA GLN C 130 -30.97 -4.26 22.32
C GLN C 130 -31.38 -5.24 21.25
N CYS C 131 -30.92 -5.05 20.02
CA CYS C 131 -31.48 -5.79 18.91
C CYS C 131 -30.39 -6.42 18.06
N THR C 132 -30.78 -7.46 17.33
CA THR C 132 -29.90 -8.05 16.33
C THR C 132 -29.74 -7.07 15.18
N HIS C 133 -28.83 -7.40 14.26
CA HIS C 133 -28.77 -6.66 13.02
C HIS C 133 -30.02 -6.94 12.19
N GLY C 134 -30.13 -6.30 11.03
CA GLY C 134 -31.30 -6.50 10.20
C GLY C 134 -31.13 -7.79 9.44
N ILE C 135 -32.12 -8.68 9.56
CA ILE C 135 -32.05 -9.98 8.90
C ILE C 135 -33.17 -10.07 7.88
N LYS C 136 -32.82 -10.28 6.62
CA LYS C 136 -33.84 -10.50 5.60
C LYS C 136 -34.33 -11.94 5.70
N PRO C 137 -35.62 -12.18 5.90
CA PRO C 137 -36.13 -13.56 6.02
C PRO C 137 -36.29 -14.25 4.66
N VAL C 138 -35.18 -14.72 4.11
CA VAL C 138 -35.17 -15.27 2.76
C VAL C 138 -35.39 -16.78 2.80
N VAL C 139 -36.53 -17.24 2.32
CA VAL C 139 -36.86 -18.66 2.30
C VAL C 139 -36.20 -19.29 1.07
N SER C 140 -35.40 -20.33 1.28
CA SER C 140 -34.78 -21.02 0.15
C SER C 140 -34.15 -22.33 0.62
N THR C 141 -33.72 -23.12 -0.35
CA THR C 141 -32.96 -24.34 -0.10
C THR C 141 -31.61 -24.26 -0.80
N GLN C 142 -30.72 -25.18 -0.42
CA GLN C 142 -29.39 -25.36 -1.02
C GLN C 142 -28.49 -24.14 -0.88
N LEU C 143 -28.91 -22.98 -1.38
CA LEU C 143 -28.09 -21.78 -1.27
C LEU C 143 -28.78 -20.80 -0.36
N LEU C 144 -28.00 -20.18 0.53
CA LEU C 144 -28.49 -19.10 1.36
C LEU C 144 -28.25 -17.78 0.64
N LEU C 145 -29.30 -16.98 0.48
CA LEU C 145 -29.29 -15.80 -0.36
C LEU C 145 -29.40 -14.55 0.49
N ASN C 146 -28.63 -13.52 0.13
CA ASN C 146 -28.83 -12.18 0.67
C ASN C 146 -28.60 -12.12 2.18
N GLY C 147 -27.71 -12.94 2.71
CA GLY C 147 -27.34 -12.88 4.11
C GLY C 147 -26.18 -11.92 4.31
N SER C 148 -25.53 -12.05 5.45
CA SER C 148 -24.34 -11.24 5.74
C SER C 148 -23.15 -12.16 5.78
N LEU C 149 -22.09 -11.79 5.06
CA LEU C 149 -20.97 -12.70 4.93
C LEU C 149 -20.14 -12.75 6.22
N ALA C 150 -19.35 -13.82 6.34
CA ALA C 150 -18.35 -13.94 7.40
C ALA C 150 -17.24 -12.91 7.16
N GLU C 151 -16.67 -12.37 8.26
CA GLU C 151 -15.79 -11.20 8.12
C GLU C 151 -14.37 -11.59 7.76
N GLU C 152 -13.92 -12.76 8.23
CA GLU C 152 -12.56 -13.24 7.98
C GLU C 152 -12.66 -14.45 7.07
N GLU C 153 -12.45 -15.66 7.57
CA GLU C 153 -12.50 -16.89 6.80
C GLU C 153 -13.89 -17.49 6.72
N ILE C 154 -14.09 -18.28 5.68
CA ILE C 154 -15.27 -19.12 5.54
C ILE C 154 -15.45 -19.93 6.81
N ILE C 155 -16.65 -19.90 7.39
CA ILE C 155 -16.92 -20.65 8.61
C ILE C 155 -17.76 -21.86 8.27
N ILE C 156 -17.50 -22.96 8.97
CA ILE C 156 -18.23 -24.22 8.83
C ILE C 156 -19.01 -24.43 10.13
N ARG C 157 -20.33 -24.53 10.02
CA ARG C 157 -21.13 -24.74 11.22
C ARG C 157 -21.90 -26.04 11.11
N SER C 158 -21.95 -26.77 12.21
CA SER C 158 -22.79 -27.96 12.25
C SER C 158 -23.05 -28.31 13.70
N GLU C 159 -24.25 -28.83 13.96
CA GLU C 159 -24.56 -29.31 15.29
C GLU C 159 -23.57 -30.39 15.68
N ASN C 160 -23.14 -31.19 14.69
CA ASN C 160 -22.28 -32.35 14.90
C ASN C 160 -21.71 -32.86 13.59
N LEU C 161 -20.50 -32.40 13.22
CA LEU C 161 -19.93 -32.80 11.93
C LEU C 161 -19.77 -34.30 11.79
N THR C 162 -19.64 -35.05 12.89
CA THR C 162 -19.49 -36.49 12.75
C THR C 162 -20.81 -37.15 12.37
N ASN C 163 -21.93 -36.59 12.82
CA ASN C 163 -23.24 -37.10 12.48
C ASN C 163 -23.60 -36.56 11.10
N ASN C 164 -23.48 -37.40 10.06
CA ASN C 164 -23.78 -36.96 8.71
C ASN C 164 -25.25 -36.60 8.49
N ALA C 165 -26.14 -36.91 9.42
CA ALA C 165 -27.53 -36.50 9.27
C ALA C 165 -27.78 -35.05 9.63
N LYS C 166 -26.82 -34.36 10.28
CA LYS C 166 -26.99 -32.96 10.68
C LYS C 166 -26.55 -32.03 9.55
N THR C 167 -27.42 -31.08 9.22
CA THR C 167 -27.14 -30.11 8.18
C THR C 167 -25.86 -29.33 8.47
N ILE C 168 -25.04 -29.10 7.44
CA ILE C 168 -23.87 -28.23 7.53
C ILE C 168 -24.18 -26.88 6.92
N ILE C 169 -23.93 -25.80 7.67
CA ILE C 169 -24.07 -24.45 7.14
C ILE C 169 -22.67 -23.93 6.81
N VAL C 170 -22.46 -23.53 5.57
CA VAL C 170 -21.19 -22.96 5.14
C VAL C 170 -21.42 -21.46 5.02
N HIS C 171 -20.72 -20.68 5.84
CA HIS C 171 -20.81 -19.22 5.86
C HIS C 171 -19.67 -18.64 5.03
N LEU C 172 -20.01 -18.07 3.89
CA LEU C 172 -19.04 -17.55 2.93
C LEU C 172 -18.51 -16.20 3.38
N ASN C 173 -17.25 -15.88 3.01
CA ASN C 173 -16.73 -14.54 3.28
C ASN C 173 -16.80 -13.63 2.05
N GLU C 174 -16.99 -14.20 0.88
CA GLU C 174 -17.12 -13.48 -0.39
C GLU C 174 -18.42 -13.92 -1.04
N SER C 175 -19.31 -12.98 -1.35
CA SER C 175 -20.57 -13.42 -1.92
C SER C 175 -20.39 -13.76 -3.40
N VAL C 176 -21.29 -14.59 -3.91
CA VAL C 176 -21.27 -15.06 -5.30
C VAL C 176 -22.59 -14.68 -5.96
N ASN C 177 -22.52 -13.85 -6.98
CA ASN C 177 -23.75 -13.40 -7.64
C ASN C 177 -24.49 -14.56 -8.26
N ILE C 178 -25.82 -14.55 -8.16
CA ILE C 178 -26.66 -15.47 -8.91
C ILE C 178 -27.81 -14.66 -9.47
N VAL C 179 -28.05 -14.78 -10.78
CA VAL C 179 -29.07 -13.97 -11.44
C VAL C 179 -30.08 -14.91 -12.06
N CYS C 180 -31.32 -14.85 -11.58
CA CYS C 180 -32.36 -15.74 -12.08
C CYS C 180 -33.42 -14.92 -12.78
N THR C 181 -33.92 -15.46 -13.88
CA THR C 181 -34.84 -14.71 -14.74
C THR C 181 -35.76 -15.67 -15.47
N ARG C 182 -37.04 -15.32 -15.45
CA ARG C 182 -38.01 -15.79 -16.42
C ARG C 182 -38.19 -14.66 -17.42
N PRO C 183 -37.66 -14.76 -18.63
CA PRO C 183 -37.70 -13.63 -19.55
C PRO C 183 -39.13 -13.39 -20.00
N ASN C 184 -39.28 -12.32 -20.78
CA ASN C 184 -40.60 -11.90 -21.29
C ASN C 184 -41.10 -12.65 -22.50
N ASN C 193 -42.35 -21.20 -23.26
CA ASN C 193 -43.01 -21.68 -22.05
C ASN C 193 -42.97 -20.68 -20.90
N ILE C 194 -44.17 -20.38 -20.37
CA ILE C 194 -44.32 -19.40 -19.31
C ILE C 194 -43.58 -19.83 -18.05
N ARG C 195 -43.45 -21.16 -17.81
CA ARG C 195 -42.78 -21.63 -16.61
C ARG C 195 -41.26 -21.67 -16.70
N GLN C 196 -40.65 -21.44 -17.85
CA GLN C 196 -39.24 -21.80 -17.99
C GLN C 196 -38.39 -20.58 -17.63
N ALA C 197 -37.27 -20.82 -16.96
CA ALA C 197 -36.43 -19.73 -16.50
C ALA C 197 -35.01 -20.26 -16.31
N HIS C 198 -34.09 -19.37 -15.96
CA HIS C 198 -32.71 -19.80 -15.82
C HIS C 198 -31.96 -18.86 -14.90
N CYS C 199 -30.92 -19.39 -14.25
CA CYS C 199 -30.01 -18.61 -13.44
C CYS C 199 -28.60 -18.68 -14.01
N ASN C 200 -27.86 -17.59 -13.83
CA ASN C 200 -26.50 -17.47 -14.29
C ASN C 200 -25.58 -17.20 -13.11
N ILE C 201 -24.51 -17.98 -13.00
CA ILE C 201 -23.45 -17.78 -12.04
C ILE C 201 -22.13 -17.75 -12.80
N ASN C 202 -21.29 -16.76 -12.47
CA ASN C 202 -19.97 -16.66 -13.06
C ASN C 202 -19.17 -17.88 -12.61
N GLU C 203 -18.88 -18.81 -13.54
CA GLU C 203 -18.13 -20.01 -13.13
C GLU C 203 -16.82 -19.66 -12.45
N SER C 204 -16.33 -18.44 -12.60
CA SER C 204 -15.02 -18.11 -12.04
C SER C 204 -15.10 -17.98 -10.52
N LYS C 205 -16.03 -17.15 -10.02
CA LYS C 205 -16.21 -17.01 -8.58
C LYS C 205 -16.72 -18.30 -7.96
N TRP C 206 -17.61 -19.01 -8.65
CA TRP C 206 -18.05 -20.29 -8.12
C TRP C 206 -16.87 -21.24 -7.97
N ASN C 207 -15.96 -21.20 -8.94
CA ASN C 207 -14.78 -22.04 -8.90
C ASN C 207 -13.92 -21.71 -7.68
N ASN C 208 -13.63 -20.43 -7.51
CA ASN C 208 -12.84 -19.98 -6.36
C ASN C 208 -13.48 -20.40 -5.04
N THR C 209 -14.77 -20.05 -4.88
CA THR C 209 -15.39 -20.28 -3.60
C THR C 209 -15.46 -21.77 -3.29
N LEU C 210 -15.69 -22.61 -4.30
CA LEU C 210 -15.67 -24.02 -3.95
C LEU C 210 -14.25 -24.49 -3.64
N GLN C 211 -13.23 -23.88 -4.26
CA GLN C 211 -11.86 -24.18 -3.85
C GLN C 211 -11.73 -23.98 -2.35
N LYS C 212 -12.16 -22.81 -1.88
CA LYS C 212 -11.91 -22.50 -0.47
C LYS C 212 -12.84 -23.24 0.48
N VAL C 213 -14.06 -23.53 0.05
CA VAL C 213 -14.92 -24.37 0.87
C VAL C 213 -14.29 -25.76 1.01
N GLY C 214 -13.73 -26.28 -0.08
CA GLY C 214 -13.02 -27.55 0.01
C GLY C 214 -11.85 -27.49 0.96
N GLU C 215 -11.10 -26.38 0.94
CA GLU C 215 -10.01 -26.23 1.92
C GLU C 215 -10.54 -26.40 3.35
N GLU C 216 -11.59 -25.65 3.70
CA GLU C 216 -12.08 -25.68 5.09
C GLU C 216 -12.66 -27.05 5.45
N LEU C 217 -13.43 -27.63 4.54
CA LEU C 217 -13.92 -28.98 4.77
C LEU C 217 -12.77 -29.95 4.99
N ALA C 218 -11.65 -29.73 4.29
CA ALA C 218 -10.50 -30.62 4.42
C ALA C 218 -9.89 -30.54 5.81
N LYS C 219 -9.70 -29.31 6.30
CA LYS C 219 -9.37 -29.15 7.71
C LYS C 219 -10.25 -30.03 8.59
N HIS C 220 -11.55 -30.11 8.29
CA HIS C 220 -12.35 -30.96 9.18
C HIS C 220 -12.34 -32.45 8.84
N PHE C 221 -12.02 -32.85 7.60
CA PHE C 221 -11.89 -34.26 7.25
C PHE C 221 -10.58 -34.42 6.47
N PRO C 222 -9.47 -34.67 7.15
CA PRO C 222 -8.15 -34.43 6.53
C PRO C 222 -7.64 -35.53 5.61
N SER C 223 -7.85 -36.80 5.96
CA SER C 223 -7.32 -37.82 5.06
C SER C 223 -8.09 -37.93 3.75
N LYS C 224 -9.24 -37.30 3.62
CA LYS C 224 -10.19 -37.69 2.59
C LYS C 224 -10.16 -36.71 1.42
N THR C 225 -10.60 -37.20 0.27
CA THR C 225 -10.78 -36.34 -0.90
C THR C 225 -12.21 -35.77 -0.82
N ILE C 226 -12.42 -34.53 -1.28
CA ILE C 226 -13.67 -33.86 -0.97
C ILE C 226 -14.46 -33.65 -2.26
N LYS C 227 -15.58 -34.34 -2.41
CA LYS C 227 -16.38 -34.23 -3.62
C LYS C 227 -17.67 -33.46 -3.37
N PHE C 228 -18.09 -32.68 -4.37
CA PHE C 228 -19.39 -32.02 -4.38
C PHE C 228 -20.24 -32.63 -5.48
N GLU C 229 -21.48 -32.96 -5.15
CA GLU C 229 -22.39 -33.71 -6.00
C GLU C 229 -23.82 -33.22 -5.81
N PRO C 230 -24.66 -33.41 -6.83
CA PRO C 230 -26.03 -32.89 -6.74
C PRO C 230 -26.81 -33.64 -5.69
N SER C 231 -27.89 -33.01 -5.25
CA SER C 231 -28.75 -33.63 -4.25
C SER C 231 -29.29 -34.95 -4.79
N SER C 232 -29.15 -35.99 -3.99
CA SER C 232 -29.64 -37.33 -4.33
C SER C 232 -31.14 -37.31 -4.57
N GLY C 233 -31.97 -37.37 -3.53
CA GLY C 233 -33.39 -37.48 -3.77
C GLY C 233 -34.23 -36.66 -2.80
N GLY C 234 -35.55 -36.72 -3.03
CA GLY C 234 -36.52 -36.03 -2.19
C GLY C 234 -37.43 -35.16 -3.01
N ASP C 235 -38.21 -34.33 -2.32
CA ASP C 235 -39.09 -33.41 -3.02
C ASP C 235 -38.28 -32.43 -3.86
N LEU C 236 -38.91 -31.95 -4.94
CA LEU C 236 -38.25 -30.97 -5.81
C LEU C 236 -37.71 -29.79 -5.01
N GLU C 237 -38.38 -29.42 -3.92
CA GLU C 237 -38.00 -28.22 -3.20
C GLU C 237 -36.59 -28.33 -2.63
N ILE C 238 -36.13 -29.55 -2.34
CA ILE C 238 -34.79 -29.73 -1.78
C ILE C 238 -33.81 -30.34 -2.77
N THR C 239 -34.29 -31.05 -3.81
CA THR C 239 -33.35 -31.54 -4.81
C THR C 239 -32.99 -30.45 -5.80
N THR C 240 -33.66 -29.30 -5.74
CA THR C 240 -33.26 -28.15 -6.52
C THR C 240 -33.08 -26.97 -5.59
N HIS C 241 -32.41 -25.94 -6.07
CA HIS C 241 -32.34 -24.68 -5.36
C HIS C 241 -33.66 -23.97 -5.58
N SER C 242 -34.51 -23.92 -4.56
CA SER C 242 -35.84 -23.36 -4.70
C SER C 242 -35.95 -22.10 -3.85
N PHE C 243 -36.75 -21.15 -4.33
CA PHE C 243 -36.83 -19.86 -3.67
C PHE C 243 -37.98 -19.07 -4.27
N ASN C 244 -38.36 -18.00 -3.57
CA ASN C 244 -39.42 -17.14 -4.07
C ASN C 244 -38.81 -15.88 -4.65
N CYS C 245 -39.20 -15.54 -5.88
CA CYS C 245 -38.71 -14.36 -6.56
C CYS C 245 -39.91 -13.55 -7.01
N ARG C 246 -40.09 -12.40 -6.37
CA ARG C 246 -41.15 -11.44 -6.68
C ARG C 246 -42.51 -12.15 -6.74
N GLY C 247 -42.71 -13.12 -5.84
CA GLY C 247 -43.96 -13.81 -5.71
C GLY C 247 -43.97 -15.20 -6.25
N GLU C 248 -43.09 -15.52 -7.20
CA GLU C 248 -43.18 -16.77 -7.94
C GLU C 248 -42.16 -17.76 -7.39
N PHE C 249 -42.53 -19.04 -7.39
CA PHE C 249 -41.69 -20.08 -6.81
C PHE C 249 -40.81 -20.68 -7.89
N PHE C 250 -39.51 -20.38 -7.82
CA PHE C 250 -38.51 -20.92 -8.73
C PHE C 250 -37.90 -22.19 -8.18
N TYR C 251 -37.73 -23.18 -9.04
CA TYR C 251 -37.01 -24.41 -8.74
C TYR C 251 -35.90 -24.50 -9.78
N CYS C 252 -34.64 -24.40 -9.35
CA CYS C 252 -33.51 -24.33 -10.25
C CYS C 252 -32.56 -25.50 -10.04
N ASN C 253 -32.24 -26.19 -11.13
CA ASN C 253 -31.42 -27.40 -11.10
C ASN C 253 -29.98 -27.02 -10.79
N THR C 254 -29.39 -27.65 -9.77
CA THR C 254 -28.03 -27.30 -9.36
C THR C 254 -27.01 -28.38 -9.71
N SER C 255 -27.35 -29.30 -10.61
CA SER C 255 -26.44 -30.41 -10.86
C SER C 255 -25.19 -29.98 -11.63
N ASP C 256 -25.21 -28.82 -12.28
CA ASP C 256 -23.97 -28.27 -12.82
C ASP C 256 -23.25 -27.38 -11.82
N LEU C 257 -23.80 -27.24 -10.63
CA LEU C 257 -23.25 -26.36 -9.60
C LEU C 257 -22.53 -27.15 -8.51
N PHE C 258 -23.20 -28.14 -7.93
CA PHE C 258 -22.59 -29.03 -6.95
C PHE C 258 -22.08 -30.25 -7.70
N ASN C 259 -20.89 -30.08 -8.28
CA ASN C 259 -20.35 -31.01 -9.27
C ASN C 259 -18.86 -30.72 -9.41
N GLY C 260 -18.06 -31.29 -8.52
CA GLY C 260 -16.65 -30.95 -8.52
C GLY C 260 -15.91 -31.82 -7.54
N THR C 261 -14.58 -31.72 -7.58
CA THR C 261 -13.70 -32.52 -6.73
C THR C 261 -12.54 -31.66 -6.25
N TYR C 262 -12.27 -31.71 -4.95
CA TYR C 262 -11.12 -31.08 -4.32
C TYR C 262 -10.20 -32.20 -3.85
N ARG C 263 -9.05 -32.34 -4.53
CA ARG C 263 -8.20 -33.52 -4.40
C ARG C 263 -6.98 -33.26 -3.53
N ASN C 264 -5.99 -32.58 -4.09
CA ASN C 264 -4.70 -32.41 -3.42
C ASN C 264 -4.46 -30.92 -3.27
N GLY C 265 -5.25 -30.29 -2.38
CA GLY C 265 -5.20 -28.85 -2.22
C GLY C 265 -5.72 -28.06 -3.41
N THR C 266 -6.34 -28.74 -4.38
CA THR C 266 -6.84 -28.12 -5.61
C THR C 266 -8.24 -28.60 -5.99
N TYR C 267 -9.07 -27.64 -6.41
CA TYR C 267 -10.46 -27.89 -6.81
C TYR C 267 -10.59 -27.92 -8.33
N ASN C 268 -11.23 -28.97 -8.82
CA ASN C 268 -11.64 -29.18 -10.21
C ASN C 268 -13.16 -29.14 -10.32
N HIS C 269 -13.68 -28.30 -11.21
CA HIS C 269 -15.12 -28.27 -11.42
C HIS C 269 -15.54 -29.25 -12.51
N THR C 270 -16.54 -30.06 -12.20
CA THR C 270 -17.05 -31.11 -13.08
C THR C 270 -18.35 -30.74 -13.77
N GLY C 271 -19.12 -29.79 -13.23
CA GLY C 271 -20.32 -29.35 -13.91
C GLY C 271 -19.98 -28.69 -15.23
N ARG C 272 -21.00 -28.49 -16.06
CA ARG C 272 -20.72 -27.98 -17.39
C ARG C 272 -20.98 -26.49 -17.39
N SER C 273 -20.11 -25.73 -18.04
CA SER C 273 -20.32 -24.29 -18.19
C SER C 273 -20.09 -23.90 -19.64
N SER C 274 -20.48 -22.67 -19.97
CA SER C 274 -20.41 -22.16 -21.33
C SER C 274 -20.06 -20.70 -21.27
N ASN C 275 -19.03 -20.29 -22.03
CA ASN C 275 -18.56 -18.90 -22.01
C ASN C 275 -18.22 -18.47 -20.58
N GLY C 276 -17.82 -19.44 -19.75
CA GLY C 276 -17.43 -19.14 -18.39
C GLY C 276 -18.55 -18.77 -17.45
N THR C 277 -19.79 -19.20 -17.72
CA THR C 277 -20.89 -19.08 -16.78
C THR C 277 -21.62 -20.41 -16.70
N ILE C 278 -22.00 -20.79 -15.47
CA ILE C 278 -22.92 -21.89 -15.26
C ILE C 278 -24.32 -21.35 -15.36
N THR C 279 -25.19 -22.10 -16.03
CA THR C 279 -26.58 -21.69 -16.21
C THR C 279 -27.48 -22.81 -15.73
N LEU C 280 -28.23 -22.53 -14.67
CA LEU C 280 -29.19 -23.47 -14.11
C LEU C 280 -30.53 -23.32 -14.79
N GLN C 281 -31.08 -24.44 -15.25
CA GLN C 281 -32.44 -24.50 -15.76
C GLN C 281 -33.41 -24.45 -14.59
N CYS C 282 -34.41 -23.56 -14.65
CA CYS C 282 -35.42 -23.40 -13.62
C CYS C 282 -36.81 -23.56 -14.22
N LYS C 283 -37.72 -24.02 -13.36
CA LYS C 283 -39.15 -24.00 -13.62
C LYS C 283 -39.85 -23.20 -12.53
N ILE C 284 -40.86 -22.42 -12.91
CA ILE C 284 -41.75 -21.78 -11.95
C ILE C 284 -42.92 -22.71 -11.70
N LYS C 285 -43.17 -23.05 -10.43
CA LYS C 285 -44.17 -24.06 -10.15
C LYS C 285 -45.35 -23.47 -9.39
N GLN C 286 -46.48 -24.17 -9.48
CA GLN C 286 -47.76 -23.79 -8.87
C GLN C 286 -48.03 -24.59 -7.61
N ILE C 287 -47.69 -25.88 -7.61
CA ILE C 287 -47.92 -26.77 -6.48
C ILE C 287 -46.64 -26.85 -5.66
N ILE C 288 -46.73 -26.43 -4.40
CA ILE C 288 -45.58 -26.25 -3.54
C ILE C 288 -45.70 -27.19 -2.35
N ASN C 289 -44.61 -27.87 -2.03
CA ASN C 289 -44.52 -28.52 -0.73
C ASN C 289 -44.14 -27.46 0.29
N MET C 290 -45.00 -27.28 1.30
CA MET C 290 -44.80 -26.17 2.21
C MET C 290 -43.61 -26.42 3.12
N TRP C 291 -42.91 -25.32 3.44
CA TRP C 291 -41.86 -25.38 4.45
C TRP C 291 -42.40 -25.16 5.85
N GLN C 292 -43.60 -24.58 5.97
CA GLN C 292 -44.14 -24.24 7.29
C GLN C 292 -44.68 -25.47 8.01
N GLU C 293 -45.26 -26.40 7.26
CA GLU C 293 -45.89 -27.60 7.81
C GLU C 293 -45.88 -28.66 6.72
N VAL C 294 -46.19 -29.89 7.11
CA VAL C 294 -46.35 -30.95 6.13
C VAL C 294 -47.65 -30.70 5.39
N GLY C 295 -47.56 -30.33 4.13
CA GLY C 295 -48.74 -29.93 3.40
C GLY C 295 -48.32 -29.42 2.05
N ARG C 296 -49.33 -29.18 1.21
CA ARG C 296 -49.19 -28.68 -0.14
C ARG C 296 -49.96 -27.40 -0.32
N ALA C 297 -49.52 -26.58 -1.27
CA ALA C 297 -50.09 -25.26 -1.46
C ALA C 297 -50.10 -24.97 -2.94
N ILE C 298 -51.23 -24.47 -3.44
CA ILE C 298 -51.40 -24.24 -4.86
C ILE C 298 -51.65 -22.76 -5.09
N TYR C 299 -50.88 -22.20 -6.03
CA TYR C 299 -50.84 -20.79 -6.39
C TYR C 299 -51.24 -20.59 -7.84
N ALA C 300 -51.54 -19.35 -8.19
CA ALA C 300 -51.97 -19.01 -9.54
C ALA C 300 -50.80 -19.04 -10.51
N PRO C 301 -51.07 -19.12 -11.80
CA PRO C 301 -49.98 -19.13 -12.80
C PRO C 301 -49.16 -17.86 -12.75
N PRO C 302 -48.00 -17.82 -13.39
CA PRO C 302 -47.10 -16.68 -13.21
C PRO C 302 -47.64 -15.41 -13.81
N ILE C 303 -47.30 -14.29 -13.16
CA ILE C 303 -47.43 -12.99 -13.80
C ILE C 303 -46.65 -12.98 -15.10
N GLU C 304 -46.99 -12.03 -15.95
CA GLU C 304 -46.23 -11.74 -17.17
C GLU C 304 -45.23 -10.61 -16.99
N GLY C 305 -44.43 -10.44 -18.04
CA GLY C 305 -43.22 -9.64 -17.96
C GLY C 305 -42.02 -10.49 -17.60
N GLU C 306 -40.87 -9.83 -17.46
CA GLU C 306 -39.67 -10.50 -16.99
C GLU C 306 -39.68 -10.55 -15.48
N ILE C 307 -39.38 -11.71 -14.94
CA ILE C 307 -39.29 -11.90 -13.51
C ILE C 307 -37.83 -12.17 -13.21
N THR C 308 -37.17 -11.22 -12.54
CA THR C 308 -35.74 -11.33 -12.32
C THR C 308 -35.38 -11.06 -10.88
N CYS C 309 -34.54 -11.92 -10.30
CA CYS C 309 -33.95 -11.66 -9.00
C CYS C 309 -32.44 -11.70 -9.15
N ASN C 310 -31.79 -10.69 -8.56
CA ASN C 310 -30.34 -10.54 -8.58
C ASN C 310 -29.87 -10.71 -7.14
N SER C 311 -29.36 -11.89 -6.81
CA SER C 311 -29.14 -12.21 -5.41
C SER C 311 -27.67 -12.50 -5.17
N ASN C 312 -27.23 -12.30 -3.94
CA ASN C 312 -25.91 -12.73 -3.50
C ASN C 312 -26.05 -14.08 -2.82
N ILE C 313 -25.34 -15.10 -3.31
CA ILE C 313 -25.11 -16.30 -2.52
C ILE C 313 -24.14 -15.96 -1.41
N THR C 314 -24.59 -16.06 -0.16
CA THR C 314 -23.75 -15.80 1.00
C THR C 314 -23.52 -17.03 1.87
N GLY C 315 -24.12 -18.17 1.55
CA GLY C 315 -23.91 -19.38 2.34
C GLY C 315 -24.44 -20.58 1.60
N LEU C 316 -24.08 -21.75 2.09
CA LEU C 316 -24.54 -23.01 1.51
C LEU C 316 -25.07 -23.91 2.60
N LEU C 317 -26.01 -24.78 2.24
CA LEU C 317 -26.51 -25.82 3.13
C LEU C 317 -26.14 -27.17 2.52
N LEU C 318 -25.33 -27.96 3.23
CA LEU C 318 -24.79 -29.18 2.69
C LEU C 318 -25.08 -30.35 3.62
N LEU C 319 -24.98 -31.55 3.06
CA LEU C 319 -25.20 -32.79 3.77
C LEU C 319 -24.15 -33.78 3.29
N ARG C 320 -23.46 -34.40 4.24
CA ARG C 320 -22.42 -35.39 3.96
C ARG C 320 -23.03 -36.77 3.87
N ASP C 321 -22.59 -37.57 2.90
CA ASP C 321 -22.97 -38.98 2.88
C ASP C 321 -22.31 -39.69 4.05
N ASP C 330 -9.86 -42.28 1.84
CA ASP C 330 -11.16 -42.47 1.24
C ASP C 330 -11.73 -41.10 0.82
N THR C 331 -13.03 -41.05 0.53
CA THR C 331 -13.67 -39.83 0.07
C THR C 331 -14.81 -39.42 1.00
N GLU C 332 -14.99 -38.11 1.13
CA GLU C 332 -16.18 -37.51 1.72
C GLU C 332 -16.93 -36.78 0.62
N THR C 333 -18.24 -36.97 0.57
CA THR C 333 -19.08 -36.41 -0.47
C THR C 333 -20.12 -35.49 0.15
N PHE C 334 -20.24 -34.29 -0.42
CA PHE C 334 -21.19 -33.29 0.06
C PHE C 334 -22.20 -32.93 -1.01
N ARG C 335 -23.46 -32.86 -0.60
CA ARG C 335 -24.62 -32.58 -1.42
C ARG C 335 -25.38 -31.38 -0.90
N PRO C 336 -26.03 -30.63 -1.79
CA PRO C 336 -26.83 -29.50 -1.31
C PRO C 336 -28.00 -30.03 -0.50
N GLY C 337 -28.26 -29.36 0.63
CA GLY C 337 -29.35 -29.75 1.50
C GLY C 337 -30.39 -28.65 1.65
N GLY C 338 -31.25 -28.75 2.65
CA GLY C 338 -32.23 -27.71 2.90
C GLY C 338 -33.57 -28.29 3.25
N GLY C 339 -34.55 -27.44 3.52
CA GLY C 339 -35.92 -27.86 3.75
C GLY C 339 -36.46 -27.48 5.10
N ASP C 340 -35.61 -27.24 6.09
CA ASP C 340 -36.02 -26.80 7.41
C ASP C 340 -35.60 -25.34 7.53
N MET C 341 -36.54 -24.41 7.32
CA MET C 341 -36.11 -23.03 7.19
C MET C 341 -35.48 -22.47 8.46
N ARG C 342 -35.60 -23.16 9.60
CA ARG C 342 -34.95 -22.67 10.81
C ARG C 342 -33.45 -22.56 10.61
N ASP C 343 -32.87 -23.46 9.83
CA ASP C 343 -31.45 -23.38 9.51
C ASP C 343 -31.13 -22.05 8.85
N ASN C 344 -31.96 -21.60 7.91
CA ASN C 344 -31.73 -20.27 7.34
C ASN C 344 -31.63 -19.23 8.45
N TRP C 345 -32.61 -19.23 9.36
CA TRP C 345 -32.53 -18.26 10.47
C TRP C 345 -31.29 -18.49 11.32
N ARG C 346 -30.97 -19.75 11.63
CA ARG C 346 -29.74 -20.05 12.35
C ARG C 346 -28.53 -19.38 11.70
N SER C 347 -28.45 -19.44 10.36
CA SER C 347 -27.27 -18.93 9.69
C SER C 347 -27.05 -17.46 10.01
N GLU C 348 -28.09 -16.75 10.40
CA GLU C 348 -28.01 -15.33 10.74
C GLU C 348 -28.04 -15.08 12.24
N LEU C 349 -28.65 -15.97 13.02
CA LEU C 349 -28.85 -15.71 14.44
C LEU C 349 -27.79 -16.38 15.30
N TYR C 350 -26.79 -17.00 14.68
CA TYR C 350 -25.86 -17.85 15.42
C TYR C 350 -25.11 -17.07 16.48
N LYS C 351 -24.80 -15.81 16.20
CA LYS C 351 -23.95 -15.05 17.12
C LYS C 351 -24.72 -14.44 18.28
N TYR C 352 -26.04 -14.65 18.39
CA TYR C 352 -26.81 -13.97 19.42
C TYR C 352 -27.42 -14.92 20.44
N LYS C 353 -27.48 -14.42 21.68
CA LYS C 353 -28.19 -15.04 22.79
C LYS C 353 -29.02 -14.01 23.54
N VAL C 354 -30.19 -14.42 24.02
CA VAL C 354 -31.02 -13.64 24.94
C VAL C 354 -30.66 -13.97 26.39
N VAL C 355 -30.58 -12.94 27.28
CA VAL C 355 -30.11 -13.21 28.64
C VAL C 355 -30.87 -12.34 29.63
N GLU C 356 -30.88 -12.82 30.88
CA GLU C 356 -31.37 -12.16 32.12
C GLU C 356 -32.88 -11.84 32.16
N LYS D 6 9.80 36.35 36.75
CA LYS D 6 9.53 36.42 38.19
C LYS D 6 8.27 37.24 38.45
N THR D 7 7.90 38.08 37.47
CA THR D 7 6.71 38.93 37.54
C THR D 7 6.12 38.98 36.14
N THR D 8 5.06 39.77 35.96
CA THR D 8 4.45 39.96 34.66
C THR D 8 4.94 41.26 34.02
N LEU D 9 5.52 41.13 32.83
CA LEU D 9 6.10 42.23 32.06
C LEU D 9 5.02 43.01 31.32
N PHE D 10 5.41 44.09 30.66
CA PHE D 10 4.49 44.80 29.77
C PHE D 10 5.25 45.15 28.50
N CYS D 11 4.53 45.50 27.45
CA CYS D 11 5.21 45.76 26.19
C CYS D 11 5.11 47.24 25.82
N ALA D 12 6.18 47.72 25.20
CA ALA D 12 6.23 49.05 24.64
C ALA D 12 6.51 48.91 23.16
N SER D 13 5.77 49.66 22.35
CA SER D 13 5.94 49.55 20.90
C SER D 13 5.83 50.95 20.33
N ASP D 14 6.20 51.05 19.06
CA ASP D 14 6.21 52.36 18.44
C ASP D 14 5.09 52.45 17.43
N ALA D 15 4.03 51.68 17.66
CA ALA D 15 2.92 51.53 16.74
C ALA D 15 2.11 52.81 16.66
N LYS D 16 1.12 52.78 15.78
CA LYS D 16 0.27 53.94 15.54
C LYS D 16 -1.13 53.41 15.35
N ALA D 17 -2.11 53.98 16.04
CA ALA D 17 -3.45 53.44 15.86
C ALA D 17 -4.14 53.95 14.59
N TYR D 18 -3.45 54.66 13.71
CA TYR D 18 -3.92 54.84 12.35
C TYR D 18 -3.39 53.82 11.34
N GLU D 19 -2.23 53.17 11.56
CA GLU D 19 -2.00 51.96 10.80
C GLU D 19 -3.19 51.05 11.03
N LYS D 20 -3.63 50.34 9.98
CA LYS D 20 -4.39 49.13 10.26
C LYS D 20 -3.65 47.88 9.81
N GLU D 21 -2.33 48.01 9.68
CA GLU D 21 -1.48 46.85 9.84
C GLU D 21 -1.77 46.24 11.21
N VAL D 22 -1.86 44.92 11.26
CA VAL D 22 -2.47 44.30 12.44
C VAL D 22 -1.52 44.29 13.63
N HIS D 23 -0.20 44.19 13.42
CA HIS D 23 0.70 44.33 14.56
C HIS D 23 0.52 45.69 15.20
N ASN D 24 0.40 46.75 14.39
CA ASN D 24 0.16 48.09 14.91
C ASN D 24 -1.12 48.14 15.74
N VAL D 25 -2.19 47.56 15.20
CA VAL D 25 -3.48 47.61 15.89
C VAL D 25 -3.39 46.90 17.23
N TRP D 26 -2.88 45.66 17.22
CA TRP D 26 -2.73 44.92 18.46
C TRP D 26 -1.88 45.69 19.46
N ALA D 27 -0.78 46.28 18.99
CA ALA D 27 0.14 46.94 19.91
C ALA D 27 -0.47 48.18 20.51
N THR D 28 -1.22 48.94 19.70
CA THR D 28 -2.02 50.03 20.25
C THR D 28 -2.90 49.54 21.38
N HIS D 29 -3.51 48.36 21.21
CA HIS D 29 -4.42 47.88 22.24
C HIS D 29 -3.66 47.40 23.47
N ALA D 30 -2.44 46.89 23.29
CA ALA D 30 -1.80 46.07 24.31
C ALA D 30 -0.50 46.63 24.86
N CYS D 31 0.15 47.56 24.15
CA CYS D 31 1.44 48.07 24.57
C CYS D 31 1.35 49.56 24.88
N VAL D 32 2.32 50.04 25.65
CA VAL D 32 2.40 51.47 25.97
C VAL D 32 3.46 52.06 25.03
N PRO D 33 3.50 53.37 24.82
CA PRO D 33 4.53 53.91 23.93
C PRO D 33 5.93 53.76 24.50
N THR D 34 6.90 53.68 23.60
CA THR D 34 8.30 53.57 23.99
C THR D 34 8.85 54.88 24.56
N ASP D 35 9.65 54.72 25.64
CA ASP D 35 10.39 55.86 26.23
C ASP D 35 11.25 56.44 25.11
N PRO D 36 11.16 57.75 24.84
CA PRO D 36 12.03 58.33 23.80
C PRO D 36 13.50 58.09 24.05
N ASN D 37 13.97 58.23 25.28
CA ASN D 37 15.35 57.89 25.58
C ASN D 37 15.45 57.12 26.88
N PRO D 38 15.85 55.86 26.77
CA PRO D 38 15.76 54.96 27.91
C PRO D 38 17.02 54.99 28.75
N GLN D 39 16.87 54.48 29.97
CA GLN D 39 17.95 54.47 30.96
C GLN D 39 18.72 53.16 30.87
N GLU D 40 20.06 53.24 30.91
CA GLU D 40 20.87 52.04 31.02
C GLU D 40 21.98 52.24 32.05
N MET D 41 22.22 51.19 32.83
CA MET D 41 23.05 51.16 34.03
C MET D 41 24.10 50.07 33.82
N VAL D 42 25.35 50.44 33.45
CA VAL D 42 26.37 49.41 33.24
C VAL D 42 26.91 48.96 34.60
N LEU D 43 27.40 47.70 34.67
CA LEU D 43 27.94 47.13 35.90
C LEU D 43 28.96 46.02 35.63
N ALA D 44 30.15 46.34 35.11
CA ALA D 44 31.09 45.33 34.62
C ALA D 44 31.77 44.50 35.71
N ASN D 45 31.55 44.82 36.99
CA ASN D 45 32.06 43.99 38.08
C ASN D 45 31.10 42.84 38.42
N VAL D 46 29.81 42.98 38.10
CA VAL D 46 28.76 42.21 38.76
C VAL D 46 28.90 40.71 38.51
N THR D 47 28.94 40.29 37.25
CA THR D 47 28.87 38.87 36.88
C THR D 47 27.59 38.21 37.38
N GLU D 48 26.65 37.94 36.47
CA GLU D 48 25.40 37.26 36.80
C GLU D 48 25.24 36.04 35.90
N ASN D 49 24.41 35.10 36.35
CA ASN D 49 24.11 33.91 35.56
C ASN D 49 22.83 34.11 34.77
N PHE D 50 22.87 33.71 33.50
CA PHE D 50 21.68 33.66 32.66
C PHE D 50 21.46 32.23 32.20
N ASN D 51 20.22 31.93 31.82
CA ASN D 51 19.93 30.68 31.10
C ASN D 51 18.80 30.94 30.13
N MET D 52 19.16 31.20 28.87
CA MET D 52 18.18 31.50 27.84
C MET D 52 17.15 30.39 27.66
N TRP D 53 17.45 29.17 28.09
CA TRP D 53 16.58 28.04 27.80
C TRP D 53 15.49 27.87 28.84
N LYS D 54 15.40 28.80 29.78
CA LYS D 54 14.68 28.63 31.03
C LYS D 54 14.43 30.06 31.52
N ASN D 55 13.73 30.80 30.66
CA ASN D 55 13.56 32.24 30.75
C ASN D 55 12.10 32.58 30.61
N ASP D 56 11.51 33.06 31.70
CA ASP D 56 10.06 33.32 31.72
C ASP D 56 9.65 34.39 30.73
N MET D 57 10.57 35.31 30.34
CA MET D 57 10.20 36.28 29.30
C MET D 57 9.81 35.59 28.00
N VAL D 58 10.44 34.47 27.68
CA VAL D 58 10.04 33.72 26.49
C VAL D 58 8.58 33.32 26.58
N GLU D 59 8.15 32.86 27.75
CA GLU D 59 6.76 32.40 27.88
C GLU D 59 5.79 33.57 27.77
N GLN D 60 6.13 34.69 28.42
CA GLN D 60 5.26 35.86 28.34
C GLN D 60 5.11 36.30 26.88
N MET D 61 6.23 36.40 26.17
CA MET D 61 6.18 36.88 24.80
C MET D 61 5.46 35.88 23.90
N HIS D 62 5.66 34.58 24.13
CA HIS D 62 4.94 33.56 23.38
C HIS D 62 3.45 33.76 23.54
N GLU D 63 3.01 33.97 24.77
CA GLU D 63 1.60 34.25 25.02
C GLU D 63 1.13 35.47 24.24
N ASP D 64 1.95 36.53 24.25
CA ASP D 64 1.55 37.75 23.56
C ASP D 64 1.38 37.50 22.07
N ILE D 65 2.35 36.83 21.46
CA ILE D 65 2.28 36.64 20.01
C ILE D 65 1.13 35.74 19.64
N ILE D 66 0.83 34.73 20.48
CA ILE D 66 -0.37 33.93 20.26
C ILE D 66 -1.60 34.82 20.25
N SER D 67 -1.68 35.73 21.22
CA SER D 67 -2.84 36.63 21.26
C SER D 67 -2.87 37.51 20.02
N LEU D 68 -1.70 37.97 19.59
CA LEU D 68 -1.61 38.85 18.42
C LEU D 68 -2.16 38.13 17.20
N TRP D 69 -1.71 36.89 16.98
CA TRP D 69 -2.14 36.13 15.81
C TRP D 69 -3.61 35.78 15.89
N ASP D 70 -4.12 35.46 17.08
CA ASP D 70 -5.53 35.14 17.20
C ASP D 70 -6.38 36.35 16.85
N GLU D 71 -5.95 37.53 17.29
CA GLU D 71 -6.69 38.74 16.95
C GLU D 71 -6.50 39.18 15.52
N SER D 72 -5.39 38.84 14.89
CA SER D 72 -5.04 39.42 13.59
C SER D 72 -5.20 38.47 12.42
N LEU D 73 -4.76 37.21 12.55
CA LEU D 73 -4.84 36.21 11.48
C LEU D 73 -5.81 35.11 11.90
N LYS D 74 -7.06 35.47 11.96
CA LYS D 74 -8.18 34.58 12.12
C LYS D 74 -8.24 33.61 10.94
N PRO D 75 -8.22 32.31 11.18
CA PRO D 75 -8.48 31.36 10.10
C PRO D 75 -9.96 31.30 9.80
N CYS D 76 -10.28 30.97 8.55
CA CYS D 76 -11.68 30.67 8.24
C CYS D 76 -12.16 29.51 9.09
N VAL D 77 -11.36 28.46 9.18
CA VAL D 77 -11.72 27.32 10.02
C VAL D 77 -10.54 27.00 10.92
N LYS D 78 -10.83 26.60 12.16
CA LYS D 78 -9.79 26.10 13.06
C LYS D 78 -10.25 24.76 13.59
N LEU D 79 -9.47 23.71 13.38
CA LEU D 79 -9.78 22.39 13.88
C LEU D 79 -8.88 22.10 15.06
N THR D 80 -9.48 21.86 16.23
CA THR D 80 -8.69 21.56 17.41
C THR D 80 -9.34 20.38 18.11
N GLY D 81 -8.61 19.29 18.23
CA GLY D 81 -9.24 18.08 18.74
C GLY D 81 -10.40 17.71 17.83
N GLY D 82 -11.59 17.61 18.40
CA GLY D 82 -12.74 17.24 17.59
C GLY D 82 -13.45 18.47 17.07
N SER D 83 -13.16 19.60 17.71
CA SER D 83 -13.90 20.84 17.50
C SER D 83 -13.47 21.54 16.22
N ALA D 84 -14.42 22.26 15.61
CA ALA D 84 -14.12 23.13 14.48
C ALA D 84 -14.79 24.48 14.69
N ILE D 85 -14.04 25.55 14.47
CA ILE D 85 -14.47 26.90 14.79
C ILE D 85 -14.41 27.71 13.50
N THR D 86 -15.49 28.38 13.15
CA THR D 86 -15.54 29.08 11.87
C THR D 86 -15.64 30.58 12.17
N GLN D 87 -14.95 31.40 11.39
CA GLN D 87 -15.10 32.83 11.57
C GLN D 87 -14.65 33.56 10.33
N ALA D 88 -15.03 34.83 10.26
CA ALA D 88 -14.58 35.70 9.18
C ALA D 88 -13.07 35.66 9.09
N CYS D 89 -12.55 35.44 7.88
CA CYS D 89 -11.10 35.40 7.65
C CYS D 89 -10.70 36.41 6.57
N PRO D 90 -10.87 37.71 6.84
CA PRO D 90 -10.49 38.72 5.84
C PRO D 90 -9.01 38.73 5.62
N LYS D 91 -8.61 39.07 4.39
CA LYS D 91 -7.23 39.42 4.13
C LYS D 91 -6.89 40.71 4.87
N VAL D 92 -5.64 40.81 5.35
CA VAL D 92 -5.23 41.93 6.18
C VAL D 92 -3.85 42.38 5.73
N SER D 93 -3.44 43.56 6.20
CA SER D 93 -2.07 43.98 5.98
C SER D 93 -1.26 43.55 7.19
N PHE D 94 -0.13 42.91 6.93
CA PHE D 94 0.58 42.14 7.95
C PHE D 94 2.08 42.35 7.72
N ASP D 95 2.71 43.14 8.58
CA ASP D 95 4.15 43.38 8.54
C ASP D 95 4.64 43.57 9.96
N PRO D 96 5.41 42.62 10.51
CA PRO D 96 5.73 42.67 11.94
C PRO D 96 6.48 43.94 12.31
N ILE D 97 6.17 44.44 13.49
CA ILE D 97 6.80 45.64 14.02
C ILE D 97 7.57 45.21 15.27
N PRO D 98 8.57 45.98 15.69
CA PRO D 98 9.31 45.60 16.90
C PRO D 98 8.48 45.80 18.16
N LEU D 99 8.67 44.89 19.12
CA LEU D 99 8.06 44.98 20.44
C LEU D 99 9.16 45.00 21.48
N HIS D 100 9.01 45.86 22.48
CA HIS D 100 9.92 45.95 23.59
C HIS D 100 9.23 45.34 24.80
N TYR D 101 9.98 44.55 25.57
CA TYR D 101 9.45 43.98 26.79
C TYR D 101 10.08 44.68 27.99
N CYS D 102 9.24 45.11 28.92
CA CYS D 102 9.60 46.06 29.95
C CYS D 102 9.23 45.51 31.33
N ALA D 103 10.12 45.74 32.28
CA ALA D 103 9.91 45.32 33.65
C ALA D 103 9.03 46.34 34.37
N PRO D 104 8.02 45.90 35.10
CA PRO D 104 7.15 46.85 35.79
C PRO D 104 7.87 47.45 36.98
N ALA D 105 7.24 48.46 37.57
CA ALA D 105 7.83 49.20 38.69
C ALA D 105 8.34 48.26 39.77
N GLY D 106 9.62 48.40 40.13
CA GLY D 106 10.22 47.61 41.19
C GLY D 106 10.94 46.36 40.72
N PHE D 107 10.96 46.09 39.41
CA PHE D 107 11.76 45.05 38.78
C PHE D 107 12.67 45.70 37.76
N ALA D 108 13.70 44.97 37.38
CA ALA D 108 14.54 45.49 36.30
C ALA D 108 14.84 44.36 35.34
N ILE D 109 15.45 44.70 34.21
CA ILE D 109 15.89 43.70 33.26
C ILE D 109 17.40 43.84 33.14
N LEU D 110 18.12 42.81 33.59
CA LEU D 110 19.55 42.69 33.33
C LEU D 110 19.78 42.26 31.89
N LYS D 111 20.59 43.03 31.20
CA LYS D 111 21.16 42.60 29.94
C LYS D 111 22.60 42.16 30.14
N CYS D 112 22.96 41.02 29.57
CA CYS D 112 24.35 40.61 29.53
C CYS D 112 25.05 41.27 28.36
N ASN D 113 26.15 42.02 28.60
CA ASN D 113 26.73 42.71 27.46
C ASN D 113 27.92 42.00 26.86
N ASN D 114 28.27 40.79 27.32
CA ASN D 114 29.35 40.05 26.67
C ASN D 114 28.94 39.71 25.24
N LYS D 115 29.68 40.22 24.25
CA LYS D 115 29.29 40.01 22.86
C LYS D 115 29.34 38.54 22.43
N THR D 116 30.01 37.66 23.17
CA THR D 116 30.15 36.27 22.79
C THR D 116 29.38 35.33 23.70
N PHE D 117 28.63 35.85 24.66
CA PHE D 117 27.77 35.06 25.52
C PHE D 117 26.98 34.03 24.74
N ASN D 118 27.08 32.76 25.13
CA ASN D 118 26.36 31.74 24.40
C ASN D 118 24.94 31.56 24.92
N GLY D 119 24.54 32.34 25.91
CA GLY D 119 23.18 32.32 26.44
C GLY D 119 23.03 31.53 27.72
N THR D 120 24.09 30.91 28.19
CA THR D 120 24.07 30.03 29.34
C THR D 120 25.26 30.33 30.24
N GLY D 121 25.03 30.31 31.56
CA GLY D 121 26.13 30.41 32.49
C GLY D 121 26.38 31.83 32.97
N PRO D 122 27.59 32.09 33.45
CA PRO D 122 27.92 33.43 33.96
C PRO D 122 28.39 34.38 32.88
N CYS D 123 28.10 35.66 33.12
CA CYS D 123 28.41 36.76 32.21
C CYS D 123 28.90 37.94 33.06
N ARG D 124 30.08 38.48 32.73
CA ARG D 124 30.68 39.49 33.61
C ARG D 124 30.16 40.91 33.38
N ASN D 125 30.13 41.39 32.13
CA ASN D 125 29.66 42.75 31.87
C ASN D 125 28.13 42.74 31.79
N VAL D 126 27.46 43.28 32.81
CA VAL D 126 26.00 43.25 32.91
C VAL D 126 25.48 44.67 33.00
N SER D 127 24.27 44.89 32.48
CA SER D 127 23.58 46.17 32.53
C SER D 127 22.20 46.00 33.15
N THR D 128 21.67 47.11 33.65
CA THR D 128 20.27 47.22 34.03
C THR D 128 19.53 48.16 33.10
N VAL D 129 18.35 47.72 32.65
CA VAL D 129 17.51 48.47 31.72
C VAL D 129 16.06 48.28 32.13
N GLN D 130 15.22 49.26 31.76
CA GLN D 130 13.77 49.06 31.77
C GLN D 130 13.31 48.00 30.79
N CYS D 131 13.70 48.13 29.54
CA CYS D 131 13.09 47.31 28.50
C CYS D 131 14.14 46.66 27.62
N THR D 132 13.74 45.55 26.99
CA THR D 132 14.57 44.93 25.97
C THR D 132 14.64 45.84 24.75
N HIS D 133 15.50 45.48 23.80
CA HIS D 133 15.47 46.13 22.51
C HIS D 133 14.17 45.78 21.79
N GLY D 134 13.98 46.35 20.60
CA GLY D 134 12.77 46.07 19.85
C GLY D 134 12.92 44.73 19.16
N ILE D 135 11.98 43.83 19.39
CA ILE D 135 12.04 42.49 18.81
C ILE D 135 10.87 42.32 17.86
N LYS D 136 11.15 42.03 16.59
CA LYS D 136 10.07 41.72 15.66
C LYS D 136 9.62 40.29 15.87
N PRO D 137 8.35 40.03 16.17
CA PRO D 137 7.89 38.64 16.41
C PRO D 137 7.68 37.87 15.11
N VAL D 138 8.76 37.40 14.52
CA VAL D 138 8.71 36.76 13.20
C VAL D 138 8.53 35.25 13.35
N VAL D 139 7.37 34.74 12.96
CA VAL D 139 7.08 33.32 13.05
C VAL D 139 7.68 32.63 11.82
N SER D 140 8.53 31.62 12.05
CA SER D 140 9.09 30.88 10.92
C SER D 140 9.79 29.61 11.43
N THR D 141 10.18 28.77 10.49
CA THR D 141 10.99 27.59 10.76
C THR D 141 12.29 27.66 9.98
N GLN D 142 13.23 26.79 10.35
CA GLN D 142 14.52 26.60 9.69
C GLN D 142 15.39 27.86 9.70
N LEU D 143 14.92 28.96 9.15
CA LEU D 143 15.72 30.18 9.15
C LEU D 143 15.04 31.21 10.04
N LEU D 144 15.86 31.89 10.83
CA LEU D 144 15.38 33.02 11.64
C LEU D 144 15.56 34.30 10.82
N LEU D 145 14.47 35.05 10.68
CA LEU D 145 14.40 36.18 9.77
C LEU D 145 14.31 37.48 10.55
N ASN D 146 15.02 38.49 10.08
CA ASN D 146 14.82 39.87 10.54
C ASN D 146 15.14 40.03 12.03
N GLY D 147 16.08 39.26 12.56
CA GLY D 147 16.54 39.42 13.93
C GLY D 147 17.68 40.41 13.99
N SER D 148 18.41 40.37 15.10
CA SER D 148 19.57 41.22 15.26
C SER D 148 20.79 40.33 15.28
N LEU D 149 21.80 40.68 14.48
CA LEU D 149 22.93 39.79 14.35
C LEU D 149 23.84 39.83 15.58
N ALA D 150 24.67 38.80 15.71
CA ALA D 150 25.73 38.78 16.71
C ALA D 150 26.79 39.82 16.36
N GLU D 151 27.41 40.44 17.38
CA GLU D 151 28.25 41.61 17.12
C GLU D 151 29.66 41.23 16.69
N GLU D 152 30.17 40.10 17.21
CA GLU D 152 31.52 39.65 16.90
C GLU D 152 31.40 38.38 16.08
N GLU D 153 31.68 37.21 16.63
CA GLU D 153 31.62 35.94 15.94
C GLU D 153 30.24 35.30 15.99
N ILE D 154 30.00 34.43 15.00
CA ILE D 154 28.83 33.57 14.99
C ILE D 154 28.75 32.83 16.31
N ILE D 155 27.59 32.87 16.96
CA ILE D 155 27.41 32.20 18.25
C ILE D 155 26.57 30.94 18.04
N ILE D 156 26.92 29.89 18.78
CA ILE D 156 26.22 28.61 18.76
C ILE D 156 25.52 28.46 20.10
N ARG D 157 24.20 28.33 20.09
CA ARG D 157 23.48 28.18 21.34
C ARG D 157 22.73 26.85 21.36
N SER D 158 22.77 26.18 22.50
CA SER D 158 21.96 24.99 22.67
C SER D 158 21.80 24.71 24.15
N GLU D 159 20.63 24.18 24.51
CA GLU D 159 20.43 23.78 25.88
C GLU D 159 21.46 22.74 26.27
N ASN D 160 21.86 21.90 25.31
CA ASN D 160 22.75 20.78 25.54
C ASN D 160 23.27 20.20 24.23
N LEU D 161 24.43 20.66 23.76
CA LEU D 161 24.93 20.20 22.47
C LEU D 161 25.13 18.69 22.41
N THR D 162 25.34 18.03 23.54
CA THR D 162 25.52 16.58 23.47
C THR D 162 24.20 15.86 23.22
N ASN D 163 23.10 16.42 23.71
CA ASN D 163 21.78 15.86 23.47
C ASN D 163 21.32 16.30 22.08
N ASN D 164 21.40 15.41 21.09
CA ASN D 164 21.02 15.76 19.74
C ASN D 164 19.53 16.07 19.58
N ALA D 165 18.70 15.80 20.59
CA ALA D 165 17.29 16.16 20.50
C ALA D 165 17.02 17.62 20.78
N LYS D 166 18.00 18.37 21.33
CA LYS D 166 17.82 19.80 21.65
C LYS D 166 18.17 20.67 20.45
N THR D 167 17.27 21.57 20.12
CA THR D 167 17.45 22.48 19.00
C THR D 167 18.73 23.31 19.17
N ILE D 168 19.46 23.50 18.08
CA ILE D 168 20.63 24.39 18.04
C ILE D 168 20.23 25.70 17.38
N ILE D 169 20.49 26.82 18.04
CA ILE D 169 20.29 28.14 17.44
C ILE D 169 21.65 28.67 17.00
N VAL D 170 21.79 29.00 15.73
CA VAL D 170 23.00 29.57 15.18
C VAL D 170 22.73 31.06 14.98
N HIS D 171 23.46 31.90 15.72
CA HIS D 171 23.33 33.35 15.65
C HIS D 171 24.40 33.91 14.72
N LEU D 172 23.97 34.40 13.57
CA LEU D 172 24.87 34.88 12.52
C LEU D 172 25.40 36.27 12.87
N ASN D 173 26.62 36.59 12.39
CA ASN D 173 27.11 37.96 12.54
C ASN D 173 26.95 38.78 11.28
N GLU D 174 26.70 38.15 10.15
CA GLU D 174 26.49 38.79 8.86
C GLU D 174 25.16 38.27 8.31
N SER D 175 24.23 39.17 8.01
CA SER D 175 22.94 38.66 7.54
C SER D 175 23.04 38.24 6.07
N VAL D 176 22.13 37.36 5.67
CA VAL D 176 22.10 36.81 4.31
C VAL D 176 20.73 37.10 3.71
N ASN D 177 20.71 37.88 2.64
CA ASN D 177 19.43 38.26 2.04
C ASN D 177 18.69 37.04 1.53
N ILE D 178 17.37 37.04 1.71
CA ILE D 178 16.50 36.04 1.08
C ILE D 178 15.31 36.79 0.53
N VAL D 179 15.00 36.58 -0.75
CA VAL D 179 13.92 37.32 -1.40
C VAL D 179 12.89 36.33 -1.89
N CYS D 180 11.68 36.39 -1.34
CA CYS D 180 10.64 35.45 -1.73
C CYS D 180 9.51 36.20 -2.41
N THR D 181 8.97 35.58 -3.45
CA THR D 181 7.99 36.25 -4.28
C THR D 181 7.05 35.23 -4.90
N ARG D 182 5.76 35.55 -4.82
CA ARG D 182 4.74 35.00 -5.71
C ARG D 182 4.47 36.07 -6.75
N PRO D 183 4.94 35.90 -7.98
CA PRO D 183 4.80 36.95 -8.98
C PRO D 183 3.35 37.14 -9.35
N ASN D 184 3.12 38.15 -10.18
CA ASN D 184 1.77 38.52 -10.62
C ASN D 184 1.22 37.68 -11.77
N ASN D 193 0.16 29.07 -11.93
CA ASN D 193 -0.42 28.66 -10.64
C ASN D 193 -0.34 29.72 -9.57
N ILE D 194 -1.51 30.03 -8.99
CA ILE D 194 -1.62 31.07 -7.99
C ILE D 194 -0.79 30.73 -6.74
N ARG D 195 -0.62 29.42 -6.44
CA ARG D 195 0.13 29.04 -5.25
C ARG D 195 1.64 29.04 -5.42
N GLN D 196 2.19 29.22 -6.63
CA GLN D 196 3.59 28.89 -6.83
C GLN D 196 4.43 30.13 -6.61
N ALA D 197 5.59 29.96 -5.98
CA ALA D 197 6.43 31.10 -5.64
C ALA D 197 7.86 30.61 -5.51
N HIS D 198 8.78 31.55 -5.26
CA HIS D 198 10.18 31.16 -5.19
C HIS D 198 10.95 32.17 -4.37
N CYS D 199 12.04 31.70 -3.76
CA CYS D 199 12.99 32.55 -3.05
C CYS D 199 14.35 32.49 -3.70
N ASN D 200 15.08 33.60 -3.63
CA ASN D 200 16.41 33.72 -4.19
C ASN D 200 17.38 34.09 -3.08
N ILE D 201 18.47 33.33 -3.00
CA ILE D 201 19.59 33.62 -2.10
C ILE D 201 20.85 33.64 -2.94
N ASN D 202 21.68 34.66 -2.73
CA ASN D 202 22.97 34.76 -3.40
C ASN D 202 23.83 33.58 -2.93
N GLU D 203 24.09 32.61 -3.81
CA GLU D 203 24.89 31.46 -3.38
C GLU D 203 26.23 31.88 -2.80
N SER D 204 26.68 33.10 -3.06
CA SER D 204 28.00 33.50 -2.60
C SER D 204 28.01 33.71 -1.09
N LYS D 205 27.09 34.54 -0.59
CA LYS D 205 27.00 34.77 0.85
C LYS D 205 26.57 33.52 1.58
N TRP D 206 25.65 32.74 0.99
CA TRP D 206 25.28 31.48 1.62
C TRP D 206 26.50 30.58 1.75
N ASN D 207 27.34 30.58 0.74
CA ASN D 207 28.55 29.77 0.74
C ASN D 207 29.45 30.20 1.90
N ASN D 208 29.74 31.49 1.97
CA ASN D 208 30.58 32.02 3.04
C ASN D 208 30.03 31.68 4.41
N THR D 209 28.75 32.00 4.63
CA THR D 209 28.19 31.83 5.97
C THR D 209 28.18 30.37 6.36
N LEU D 210 27.92 29.46 5.42
CA LEU D 210 28.01 28.07 5.85
C LEU D 210 29.46 27.67 6.10
N GLN D 211 30.42 28.26 5.39
CA GLN D 211 31.81 28.01 5.74
C GLN D 211 32.04 28.32 7.20
N LYS D 212 31.59 29.49 7.64
CA LYS D 212 31.92 29.90 9.00
C LYS D 212 31.07 29.20 10.05
N VAL D 213 29.83 28.86 9.71
CA VAL D 213 29.04 28.04 10.63
C VAL D 213 29.72 26.69 10.82
N GLY D 214 30.23 26.11 9.73
CA GLY D 214 30.98 24.87 9.85
C GLY D 214 32.20 25.02 10.72
N GLU D 215 32.91 26.14 10.59
CA GLU D 215 34.05 26.37 11.49
C GLU D 215 33.62 26.27 12.95
N GLU D 216 32.58 27.03 13.33
CA GLU D 216 32.16 27.07 14.73
C GLU D 216 31.65 25.71 15.22
N LEU D 217 30.84 25.05 14.39
CA LEU D 217 30.40 23.71 14.74
C LEU D 217 31.59 22.78 14.94
N ALA D 218 32.66 22.98 14.16
CA ALA D 218 33.84 22.13 14.28
C ALA D 218 34.53 22.32 15.62
N LYS D 219 34.71 23.57 16.02
CA LYS D 219 35.12 23.82 17.40
C LYS D 219 34.32 22.99 18.38
N HIS D 220 33.01 22.85 18.17
CA HIS D 220 32.29 22.04 19.15
C HIS D 220 32.32 20.54 18.90
N PHE D 221 32.57 20.07 17.68
CA PHE D 221 32.72 18.64 17.39
C PHE D 221 33.98 18.47 16.55
N PRO D 222 35.13 18.29 17.18
CA PRO D 222 36.40 18.52 16.46
C PRO D 222 36.90 17.37 15.59
N SER D 223 36.74 16.13 16.02
CA SER D 223 37.25 15.06 15.16
C SER D 223 36.42 14.85 13.90
N LYS D 224 35.23 15.45 13.81
CA LYS D 224 34.24 14.97 12.86
C LYS D 224 34.18 15.87 11.64
N THR D 225 33.67 15.30 10.54
CA THR D 225 33.40 16.09 9.34
C THR D 225 31.97 16.63 9.47
N ILE D 226 31.70 17.83 8.95
CA ILE D 226 30.45 18.50 9.29
C ILE D 226 29.59 18.61 8.04
N LYS D 227 28.46 17.89 8.01
CA LYS D 227 27.59 17.91 6.85
C LYS D 227 26.30 18.65 7.13
N PHE D 228 25.80 19.35 6.10
CA PHE D 228 24.48 19.97 6.13
C PHE D 228 23.59 19.29 5.13
N GLU D 229 22.38 18.94 5.55
CA GLU D 229 21.44 18.13 4.81
C GLU D 229 20.01 18.59 5.04
N PRO D 230 19.12 18.33 4.09
CA PRO D 230 17.74 18.81 4.24
C PRO D 230 17.04 18.11 5.38
N SER D 231 15.97 18.74 5.85
CA SER D 231 15.20 18.16 6.93
C SER D 231 14.66 16.81 6.51
N SER D 232 14.88 15.81 7.35
CA SER D 232 14.40 14.45 7.13
C SER D 232 12.89 14.42 6.98
N GLY D 233 12.13 14.41 8.07
CA GLY D 233 10.69 14.24 7.93
C GLY D 233 9.89 15.09 8.89
N GLY D 234 8.57 15.00 8.74
CA GLY D 234 7.64 15.71 9.60
C GLY D 234 6.65 16.50 8.79
N ASP D 235 5.88 17.36 9.47
CA ASP D 235 4.94 18.22 8.77
C ASP D 235 5.67 19.16 7.83
N LEU D 236 4.98 19.56 6.76
CA LEU D 236 5.54 20.49 5.81
C LEU D 236 6.10 21.73 6.49
N GLU D 237 5.48 22.16 7.59
CA GLU D 237 5.88 23.41 8.22
C GLU D 237 7.32 23.37 8.71
N ILE D 238 7.83 22.18 9.04
CA ILE D 238 9.21 22.06 9.53
C ILE D 238 10.14 21.42 8.51
N THR D 239 9.62 20.63 7.56
CA THR D 239 10.51 20.12 6.53
C THR D 239 10.80 21.15 5.46
N THR D 240 10.10 22.27 5.49
CA THR D 240 10.40 23.39 4.61
C THR D 240 10.62 24.63 5.46
N HIS D 241 11.23 25.64 4.87
CA HIS D 241 11.30 26.95 5.51
C HIS D 241 9.95 27.60 5.32
N SER D 242 9.17 27.69 6.39
CA SER D 242 7.81 28.22 6.29
C SER D 242 7.72 29.53 7.07
N PHE D 243 6.86 30.42 6.59
CA PHE D 243 6.80 31.74 7.18
C PHE D 243 5.59 32.48 6.61
N ASN D 244 5.21 33.57 7.25
CA ASN D 244 4.11 34.38 6.77
C ASN D 244 4.65 35.62 6.08
N CYS D 245 4.18 35.87 4.86
CA CYS D 245 4.60 37.02 4.08
C CYS D 245 3.34 37.77 3.65
N ARG D 246 3.17 38.95 4.22
CA ARG D 246 2.07 39.87 3.93
C ARG D 246 0.73 39.11 4.00
N GLY D 247 0.61 38.20 4.97
CA GLY D 247 -0.62 37.50 5.22
C GLY D 247 -0.62 36.06 4.74
N GLU D 248 0.21 35.72 3.77
CA GLU D 248 0.12 34.42 3.12
C GLU D 248 1.20 33.49 3.67
N PHE D 249 0.86 32.21 3.76
CA PHE D 249 1.76 31.22 4.36
C PHE D 249 2.59 30.58 3.26
N PHE D 250 3.88 30.91 3.23
CA PHE D 250 4.85 30.34 2.29
C PHE D 250 5.51 29.12 2.89
N TYR D 251 5.66 28.08 2.07
CA TYR D 251 6.43 26.89 2.40
C TYR D 251 7.48 26.76 1.31
N CYS D 252 8.76 26.91 1.66
CA CYS D 252 9.84 26.97 0.68
C CYS D 252 10.82 25.82 0.90
N ASN D 253 11.10 25.08 -0.17
CA ASN D 253 11.96 23.90 -0.11
C ASN D 253 13.40 24.33 0.09
N THR D 254 14.06 23.77 1.11
CA THR D 254 15.44 24.18 1.41
C THR D 254 16.46 23.11 1.07
N SER D 255 16.10 22.13 0.25
CA SER D 255 17.02 21.03 0.02
C SER D 255 18.20 21.44 -0.86
N ASP D 256 18.12 22.55 -1.57
CA ASP D 256 19.31 23.09 -2.22
C ASP D 256 20.06 24.06 -1.33
N LEU D 257 19.58 24.27 -0.11
CA LEU D 257 20.18 25.21 0.82
C LEU D 257 20.97 24.52 1.92
N PHE D 258 20.36 23.55 2.60
CA PHE D 258 21.06 22.73 3.59
C PHE D 258 21.55 21.48 2.88
N ASN D 259 22.71 21.64 2.22
CA ASN D 259 23.20 20.67 1.26
C ASN D 259 24.68 20.98 1.01
N GLY D 260 25.54 20.49 1.88
CA GLY D 260 26.94 20.87 1.79
C GLY D 260 27.76 20.07 2.77
N THR D 261 29.09 20.20 2.64
CA THR D 261 30.04 19.48 3.48
C THR D 261 31.20 20.38 3.84
N TYR D 262 31.55 20.42 5.11
CA TYR D 262 32.71 21.12 5.63
C TYR D 262 33.70 20.05 6.11
N ARG D 263 34.80 19.90 5.38
CA ARG D 263 35.70 18.74 5.53
C ARG D 263 36.96 19.08 6.30
N ASN D 264 37.89 19.77 5.64
CA ASN D 264 39.21 20.00 6.21
C ASN D 264 39.41 21.51 6.27
N GLY D 265 38.67 22.17 7.16
CA GLY D 265 38.68 23.62 7.23
C GLY D 265 38.07 24.31 6.03
N THR D 266 37.41 23.57 5.14
CA THR D 266 36.84 24.09 3.91
C THR D 266 35.42 23.56 3.64
N TYR D 267 34.53 24.47 3.22
CA TYR D 267 33.14 24.17 2.92
C TYR D 267 32.92 24.04 1.41
N ASN D 268 32.27 22.94 1.03
CA ASN D 268 31.79 22.65 -0.32
C ASN D 268 30.27 22.64 -0.34
N HIS D 269 29.68 23.41 -1.25
CA HIS D 269 28.23 23.39 -1.37
C HIS D 269 27.78 22.34 -2.37
N THR D 270 26.80 21.53 -1.94
CA THR D 270 26.29 20.41 -2.73
C THR D 270 24.92 20.70 -3.36
N GLY D 271 24.17 21.67 -2.84
CA GLY D 271 22.92 22.03 -3.46
C GLY D 271 23.15 22.62 -4.83
N ARG D 272 22.08 22.75 -5.62
CA ARG D 272 22.28 23.18 -6.99
C ARG D 272 21.97 24.67 -7.07
N SER D 273 22.77 25.40 -7.82
CA SER D 273 22.53 26.83 -8.04
C SER D 273 22.65 27.13 -9.51
N SER D 274 22.21 28.32 -9.90
CA SER D 274 22.19 28.74 -11.29
C SER D 274 22.51 30.23 -11.34
N ASN D 275 23.47 30.61 -12.18
CA ASN D 275 23.91 32.01 -12.27
C ASN D 275 24.33 32.53 -10.89
N GLY D 276 24.79 31.62 -10.02
CA GLY D 276 25.25 32.02 -8.72
C GLY D 276 24.18 32.42 -7.73
N THR D 277 22.94 31.94 -7.91
CA THR D 277 21.90 32.10 -6.91
C THR D 277 21.22 30.77 -6.71
N ILE D 278 20.92 30.44 -5.44
CA ILE D 278 20.04 29.33 -5.10
C ILE D 278 18.62 29.84 -5.16
N THR D 279 17.73 29.02 -5.72
CA THR D 279 16.33 29.39 -5.84
C THR D 279 15.49 28.28 -5.24
N LEU D 280 14.79 28.61 -4.15
CA LEU D 280 13.90 27.68 -3.47
C LEU D 280 12.50 27.76 -4.08
N GLN D 281 11.97 26.60 -4.45
CA GLN D 281 10.58 26.49 -4.87
C GLN D 281 9.68 26.57 -3.63
N CYS D 282 8.66 27.43 -3.69
CA CYS D 282 7.71 27.63 -2.61
C CYS D 282 6.29 27.40 -3.11
N LYS D 283 5.44 26.98 -2.18
CA LYS D 283 3.99 26.94 -2.36
C LYS D 283 3.34 27.80 -1.27
N ILE D 284 2.29 28.53 -1.64
CA ILE D 284 1.44 29.20 -0.67
C ILE D 284 0.31 28.27 -0.28
N LYS D 285 0.15 28.00 1.01
CA LYS D 285 -0.80 26.98 1.42
C LYS D 285 -1.95 27.58 2.20
N GLN D 286 -3.07 26.86 2.23
CA GLN D 286 -4.31 27.24 2.89
C GLN D 286 -4.49 26.52 4.22
N ILE D 287 -4.11 25.24 4.27
CA ILE D 287 -4.25 24.42 5.46
C ILE D 287 -2.93 24.42 6.21
N ILE D 288 -2.95 24.92 7.44
CA ILE D 288 -1.75 25.18 8.23
C ILE D 288 -1.78 24.31 9.47
N ASN D 289 -0.65 23.68 9.77
CA ASN D 289 -0.47 23.11 11.09
C ASN D 289 -0.07 24.24 12.02
N MET D 290 -0.86 24.46 13.06
CA MET D 290 -0.64 25.63 13.90
C MET D 290 0.61 25.47 14.75
N TRP D 291 1.29 26.59 14.96
CA TRP D 291 2.39 26.63 15.90
C TRP D 291 1.94 26.92 17.31
N GLN D 292 0.75 27.48 17.48
CA GLN D 292 0.26 27.87 18.80
C GLN D 292 -0.19 26.68 19.63
N GLU D 293 -0.79 25.69 18.97
CA GLU D 293 -1.36 24.52 19.62
C GLU D 293 -1.39 23.40 18.61
N VAL D 294 -1.63 22.19 19.09
CA VAL D 294 -1.81 21.06 18.19
C VAL D 294 -3.18 21.23 17.52
N GLY D 295 -3.16 21.53 16.23
CA GLY D 295 -4.39 21.86 15.55
C GLY D 295 -4.08 22.30 14.14
N ARG D 296 -5.14 22.45 13.35
CA ARG D 296 -5.09 22.87 11.97
C ARG D 296 -5.91 24.12 11.77
N ALA D 297 -5.54 24.89 10.75
CA ALA D 297 -6.16 26.18 10.51
C ALA D 297 -6.27 26.39 9.01
N ILE D 298 -7.44 26.82 8.56
CA ILE D 298 -7.71 26.96 7.14
C ILE D 298 -8.01 28.42 6.83
N TYR D 299 -7.30 28.94 5.82
CA TYR D 299 -7.33 30.32 5.38
C TYR D 299 -7.82 30.41 3.94
N ALA D 300 -8.17 31.63 3.54
CA ALA D 300 -8.69 31.88 2.20
C ALA D 300 -7.58 31.82 1.17
N PRO D 301 -7.92 31.65 -0.11
CA PRO D 301 -6.89 31.60 -1.17
C PRO D 301 -6.11 32.90 -1.23
N PRO D 302 -4.99 32.92 -1.96
CA PRO D 302 -4.10 34.09 -1.89
C PRO D 302 -4.72 35.31 -2.54
N ILE D 303 -4.37 36.48 -1.98
CA ILE D 303 -4.58 37.73 -2.68
C ILE D 303 -3.87 37.68 -4.03
N GLU D 304 -4.29 38.56 -4.91
CA GLU D 304 -3.62 38.79 -6.19
C GLU D 304 -2.63 39.95 -6.14
N GLY D 305 -1.90 40.08 -7.25
CA GLY D 305 -0.72 40.91 -7.29
C GLY D 305 0.53 40.11 -6.96
N GLU D 306 1.66 40.82 -6.92
CA GLU D 306 2.91 40.20 -6.49
C GLU D 306 2.98 40.24 -4.98
N ILE D 307 3.35 39.12 -4.39
CA ILE D 307 3.54 39.03 -2.96
C ILE D 307 5.01 38.81 -2.73
N THR D 308 5.69 39.81 -2.17
CA THR D 308 7.14 39.75 -2.03
C THR D 308 7.58 40.13 -0.63
N CYS D 309 8.46 39.32 -0.05
CA CYS D 309 9.12 39.66 1.19
C CYS D 309 10.63 39.66 0.96
N ASN D 310 11.28 40.71 1.45
CA ASN D 310 12.72 40.89 1.32
C ASN D 310 13.27 40.82 2.73
N SER D 311 13.84 39.69 3.12
CA SER D 311 14.15 39.46 4.52
C SER D 311 15.64 39.22 4.67
N ASN D 312 16.15 39.51 5.87
CA ASN D 312 17.50 39.13 6.24
C ASN D 312 17.45 37.82 7.01
N ILE D 313 18.15 36.80 6.55
CA ILE D 313 18.44 35.65 7.39
C ILE D 313 19.48 36.08 8.42
N THR D 314 19.10 36.04 9.70
CA THR D 314 20.01 36.39 10.78
C THR D 314 20.32 35.22 11.71
N GLY D 315 19.73 34.06 11.50
CA GLY D 315 20.04 32.91 12.34
C GLY D 315 19.49 31.65 11.71
N LEU D 316 19.91 30.52 12.25
CA LEU D 316 19.45 29.23 11.77
C LEU D 316 19.01 28.38 12.95
N LEU D 317 18.08 27.46 12.70
CA LEU D 317 17.66 26.46 13.68
C LEU D 317 18.02 25.10 13.13
N LEU D 318 18.89 24.37 13.84
CA LEU D 318 19.44 23.12 13.34
C LEU D 318 19.23 22.01 14.35
N LEU D 319 19.33 20.78 13.85
CA LEU D 319 19.20 19.57 14.65
C LEU D 319 20.24 18.59 14.17
N ARG D 320 21.01 18.04 15.11
CA ARG D 320 22.05 17.07 14.83
C ARG D 320 21.46 15.66 14.86
N ASP D 321 21.88 14.83 13.90
CA ASP D 321 21.54 13.41 14.00
C ASP D 321 22.29 12.78 15.18
N ASP D 330 34.65 10.35 12.37
CA ASP D 330 33.31 10.10 11.86
C ASP D 330 32.68 11.42 11.40
N THR D 331 31.37 11.42 11.18
CA THR D 331 30.67 12.60 10.70
C THR D 331 29.57 13.04 11.65
N GLU D 332 29.36 14.35 11.72
CA GLU D 332 28.21 14.95 12.35
C GLU D 332 27.36 15.60 11.25
N THR D 333 26.05 15.37 11.30
CA THR D 333 25.14 15.86 10.27
C THR D 333 24.12 16.79 10.89
N PHE D 334 23.93 17.94 10.27
CA PHE D 334 22.99 18.94 10.75
C PHE D 334 21.90 19.21 9.72
N ARG D 335 20.67 19.28 10.20
CA ARG D 335 19.45 19.48 9.44
C ARG D 335 18.70 20.71 9.93
N PRO D 336 17.98 21.38 9.04
CA PRO D 336 17.17 22.51 9.50
C PRO D 336 16.07 22.01 10.41
N GLY D 337 15.86 22.73 11.50
CA GLY D 337 14.83 22.38 12.47
C GLY D 337 13.77 23.46 12.61
N GLY D 338 12.98 23.41 13.67
CA GLY D 338 11.99 24.44 13.91
C GLY D 338 10.68 23.84 14.38
N GLY D 339 9.69 24.69 14.66
CA GLY D 339 8.35 24.25 14.99
C GLY D 339 7.88 24.69 16.35
N ASP D 340 8.80 25.02 17.26
CA ASP D 340 8.44 25.52 18.59
C ASP D 340 8.83 26.99 18.59
N MET D 341 7.86 27.89 18.38
CA MET D 341 8.24 29.28 18.14
C MET D 341 8.93 29.92 19.34
N ARG D 342 8.89 29.30 20.52
CA ARG D 342 9.60 29.88 21.66
C ARG D 342 11.08 30.01 21.36
N ASP D 343 11.64 29.08 20.59
CA ASP D 343 13.04 29.17 20.18
C ASP D 343 13.29 30.47 19.43
N ASN D 344 12.39 30.84 18.52
CA ASN D 344 12.55 32.13 17.86
C ASN D 344 12.68 33.24 18.90
N TRP D 345 11.77 33.29 19.86
CA TRP D 345 11.87 34.31 20.90
C TRP D 345 13.17 34.17 21.69
N ARG D 346 13.54 32.94 22.05
CA ARG D 346 14.83 32.72 22.71
C ARG D 346 15.97 33.37 21.95
N SER D 347 15.97 33.22 20.62
CA SER D 347 17.10 33.73 19.84
C SER D 347 17.30 35.22 20.06
N GLU D 348 16.25 35.94 20.47
CA GLU D 348 16.32 37.37 20.73
C GLU D 348 16.38 37.72 22.20
N LEU D 349 15.85 36.85 23.08
CA LEU D 349 15.73 37.20 24.48
C LEU D 349 16.84 36.61 25.31
N TYR D 350 17.83 35.97 24.67
CA TYR D 350 18.82 35.19 25.40
C TYR D 350 19.60 36.06 26.37
N LYS D 351 19.87 37.30 26.00
CA LYS D 351 20.74 38.14 26.80
C LYS D 351 20.03 38.80 27.97
N TYR D 352 18.73 38.56 28.18
CA TYR D 352 18.01 39.29 29.22
C TYR D 352 17.48 38.39 30.32
N LYS D 353 17.48 38.96 31.53
CA LYS D 353 16.85 38.39 32.72
C LYS D 353 16.04 39.45 33.46
N VAL D 354 14.91 39.03 34.03
CA VAL D 354 14.11 39.85 34.96
C VAL D 354 14.58 39.63 36.39
N VAL D 355 14.67 40.71 37.22
CA VAL D 355 15.23 40.53 38.56
C VAL D 355 14.51 41.44 39.54
N GLU D 356 14.59 41.05 40.81
CA GLU D 356 14.16 41.76 42.03
C GLU D 356 12.65 42.06 42.15
C1 NAG E . 36.59 -7.39 9.38
C2 NAG E . 36.26 -5.99 8.90
C3 NAG E . 37.40 -5.04 9.24
C4 NAG E . 37.72 -5.11 10.72
C5 NAG E . 37.97 -6.56 11.12
C6 NAG E . 38.18 -6.74 12.61
C7 NAG E . 34.79 -6.25 6.95
C8 NAG E . 34.70 -6.23 5.45
N2 NAG E . 36.00 -5.99 7.47
O3 NAG E . 37.05 -3.70 8.91
O4 NAG E . 38.90 -4.35 10.98
O5 NAG E . 36.84 -7.36 10.78
O6 NAG E . 38.24 -8.13 12.92
O7 NAG E . 33.81 -6.47 7.65
C1 NAG F . 26.76 -28.98 -7.47
C2 NAG F . 27.12 -29.17 -8.93
C3 NAG F . 26.08 -30.03 -9.62
C4 NAG F . 25.94 -31.36 -8.91
C5 NAG F . 25.62 -31.15 -7.44
C6 NAG F . 25.65 -32.42 -6.65
C7 NAG F . 28.35 -27.60 -10.34
C8 NAG F . 28.34 -26.28 -11.02
N2 NAG F . 27.26 -27.89 -9.62
O3 NAG F . 26.44 -30.22 -10.98
O4 NAG F . 24.89 -32.11 -9.52
O5 NAG F . 26.60 -30.28 -6.85
O6 NAG F . 26.99 -32.85 -6.43
O7 NAG F . 29.30 -28.38 -10.41
C1 NAG G . 20.85 -15.39 7.91
C2 NAG G . 19.68 -15.63 8.90
C3 NAG G . 18.76 -14.40 9.00
C4 NAG G . 19.55 -13.11 9.16
C5 NAG G . 20.56 -13.02 8.04
C6 NAG G . 21.33 -11.72 7.99
C7 NAG G . 19.15 -18.05 8.84
C8 NAG G . 18.24 -19.08 8.27
N2 NAG G . 18.91 -16.79 8.48
O3 NAG G . 17.89 -14.57 10.11
O4 NAG G . 18.68 -12.00 9.10
O5 NAG G . 21.49 -14.10 8.20
O6 NAG G . 22.63 -11.83 8.54
O7 NAG G . 20.06 -18.33 9.61
C1 NAG H . 21.59 -9.93 -20.90
C2 NAG H . 22.59 -9.30 -21.87
C3 NAG H . 22.25 -7.83 -22.08
C4 NAG H . 20.81 -7.67 -22.54
C5 NAG H . 19.88 -8.35 -21.54
C6 NAG H . 18.43 -8.31 -21.99
C7 NAG H . 24.81 -10.33 -21.88
C8 NAG H . 26.20 -10.30 -21.30
N2 NAG H . 23.96 -9.43 -21.40
O3 NAG H . 23.15 -7.27 -23.03
O4 NAG H . 20.48 -6.29 -22.61
O5 NAG H . 20.24 -9.73 -21.40
O6 NAG H . 17.97 -9.62 -22.29
O7 NAG H . 24.49 -11.15 -22.74
C1 NAG I . 15.75 -5.27 -14.74
C2 NAG I . 16.72 -4.48 -15.60
C3 NAG I . 15.96 -3.71 -16.69
C4 NAG I . 15.04 -4.64 -17.47
C5 NAG I . 14.12 -5.39 -16.52
C6 NAG I . 13.25 -6.39 -17.24
C7 NAG I . 18.71 -3.12 -15.13
C8 NAG I . 19.36 -2.16 -14.19
N2 NAG I . 17.49 -3.56 -14.79
O3 NAG I . 16.88 -3.10 -17.58
O4 NAG I . 14.23 -3.88 -18.35
O5 NAG I . 14.91 -6.11 -15.57
O6 NAG I . 13.50 -7.72 -16.77
O7 NAG I . 19.28 -3.50 -16.16
C1 NAG J . 40.94 0.90 2.30
C2 NAG J . 42.01 1.38 3.29
C3 NAG J . 43.00 2.31 2.63
C4 NAG J . 42.31 3.52 2.00
C5 NAG J . 41.10 3.17 1.14
C6 NAG J . 41.43 2.90 -0.30
C7 NAG J . 41.00 1.34 5.50
C8 NAG J . 40.28 2.11 6.55
N2 NAG J . 41.36 2.03 4.41
O3 NAG J . 43.73 1.58 1.63
O4 NAG J . 41.93 4.44 3.01
O5 NAG J . 40.33 2.05 1.61
O6 NAG J . 40.52 3.59 -1.15
O7 NAG J . 41.27 0.15 5.64
N12 Y26 K . 41.89 -14.81 -20.47
C17 Y26 K . 37.53 -16.22 -16.41
C20 Y26 K . 35.38 -18.35 -16.05
C21 Y26 K . 34.63 -19.45 -15.80
C26 Y26 K . 36.33 -19.46 -17.92
C02 Y26 K . 42.49 -13.44 -13.71
C04 Y26 K . 44.38 -14.70 -13.08
C05 Y26 K . 45.66 -15.13 -13.87
C06 Y26 K . 46.35 -13.94 -14.53
C08 Y26 K . 41.23 -13.65 -15.86
C09 Y26 K . 42.31 -13.33 -16.88
C11 Y26 K . 42.01 -13.83 -19.36
C14 Y26 K . 39.85 -13.18 -16.27
C16 Y26 K . 38.53 -15.12 -16.84
C19 Y26 K . 36.21 -18.34 -17.14
C23 Y26 K . 34.70 -20.59 -16.60
C25 Y26 K . 35.55 -20.59 -17.66
C29 Y26 K . 40.57 -11.87 -14.38
C30 Y26 K . 39.54 -11.94 -15.34
C31 Y26 K . 38.48 -11.03 -15.32
C32 Y26 K . 38.45 -10.00 -14.34
C33 Y26 K . 39.49 -9.90 -13.38
C34 Y26 K . 39.47 -8.79 -12.34
C36 Y26 K . 39.67 -9.79 -10.16
C37 Y26 K . 40.55 -10.84 -13.40
F22 Y26 K . 33.78 -19.42 -14.75
N07 Y26 K . 41.47 -12.95 -14.68
N10 Y26 K . 42.22 -14.31 -17.99
N13 Y26 K . 41.91 -12.56 -19.61
N15 Y26 K . 38.98 -14.13 -15.85
N18 Y26 K . 37.11 -17.19 -17.45
N35 Y26 K . 38.72 -9.27 -11.20
O01 Y26 K . 42.55 -12.99 -12.64
O03 Y26 K . 43.38 -14.44 -14.08
O27 Y26 K . 37.15 -16.26 -15.29
O28 Y26 K . 38.92 -15.04 -17.96
CL24 Y26 K . 33.71 -22.01 -16.26
C1 NAG L . 9.44 -12.25 -4.01
C2 NAG L . 8.50 -11.04 -4.04
C3 NAG L . 7.06 -11.47 -3.84
C4 NAG L . 6.71 -12.45 -4.95
C5 NAG L . 7.66 -13.64 -4.89
C6 NAG L . 7.46 -14.61 -6.03
C7 NAG L . 9.51 -8.88 -3.39
C8 NAG L . 9.70 -8.63 -4.87
N2 NAG L . 8.90 -10.04 -3.06
O3 NAG L . 6.18 -10.35 -3.89
O4 NAG L . 5.36 -12.87 -4.85
O5 NAG L . 9.03 -13.21 -4.98
O6 NAG L . 7.15 -13.92 -7.23
O7 NAG L . 9.88 -8.08 -2.56
C1 NAG M . -11.86 6.04 -32.03
C2 NAG M . -10.44 6.55 -32.24
C3 NAG M . -10.43 7.66 -33.29
C4 NAG M . -11.10 7.18 -34.56
C5 NAG M . -12.49 6.63 -34.25
C6 NAG M . -13.18 6.02 -35.44
C7 NAG M . -9.25 6.21 -30.12
C8 NAG M . -8.76 6.84 -28.86
N2 NAG M . -9.88 7.01 -30.98
O3 NAG M . -9.09 8.04 -33.59
O4 NAG M . -11.24 8.29 -35.45
O5 NAG M . -12.40 5.59 -33.26
O6 NAG M . -14.39 5.40 -35.02
O7 NAG M . -9.10 5.00 -30.34
C1 NAG N . -18.31 -2.03 -4.82
C2 NAG N . -18.21 -1.12 -3.62
C3 NAG N . -18.11 -1.95 -2.35
C4 NAG N . -19.29 -2.91 -2.24
C5 NAG N . -19.37 -3.77 -3.48
C6 NAG N . -20.62 -4.62 -3.52
C7 NAG N . -17.25 1.11 -3.54
C8 NAG N . -16.02 1.94 -3.62
N2 NAG N . -17.10 -0.20 -3.71
O3 NAG N . -18.06 -1.09 -1.23
O4 NAG N . -19.12 -3.74 -1.10
O5 NAG N . -19.42 -2.95 -4.66
O6 NAG N . -21.76 -3.82 -3.84
O7 NAG N . -18.36 1.60 -3.34
C1 NAG O . -9.00 -8.82 -22.81
C2 NAG O . -8.84 -10.31 -23.22
C3 NAG O . -7.39 -10.61 -23.68
C4 NAG O . -6.87 -9.56 -24.65
C5 NAG O . -7.03 -8.20 -24.02
C6 NAG O . -6.42 -7.07 -24.83
C7 NAG O . -10.40 -11.62 -21.84
C8 NAG O . -10.54 -12.46 -20.62
N2 NAG O . -9.17 -11.16 -22.10
O3 NAG O . -7.37 -11.88 -24.29
O4 NAG O . -5.50 -9.81 -24.92
O5 NAG O . -8.42 -7.95 -23.86
O6 NAG O . -7.39 -6.34 -25.56
O7 NAG O . -11.36 -11.37 -22.57
C1 NAG P . 3.37 7.48 -1.80
C2 NAG P . 3.61 8.98 -1.57
C3 NAG P . 5.00 9.37 -2.03
C4 NAG P . 6.06 8.50 -1.36
C5 NAG P . 5.76 7.03 -1.61
C6 NAG P . 6.71 6.11 -0.90
C7 NAG P . 1.58 10.36 -1.61
C8 NAG P . 0.67 11.19 -2.46
N2 NAG P . 2.61 9.78 -2.25
O3 NAG P . 5.23 10.74 -1.74
O4 NAG P . 7.34 8.80 -1.91
O5 NAG P . 4.43 6.71 -1.14
O6 NAG P . 6.04 5.38 0.13
O7 NAG P . 1.38 10.19 -0.41
C1 NAG Q . 8.41 1.70 -7.73
C2 NAG Q . 8.75 3.18 -7.65
C3 NAG Q . 10.09 3.39 -6.93
C4 NAG Q . 10.11 2.68 -5.59
C5 NAG Q . 9.75 1.22 -5.77
C6 NAG Q . 9.65 0.48 -4.46
C7 NAG Q . 8.57 5.07 -9.22
C8 NAG Q . 8.70 5.50 -10.65
N2 NAG Q . 8.81 3.77 -8.98
O3 NAG Q . 10.33 4.78 -6.73
O4 NAG Q . 11.40 2.75 -5.03
O5 NAG Q . 8.47 1.12 -6.41
O6 NAG Q . 8.34 -0.04 -4.26
O7 NAG Q . 8.27 5.85 -8.33
C1 NAG R . -5.70 16.01 -31.37
C2 NAG R . -6.20 16.57 -32.71
C3 NAG R . -5.83 18.03 -32.87
C4 NAG R . -4.32 18.24 -32.78
C5 NAG R . -3.67 17.55 -31.58
C6 NAG R . -3.63 18.40 -30.33
C7 NAG R . -6.33 14.72 -34.27
C8 NAG R . -5.64 13.94 -35.34
N2 NAG R . -5.67 15.78 -33.79
O3 NAG R . -6.50 18.79 -31.88
O4 NAG R . -3.69 17.82 -33.98
O5 NAG R . -4.26 16.29 -31.22
O6 NAG R . -2.34 18.33 -29.74
O7 NAG R . -7.45 14.40 -33.86
N12 Y26 S . -11.74 21.54 -4.94
C17 Y26 S . -11.64 15.62 -6.49
C20 Y26 S . -12.22 12.93 -5.18
C21 Y26 S . -12.74 11.79 -4.64
C26 Y26 S . -13.06 14.14 -3.32
C02 Y26 S . -13.00 19.35 -11.38
C04 Y26 S . -15.21 20.07 -11.75
C05 Y26 S . -16.02 21.29 -11.23
C06 Y26 S . -15.28 22.60 -11.45
C08 Y26 S . -11.83 19.28 -9.16
C09 Y26 S . -11.87 20.75 -8.76
C11 Y26 S . -11.37 21.49 -6.38
C14 Y26 S . -10.59 18.56 -8.72
C16 Y26 S . -11.19 17.03 -6.94
C19 Y26 S . -12.35 14.11 -4.49
C23 Y26 S . -13.43 11.79 -3.44
C25 Y26 S . -13.59 12.98 -2.79
C29 Y26 S . -10.52 18.74 -11.11
C30 Y26 S . -9.72 18.33 -10.01
C31 Y26 S . -8.42 17.83 -10.21
C32 Y26 S . -7.90 17.74 -11.54
C33 Y26 S . -8.69 18.16 -12.64
C34 Y26 S . -8.11 18.07 -14.04
C36 Y26 S . -9.66 16.82 -15.42
C37 Y26 S . -9.99 18.64 -12.42
F22 Y26 S . -12.56 10.64 -5.33
N07 Y26 S . -11.77 19.18 -10.56
N10 Y26 S . -12.26 20.82 -7.32
N13 Y26 S . -10.26 22.01 -6.77
N15 Y26 S . -10.98 17.31 -8.37
N18 Y26 S . -11.85 15.40 -5.04
N35 Y26 S . -8.41 16.75 -14.56
O01 Y26 S . -13.01 19.06 -12.51
O03 Y26 S . -14.16 19.85 -10.81
O27 Y26 S . -11.79 14.77 -7.31
O28 Y26 S . -11.02 17.90 -6.15
CL24 Y26 S . -14.10 10.30 -2.77
C1 NAG T . 3.26 -11.02 -11.42
C2 NAG T . 4.67 -11.57 -11.78
C3 NAG T . 4.90 -12.96 -11.17
C4 NAG T . 4.65 -12.91 -9.66
C5 NAG T . 3.22 -12.43 -9.42
C6 NAG T . 2.86 -12.36 -7.96
C7 NAG T . 5.50 -10.66 -13.91
C8 NAG T . 6.13 -9.55 -13.10
N2 NAG T . 4.85 -11.60 -13.23
O3 NAG T . 6.24 -13.38 -11.41
O4 NAG T . 4.83 -14.18 -9.07
O5 NAG T . 3.05 -11.12 -9.97
O6 NAG T . 4.00 -12.15 -7.14
O7 NAG T . 5.62 -10.70 -15.13
C1 NAG U . -17.10 -25.62 17.05
C2 NAG U . -16.73 -27.03 16.63
C3 NAG U . -16.80 -27.96 17.84
C4 NAG U . -15.93 -27.41 18.97
C5 NAG U . -16.32 -25.97 19.27
C6 NAG U . -15.44 -25.31 20.29
C7 NAG U . -17.39 -27.27 14.28
C8 NAG U . -18.41 -27.80 13.33
N2 NAG U . -17.62 -27.50 15.58
O3 NAG U . -16.33 -29.26 17.50
O4 NAG U . -16.14 -28.20 20.14
O5 NAG U . -16.23 -25.18 18.08
O6 NAG U . -15.77 -23.93 20.38
O7 NAG U . -16.39 -26.66 13.89
C1 NAG V . -31.71 -10.24 -2.86
C2 NAG V . -33.04 -10.64 -3.46
C3 NAG V . -33.27 -9.93 -4.79
C4 NAG V . -33.17 -8.42 -4.61
C5 NAG V . -31.84 -8.06 -3.97
C6 NAG V . -31.77 -6.60 -3.60
C7 NAG V . -34.19 -12.76 -3.16
C8 NAG V . -34.19 -14.23 -3.43
N2 NAG V . -33.14 -12.08 -3.63
O3 NAG V . -34.54 -10.29 -5.31
O4 NAG V . -33.29 -7.80 -5.87
O5 NAG V . -31.65 -8.78 -2.75
O6 NAG V . -32.54 -6.33 -2.45
O7 NAG V . -35.07 -12.22 -2.52
C1 NAG W . -12.05 -16.38 2.80
C2 NAG W . -10.75 -15.62 2.42
C3 NAG W . -9.69 -16.58 1.87
C4 NAG W . -9.54 -17.84 2.71
C5 NAG W . -10.91 -18.48 2.86
C6 NAG W . -10.90 -19.81 3.59
C7 NAG W . -11.39 -13.34 1.73
C8 NAG W . -11.66 -12.45 0.55
N2 NAG W . -11.04 -14.59 1.44
O3 NAG W . -8.44 -15.91 1.81
O4 NAG W . -8.66 -18.75 2.08
O5 NAG W . -11.73 -17.57 3.61
O6 NAG W . -11.30 -19.70 4.94
O7 NAG W . -11.47 -12.94 2.89
C1 NAG X . -31.28 -31.80 -13.09
C2 NAG X . -32.33 -32.88 -12.81
C3 NAG X . -31.73 -34.26 -13.06
C4 NAG X . -31.17 -34.35 -14.48
C5 NAG X . -30.17 -33.23 -14.70
C6 NAG X . -29.64 -33.20 -16.12
C7 NAG X . -34.01 -32.26 -11.14
C8 NAG X . -34.38 -32.30 -9.68
N2 NAG X . -32.83 -32.79 -11.44
O3 NAG X . -32.74 -35.25 -12.86
O4 NAG X . -30.51 -35.60 -14.64
O5 NAG X . -30.78 -31.96 -14.46
O6 NAG X . -30.07 -32.03 -16.79
O7 NAG X . -34.76 -31.77 -11.99
C1 NAG Y . -21.69 -33.01 -13.69
C2 NAG Y . -22.59 -34.20 -13.35
C3 NAG Y . -22.64 -35.18 -14.52
C4 NAG Y . -23.03 -34.47 -15.81
C5 NAG Y . -22.09 -33.29 -16.05
C6 NAG Y . -22.48 -32.48 -17.27
C7 NAG Y . -22.89 -35.59 -11.35
C8 NAG Y . -22.21 -36.23 -10.17
N2 NAG Y . -22.10 -34.88 -12.16
O3 NAG Y . -23.59 -36.20 -14.26
O4 NAG Y . -22.92 -35.36 -16.91
O5 NAG Y . -22.13 -32.41 -14.93
O6 NAG Y . -22.78 -31.14 -16.93
O7 NAG Y . -24.10 -35.68 -11.53
C1 NAG Z . -21.64 -36.45 17.16
C2 NAG Z . -21.35 -36.70 18.63
C3 NAG Z . -22.07 -37.95 19.13
C4 NAG Z . -21.66 -39.17 18.33
C5 NAG Z . -21.71 -38.98 16.81
C6 NAG Z . -23.05 -39.30 16.20
C7 NAG Z . -19.19 -35.73 19.14
C8 NAG Z . -17.72 -35.95 19.25
N2 NAG Z . -19.93 -36.79 18.84
O3 NAG Z . -23.47 -37.72 19.06
O4 NAG Z . -20.36 -39.61 18.71
O5 NAG Z . -21.35 -37.66 16.37
O6 NAG Z . -22.88 -40.09 15.04
O7 NAG Z . -19.69 -34.61 19.32
N12 Y26 AA . -44.56 -30.23 2.94
C17 Y26 AA . -39.63 -26.81 1.71
C20 Y26 AA . -38.92 -24.41 -0.01
C21 Y26 AA . -38.72 -23.18 -0.57
C26 Y26 AA . -41.24 -24.19 -0.46
C02 Y26 AA . -39.49 -29.17 7.55
C04 Y26 AA . -40.61 -28.07 9.30
C05 Y26 AA . -42.10 -28.15 9.83
C06 Y26 AA . -42.51 -29.58 10.11
C08 Y26 AA . -40.41 -29.55 5.24
C09 Y26 AA . -41.66 -30.38 5.54
C11 Y26 AA . -43.46 -30.76 3.79
C14 Y26 AA . -39.73 -29.92 3.95
C16 Y26 AA . -40.09 -28.15 2.36
C19 Y26 AA . -40.20 -24.93 0.02
C23 Y26 AA . -39.76 -22.43 -1.09
C25 Y26 AA . -41.03 -22.93 -1.03
C29 Y26 AA . -38.29 -30.57 5.77
C30 Y26 AA . -38.41 -30.69 4.37
C31 Y26 AA . -37.43 -31.36 3.62
C32 Y26 AA . -36.33 -31.96 4.27
C33 Y26 AA . -36.20 -31.86 5.68
C34 Y26 AA . -35.02 -32.51 6.38
C36 Y26 AA . -33.93 -30.84 7.74
C37 Y26 AA . -37.17 -31.16 6.43
F22 Y26 AA . -37.45 -22.71 -0.62
N07 Y26 AA . -39.43 -29.82 6.21
N10 Y26 AA . -42.78 -29.87 4.71
N13 Y26 AA . -43.11 -32.00 3.68
N15 Y26 AA . -39.28 -28.76 3.41
N18 Y26 AA . -40.50 -26.24 0.66
N35 Y26 AA . -33.94 -31.55 6.41
O01 Y26 AA . -38.59 -29.21 8.27
O03 Y26 AA . -40.66 -28.52 7.95
O27 Y26 AA . -38.61 -26.32 2.07
O28 Y26 AA . -41.11 -28.67 2.02
CL24 Y26 AA . -39.48 -20.85 -1.82
C1 NAG BA . 27.86 27.75 26.95
C2 NAG BA . 28.25 26.32 26.61
C3 NAG BA . 28.28 25.46 27.87
C4 NAG BA . 29.19 26.10 28.91
C5 NAG BA . 28.78 27.55 29.14
C6 NAG BA . 29.71 28.29 30.07
C7 NAG BA . 27.46 25.92 24.32
C8 NAG BA . 26.40 25.31 23.46
N2 NAG BA . 27.31 25.77 25.64
O3 NAG BA . 28.76 24.15 27.58
O4 NAG BA . 29.08 25.38 30.14
O5 NAG BA . 28.79 28.27 27.90
O6 NAG BA . 29.35 29.67 30.10
O7 NAG BA . 28.41 26.53 23.84
C1 NAG CA . 11.68 41.52 7.08
C2 NAG CA . 10.33 41.05 6.60
C3 NAG CA . 10.01 41.67 5.24
C4 NAG CA . 10.07 43.19 5.33
C5 NAG CA . 11.43 43.63 5.85
C6 NAG CA . 11.49 45.10 6.13
C7 NAG CA . 9.27 38.93 7.09
C8 NAG CA . 9.29 37.43 6.91
N2 NAG CA . 10.26 39.61 6.52
O3 NAG CA . 8.72 41.25 4.83
O4 NAG CA . 9.87 43.74 4.04
O5 NAG CA . 11.71 42.98 7.10
O6 NAG CA . 10.78 45.43 7.32
O7 NAG CA . 8.40 39.49 7.75
C1 NAG DA . 31.80 36.20 11.90
C2 NAG DA . 33.06 36.97 11.40
C3 NAG DA . 34.12 36.00 10.84
C4 NAG DA . 34.34 34.80 11.75
C5 NAG DA . 33.01 34.14 12.02
C6 NAG DA . 33.10 32.86 12.82
C7 NAG DA . 32.32 39.19 10.61
C8 NAG DA . 31.95 39.99 9.40
N2 NAG DA . 32.69 37.91 10.38
O3 NAG DA . 35.33 36.70 10.67
O4 NAG DA . 35.21 33.87 11.12
O5 NAG DA . 32.21 35.08 12.75
O6 NAG DA . 32.78 33.04 14.18
O7 NAG DA . 32.29 39.66 11.74
C1 NAG EA . 12.09 19.39 -1.83
C2 NAG EA . 11.10 18.30 -1.42
C3 NAG EA . 11.71 16.92 -1.63
C4 NAG EA . 12.19 16.75 -3.07
C5 NAG EA . 13.16 17.88 -3.42
C6 NAG EA . 13.60 17.84 -4.86
C7 NAG EA . 9.49 18.98 0.31
C8 NAG EA . 9.22 19.03 1.78
N2 NAG EA . 10.68 18.46 -0.04
O3 NAG EA . 10.75 15.92 -1.30
O4 NAG EA . 12.87 15.52 -3.20
O5 NAG EA . 12.52 19.16 -3.22
O6 NAG EA . 13.08 18.94 -5.58
O7 NAG EA . 8.69 19.41 -0.52
C1 NAG FA . 21.66 18.37 -2.95
C2 NAG FA . 20.82 17.18 -2.48
C3 NAG FA . 20.72 16.14 -3.59
C4 NAG FA . 20.24 16.76 -4.89
C5 NAG FA . 21.13 17.93 -5.26
C6 NAG FA . 20.65 18.65 -6.49
C7 NAG FA . 20.67 15.91 -0.38
C8 NAG FA . 21.43 15.35 0.78
N2 NAG FA . 21.39 16.59 -1.28
O3 NAG FA . 19.82 15.10 -3.20
O4 NAG FA . 20.32 15.79 -5.93
O5 NAG FA . 21.14 18.88 -4.19
O6 NAG FA . 20.33 20.00 -6.21
O7 NAG FA . 19.46 15.78 -0.49
C1 NAG GA . 23.64 16.84 28.00
C2 NAG GA . 24.01 16.68 29.47
C3 NAG GA . 23.37 15.46 30.07
C4 NAG GA . 23.76 14.19 29.32
C5 NAG GA . 23.62 14.30 27.81
C6 NAG GA . 22.25 13.90 27.30
C7 NAG GA . 26.18 17.75 29.78
C8 NAG GA . 27.65 17.56 29.81
N2 NAG GA . 25.46 16.64 29.60
O3 NAG GA . 21.96 15.64 30.07
O4 NAG GA . 25.10 13.81 29.66
O5 NAG GA . 23.91 15.59 27.26
O6 NAG GA . 22.37 13.05 26.17
O7 NAG GA . 25.66 18.85 29.92
N12 Y26 HA . -0.25 21.63 14.86
C17 Y26 HA . 4.51 25.08 13.12
C20 Y26 HA . 5.05 27.40 11.22
C21 Y26 HA . 5.18 28.59 10.58
C26 Y26 HA . 2.70 27.52 10.91
C02 Y26 HA . 5.05 23.08 19.07
C04 Y26 HA . 4.01 24.27 20.82
C05 Y26 HA . 2.57 24.19 21.44
C06 Y26 HA . 2.20 22.76 21.84
C08 Y26 HA . 4.01 22.54 16.86
C09 Y26 HA . 2.81 21.71 17.28
C11 Y26 HA . 0.92 21.18 15.67
C14 Y26 HA . 4.63 22.10 15.55
C16 Y26 HA . 4.12 23.77 13.88
C19 Y26 HA . 3.80 26.84 11.36
C23 Y26 HA . 4.08 29.27 10.08
C25 Y26 HA . 2.85 28.74 10.24
C29 Y26 HA . 6.19 21.62 17.31
C30 Y26 HA . 5.99 21.40 15.92
C31 Y26 HA . 6.94 20.71 15.16
C32 Y26 HA . 8.10 20.18 15.79
C33 Y26 HA . 8.30 20.37 17.18
C34 Y26 HA . 9.54 19.80 17.83
C36 Y26 HA . 10.66 21.56 19.03
C37 Y26 HA . 7.36 21.09 17.93
F22 Y26 HA . 6.43 29.09 10.43
N07 Y26 HA . 5.06 22.36 17.77
N10 Y26 HA . 1.63 22.15 16.49
N13 Y26 HA . 1.29 19.95 15.61
N15 Y26 HA . 5.01 23.25 14.91
N18 Y26 HA . 3.56 25.57 12.10
N35 Y26 HA . 10.59 20.77 17.75
O01 Y26 HA . 5.99 23.11 19.74
O03 Y26 HA . 3.89 23.73 19.50
O27 Y26 HA . 5.53 25.61 13.39
O28 Y26 HA . 3.10 23.20 13.63
CL24 Y26 HA . 4.28 30.81 9.24
#